data_1ENV
# 
_entry.id   1ENV 
# 
_audit_conform.dict_name       mmcif_pdbx.dic 
_audit_conform.dict_version    5.385 
_audit_conform.dict_location   http://mmcif.pdb.org/dictionaries/ascii/mmcif_pdbx.dic 
# 
loop_
_database_2.database_id 
_database_2.database_code 
_database_2.pdbx_database_accession 
_database_2.pdbx_DOI 
PDB   1ENV         pdb_00001env 10.2210/pdb1env/pdb 
WWPDB D_1000173103 ?            ?                   
# 
loop_
_pdbx_audit_revision_history.ordinal 
_pdbx_audit_revision_history.data_content_type 
_pdbx_audit_revision_history.major_revision 
_pdbx_audit_revision_history.minor_revision 
_pdbx_audit_revision_history.revision_date 
1 'Structure model' 1 0 1997-11-19 
2 'Structure model' 1 1 2008-03-24 
3 'Structure model' 1 2 2011-07-13 
4 'Structure model' 1 3 2017-06-28 
5 'Structure model' 1 4 2024-02-07 
# 
_pdbx_audit_revision_details.ordinal             1 
_pdbx_audit_revision_details.revision_ordinal    1 
_pdbx_audit_revision_details.data_content_type   'Structure model' 
_pdbx_audit_revision_details.provider            repository 
_pdbx_audit_revision_details.type                'Initial release' 
_pdbx_audit_revision_details.description         ? 
_pdbx_audit_revision_details.details             ? 
# 
loop_
_pdbx_audit_revision_group.ordinal 
_pdbx_audit_revision_group.revision_ordinal 
_pdbx_audit_revision_group.data_content_type 
_pdbx_audit_revision_group.group 
1 2 'Structure model' 'Version format compliance' 
2 3 'Structure model' 'Derived calculations'      
3 3 'Structure model' 'Version format compliance' 
4 4 'Structure model' 'Database references'       
5 4 'Structure model' Other                       
6 4 'Structure model' 'Source and taxonomy'       
7 4 'Structure model' 'Structure summary'         
8 5 'Structure model' 'Data collection'           
9 5 'Structure model' 'Database references'       
# 
loop_
_pdbx_audit_revision_category.ordinal 
_pdbx_audit_revision_category.revision_ordinal 
_pdbx_audit_revision_category.data_content_type 
_pdbx_audit_revision_category.category 
1 4 'Structure model' entity_name_com      
2 4 'Structure model' entity_src_gen       
3 4 'Structure model' pdbx_database_status 
4 4 'Structure model' struct_ref           
5 4 'Structure model' struct_ref_seq       
6 4 'Structure model' struct_ref_seq_dif   
7 5 'Structure model' chem_comp_atom       
8 5 'Structure model' chem_comp_bond       
9 5 'Structure model' database_2           
# 
loop_
_pdbx_audit_revision_item.ordinal 
_pdbx_audit_revision_item.revision_ordinal 
_pdbx_audit_revision_item.data_content_type 
_pdbx_audit_revision_item.item 
1 4 'Structure model' '_pdbx_database_status.process_site'   
2 4 'Structure model' '_struct_ref.db_code'                  
3 4 'Structure model' '_struct_ref.pdbx_align_begin'         
4 4 'Structure model' '_struct_ref.pdbx_db_accession'        
5 4 'Structure model' '_struct_ref.pdbx_seq_one_letter_code' 
6 5 'Structure model' '_database_2.pdbx_DOI'                 
7 5 'Structure model' '_database_2.pdbx_database_accession'  
# 
_pdbx_database_status.status_code                     REL 
_pdbx_database_status.entry_id                        1ENV 
_pdbx_database_status.recvd_initial_deposition_date   1997-06-27 
_pdbx_database_status.deposit_site                    ? 
_pdbx_database_status.process_site                    BNL 
_pdbx_database_status.status_code_sf                  REL 
_pdbx_database_status.status_code_mr                  ? 
_pdbx_database_status.SG_entry                        ? 
_pdbx_database_status.pdb_format_compatible           Y 
_pdbx_database_status.status_code_cs                  ? 
_pdbx_database_status.methods_development_category    ? 
_pdbx_database_status.status_code_nmr_data            ? 
# 
loop_
_audit_author.name 
_audit_author.pdbx_ordinal 
'Weissenhorn, W.' 1 
'Dessen, A.'      2 
'Harrison, S.C.'  3 
'Skehel, J.J.'    4 
'Wiley, D.C.'     5 
# 
_citation.id                        primary 
_citation.title                     'Atomic structure of the ectodomain from HIV-1 gp41.' 
_citation.journal_abbrev            Nature 
_citation.journal_volume            387 
_citation.page_first                426 
_citation.page_last                 430 
_citation.year                      1997 
_citation.journal_id_ASTM           NATUAS 
_citation.country                   UK 
_citation.journal_id_ISSN           0028-0836 
_citation.journal_id_CSD            0006 
_citation.book_publisher            ? 
_citation.pdbx_database_id_PubMed   9163431 
_citation.pdbx_database_id_DOI      10.1038/387426a0 
# 
loop_
_citation_author.citation_id 
_citation_author.name 
_citation_author.ordinal 
_citation_author.identifier_ORCID 
primary 'Weissenhorn, W.' 1 ? 
primary 'Dessen, A.'      2 ? 
primary 'Harrison, S.C.'  3 ? 
primary 'Skehel, J.J.'    4 ? 
primary 'Wiley, D.C.'     5 ? 
# 
loop_
_entity.id 
_entity.type 
_entity.src_method 
_entity.pdbx_description 
_entity.formula_weight 
_entity.pdbx_number_of_molecules 
_entity.pdbx_ec 
_entity.pdbx_mutation 
_entity.pdbx_fragment 
_entity.details 
1 polymer man 'HIV-1 ENVELOPE PROTEIN CHIMERA CONSISTING OF A FRAGMENT OF GCN4 ZIPPER CLONED N-TERMINAL TO TWO FRAGMENTS OF GP41' 
14709.765 1  ? 'L2I, V61, L9I, N13I, L16I, V20I, L23I, V27I' 'GCN4 IS RESIDUES 1 - 29, GP41 IS RESIDUES 30 - 154' ? 
2 water   nat water                                                                                                               
18.015    12 ? ?                                             ?                                                    ? 
# 
_entity_name_com.entity_id   1 
_entity_name_com.name        'Env polyprotein' 
# 
_entity_poly.entity_id                      1 
_entity_poly.type                           'polypeptide(L)' 
_entity_poly.nstd_linkage                   no 
_entity_poly.nstd_monomer                   no 
_entity_poly.pdbx_seq_one_letter_code       
;MKQIEDKIEEILSKIYHIENEIARIKKLIGEARQLLSGIVQQQNNLLRAIEAQQHLLQLTVWGIKQLQARILAVERYLKD
QNNMTWMEWDREINNYTSLIHSLIEESQNQQEKNEQELLELDK
;
_entity_poly.pdbx_seq_one_letter_code_can   
;MKQIEDKIEEILSKIYHIENEIARIKKLIGEARQLLSGIVQQQNNLLRAIEAQQHLLQLTVWGIKQLQARILAVERYLKD
QNNMTWMEWDREINNYTSLIHSLIEESQNQQEKNEQELLELDK
;
_entity_poly.pdbx_strand_id                 A 
_entity_poly.pdbx_target_identifier         ? 
# 
_pdbx_entity_nonpoly.entity_id   2 
_pdbx_entity_nonpoly.name        water 
_pdbx_entity_nonpoly.comp_id     HOH 
# 
loop_
_entity_poly_seq.entity_id 
_entity_poly_seq.num 
_entity_poly_seq.mon_id 
_entity_poly_seq.hetero 
1 1   MET n 
1 2   LYS n 
1 3   GLN n 
1 4   ILE n 
1 5   GLU n 
1 6   ASP n 
1 7   LYS n 
1 8   ILE n 
1 9   GLU n 
1 10  GLU n 
1 11  ILE n 
1 12  LEU n 
1 13  SER n 
1 14  LYS n 
1 15  ILE n 
1 16  TYR n 
1 17  HIS n 
1 18  ILE n 
1 19  GLU n 
1 20  ASN n 
1 21  GLU n 
1 22  ILE n 
1 23  ALA n 
1 24  ARG n 
1 25  ILE n 
1 26  LYS n 
1 27  LYS n 
1 28  LEU n 
1 29  ILE n 
1 30  GLY n 
1 31  GLU n 
1 32  ALA n 
1 33  ARG n 
1 34  GLN n 
1 35  LEU n 
1 36  LEU n 
1 37  SER n 
1 38  GLY n 
1 39  ILE n 
1 40  VAL n 
1 41  GLN n 
1 42  GLN n 
1 43  GLN n 
1 44  ASN n 
1 45  ASN n 
1 46  LEU n 
1 47  LEU n 
1 48  ARG n 
1 49  ALA n 
1 50  ILE n 
1 51  GLU n 
1 52  ALA n 
1 53  GLN n 
1 54  GLN n 
1 55  HIS n 
1 56  LEU n 
1 57  LEU n 
1 58  GLN n 
1 59  LEU n 
1 60  THR n 
1 61  VAL n 
1 62  TRP n 
1 63  GLY n 
1 64  ILE n 
1 65  LYS n 
1 66  GLN n 
1 67  LEU n 
1 68  GLN n 
1 69  ALA n 
1 70  ARG n 
1 71  ILE n 
1 72  LEU n 
1 73  ALA n 
1 74  VAL n 
1 75  GLU n 
1 76  ARG n 
1 77  TYR n 
1 78  LEU n 
1 79  LYS n 
1 80  ASP n 
1 81  GLN n 
1 82  ASN n 
1 83  ASN n 
1 84  MET n 
1 85  THR n 
1 86  TRP n 
1 87  MET n 
1 88  GLU n 
1 89  TRP n 
1 90  ASP n 
1 91  ARG n 
1 92  GLU n 
1 93  ILE n 
1 94  ASN n 
1 95  ASN n 
1 96  TYR n 
1 97  THR n 
1 98  SER n 
1 99  LEU n 
1 100 ILE n 
1 101 HIS n 
1 102 SER n 
1 103 LEU n 
1 104 ILE n 
1 105 GLU n 
1 106 GLU n 
1 107 SER n 
1 108 GLN n 
1 109 ASN n 
1 110 GLN n 
1 111 GLN n 
1 112 GLU n 
1 113 LYS n 
1 114 ASN n 
1 115 GLU n 
1 116 GLN n 
1 117 GLU n 
1 118 LEU n 
1 119 LEU n 
1 120 GLU n 
1 121 LEU n 
1 122 ASP n 
1 123 LYS n 
# 
loop_
_entity_src_gen.entity_id 
_entity_src_gen.pdbx_src_id 
_entity_src_gen.pdbx_alt_source_flag 
_entity_src_gen.pdbx_seq_type 
_entity_src_gen.pdbx_beg_seq_num 
_entity_src_gen.pdbx_end_seq_num 
_entity_src_gen.gene_src_common_name 
_entity_src_gen.gene_src_genus 
_entity_src_gen.pdbx_gene_src_gene 
_entity_src_gen.gene_src_species 
_entity_src_gen.gene_src_strain 
_entity_src_gen.gene_src_tissue 
_entity_src_gen.gene_src_tissue_fraction 
_entity_src_gen.gene_src_details 
_entity_src_gen.pdbx_gene_src_fragment 
_entity_src_gen.pdbx_gene_src_scientific_name 
_entity_src_gen.pdbx_gene_src_ncbi_taxonomy_id 
_entity_src_gen.pdbx_gene_src_variant 
_entity_src_gen.pdbx_gene_src_cell_line 
_entity_src_gen.pdbx_gene_src_atcc 
_entity_src_gen.pdbx_gene_src_organ 
_entity_src_gen.pdbx_gene_src_organelle 
_entity_src_gen.pdbx_gene_src_cell 
_entity_src_gen.pdbx_gene_src_cellular_location 
_entity_src_gen.host_org_common_name 
_entity_src_gen.pdbx_host_org_scientific_name 
_entity_src_gen.pdbx_host_org_ncbi_taxonomy_id 
_entity_src_gen.host_org_genus 
_entity_src_gen.pdbx_host_org_gene 
_entity_src_gen.pdbx_host_org_organ 
_entity_src_gen.host_org_species 
_entity_src_gen.pdbx_host_org_tissue 
_entity_src_gen.pdbx_host_org_tissue_fraction 
_entity_src_gen.pdbx_host_org_strain 
_entity_src_gen.pdbx_host_org_variant 
_entity_src_gen.pdbx_host_org_cell_line 
_entity_src_gen.pdbx_host_org_atcc 
_entity_src_gen.pdbx_host_org_culture_collection 
_entity_src_gen.pdbx_host_org_cell 
_entity_src_gen.pdbx_host_org_organelle 
_entity_src_gen.pdbx_host_org_cellular_location 
_entity_src_gen.pdbx_host_org_vector_type 
_entity_src_gen.pdbx_host_org_vector 
_entity_src_gen.host_org_details 
_entity_src_gen.expression_system_id 
_entity_src_gen.plasmid_name 
_entity_src_gen.plasmid_details 
_entity_src_gen.pdbx_description 
1 1 sample 'Biological sequence' 1  31  
;Baker's yeast
;
Saccharomyces 'GCN4, AAS3, ARG9, YEL009C' ? ? ? ? ? '30 - 154' 'Saccharomyces cerevisiae'       4932  ? ? ? ? ? ? ? ? 
'Escherichia coli' 562 Escherichia GP41 ? ? ? ? ? ? ? ? ? ? ? ? ? ? ? ? ? ? ? 
1 2 sample 'Biological sequence' 32 79  HIV-1           Saccharomyces env                         ? ? ? ? ? '30 - 154' 
'Human immunodeficiency virus 1' 11676 ? ? ? ? ? ? ? ? 'Escherichia coli' 562 Escherichia GP41 ? ? ? ? ? ? ? ? ? ? ? ? ? ? ? ? ? ? 
? 
1 3 sample 'Biological sequence' 80 123 HIV-1           Saccharomyces env                         ? ? ? ? ? '30 - 154' 
'Human immunodeficiency virus 1' 11676 ? ? ? ? ? ? ? ? 'Escherichia coli' 562 Escherichia GP41 ? ? ? ? ? ? ? ? ? ? ? ? ? ? ? ? ? ? 
? 
# 
loop_
_chem_comp.id 
_chem_comp.type 
_chem_comp.mon_nstd_flag 
_chem_comp.name 
_chem_comp.pdbx_synonyms 
_chem_comp.formula 
_chem_comp.formula_weight 
ALA 'L-peptide linking' y ALANINE         ? 'C3 H7 N O2'     89.093  
ARG 'L-peptide linking' y ARGININE        ? 'C6 H15 N4 O2 1' 175.209 
ASN 'L-peptide linking' y ASPARAGINE      ? 'C4 H8 N2 O3'    132.118 
ASP 'L-peptide linking' y 'ASPARTIC ACID' ? 'C4 H7 N O4'     133.103 
GLN 'L-peptide linking' y GLUTAMINE       ? 'C5 H10 N2 O3'   146.144 
GLU 'L-peptide linking' y 'GLUTAMIC ACID' ? 'C5 H9 N O4'     147.129 
GLY 'peptide linking'   y GLYCINE         ? 'C2 H5 N O2'     75.067  
HIS 'L-peptide linking' y HISTIDINE       ? 'C6 H10 N3 O2 1' 156.162 
HOH non-polymer         . WATER           ? 'H2 O'           18.015  
ILE 'L-peptide linking' y ISOLEUCINE      ? 'C6 H13 N O2'    131.173 
LEU 'L-peptide linking' y LEUCINE         ? 'C6 H13 N O2'    131.173 
LYS 'L-peptide linking' y LYSINE          ? 'C6 H15 N2 O2 1' 147.195 
MET 'L-peptide linking' y METHIONINE      ? 'C5 H11 N O2 S'  149.211 
SER 'L-peptide linking' y SERINE          ? 'C3 H7 N O3'     105.093 
THR 'L-peptide linking' y THREONINE       ? 'C4 H9 N O3'     119.119 
TRP 'L-peptide linking' y TRYPTOPHAN      ? 'C11 H12 N2 O2'  204.225 
TYR 'L-peptide linking' y TYROSINE        ? 'C9 H11 N O3'    181.189 
VAL 'L-peptide linking' y VALINE          ? 'C5 H11 N O2'    117.146 
# 
loop_
_pdbx_poly_seq_scheme.asym_id 
_pdbx_poly_seq_scheme.entity_id 
_pdbx_poly_seq_scheme.seq_id 
_pdbx_poly_seq_scheme.mon_id 
_pdbx_poly_seq_scheme.ndb_seq_num 
_pdbx_poly_seq_scheme.pdb_seq_num 
_pdbx_poly_seq_scheme.auth_seq_num 
_pdbx_poly_seq_scheme.pdb_mon_id 
_pdbx_poly_seq_scheme.auth_mon_id 
_pdbx_poly_seq_scheme.pdb_strand_id 
_pdbx_poly_seq_scheme.pdb_ins_code 
_pdbx_poly_seq_scheme.hetero 
A 1 1   MET 1   -1  ?   ?   ?   A . n 
A 1 2   LYS 2   0   ?   ?   ?   A . n 
A 1 3   GLN 3   1   1   GLN GLN A . n 
A 1 4   ILE 4   2   2   ILE ILE A . n 
A 1 5   GLU 5   3   3   GLU GLU A . n 
A 1 6   ASP 6   4   4   ASP ASP A . n 
A 1 7   LYS 7   5   5   LYS LYS A . n 
A 1 8   ILE 8   6   6   ILE ILE A . n 
A 1 9   GLU 9   7   7   GLU GLU A . n 
A 1 10  GLU 10  8   8   GLU GLU A . n 
A 1 11  ILE 11  9   9   ILE ILE A . n 
A 1 12  LEU 12  10  10  LEU LEU A . n 
A 1 13  SER 13  11  11  SER SER A . n 
A 1 14  LYS 14  12  12  LYS LYS A . n 
A 1 15  ILE 15  13  13  ILE ILE A . n 
A 1 16  TYR 16  14  14  TYR TYR A . n 
A 1 17  HIS 17  15  15  HIS HIS A . n 
A 1 18  ILE 18  16  16  ILE ILE A . n 
A 1 19  GLU 19  17  17  GLU GLU A . n 
A 1 20  ASN 20  18  18  ASN ASN A . n 
A 1 21  GLU 21  19  19  GLU GLU A . n 
A 1 22  ILE 22  20  20  ILE ILE A . n 
A 1 23  ALA 23  21  21  ALA ALA A . n 
A 1 24  ARG 24  22  22  ARG ARG A . n 
A 1 25  ILE 25  23  23  ILE ILE A . n 
A 1 26  LYS 26  24  24  LYS LYS A . n 
A 1 27  LYS 27  25  25  LYS LYS A . n 
A 1 28  LEU 28  26  26  LEU LEU A . n 
A 1 29  ILE 29  27  27  ILE ILE A . n 
A 1 30  GLY 30  28  28  GLY GLY A . n 
A 1 31  GLU 31  29  29  GLU GLU A . n 
A 1 32  ALA 32  30  30  ALA ALA A . n 
A 1 33  ARG 33  31  31  ARG ARG A . n 
A 1 34  GLN 34  32  32  GLN GLN A . n 
A 1 35  LEU 35  33  33  LEU LEU A . n 
A 1 36  LEU 36  34  34  LEU LEU A . n 
A 1 37  SER 37  35  35  SER SER A . n 
A 1 38  GLY 38  36  36  GLY GLY A . n 
A 1 39  ILE 39  37  37  ILE ILE A . n 
A 1 40  VAL 40  38  38  VAL VAL A . n 
A 1 41  GLN 41  39  39  GLN GLN A . n 
A 1 42  GLN 42  40  40  GLN GLN A . n 
A 1 43  GLN 43  41  41  GLN GLN A . n 
A 1 44  ASN 44  42  42  ASN ASN A . n 
A 1 45  ASN 45  43  43  ASN ASN A . n 
A 1 46  LEU 46  44  44  LEU LEU A . n 
A 1 47  LEU 47  45  45  LEU LEU A . n 
A 1 48  ARG 48  46  46  ARG ARG A . n 
A 1 49  ALA 49  47  47  ALA ALA A . n 
A 1 50  ILE 50  48  48  ILE ILE A . n 
A 1 51  GLU 51  49  49  GLU GLU A . n 
A 1 52  ALA 52  50  50  ALA ALA A . n 
A 1 53  GLN 53  51  51  GLN GLN A . n 
A 1 54  GLN 54  52  52  GLN GLN A . n 
A 1 55  HIS 55  53  53  HIS HIS A . n 
A 1 56  LEU 56  54  54  LEU LEU A . n 
A 1 57  LEU 57  55  55  LEU LEU A . n 
A 1 58  GLN 58  56  56  GLN GLN A . n 
A 1 59  LEU 59  57  57  LEU LEU A . n 
A 1 60  THR 60  58  58  THR THR A . n 
A 1 61  VAL 61  59  59  VAL VAL A . n 
A 1 62  TRP 62  60  60  TRP TRP A . n 
A 1 63  GLY 63  61  61  GLY GLY A . n 
A 1 64  ILE 64  62  62  ILE ILE A . n 
A 1 65  LYS 65  63  63  LYS LYS A . n 
A 1 66  GLN 66  64  64  GLN GLN A . n 
A 1 67  LEU 67  65  65  LEU LEU A . n 
A 1 68  GLN 68  66  66  GLN GLN A . n 
A 1 69  ALA 69  67  67  ALA ALA A . n 
A 1 70  ARG 70  68  68  ARG ARG A . n 
A 1 71  ILE 71  69  69  ILE ILE A . n 
A 1 72  LEU 72  70  70  LEU LEU A . n 
A 1 73  ALA 73  71  71  ALA ALA A . n 
A 1 74  VAL 74  72  72  VAL VAL A . n 
A 1 75  GLU 75  73  73  GLU GLU A . n 
A 1 76  ARG 76  74  74  ARG ARG A . n 
A 1 77  TYR 77  75  75  TYR TYR A . n 
A 1 78  LEU 78  76  76  LEU LEU A . n 
A 1 79  LYS 79  77  77  LYS LYS A . n 
A 1 80  ASP 80  111 ?   ?   ?   A . n 
A 1 81  GLN 81  112 ?   ?   ?   A . n 
A 1 82  ASN 82  113 ?   ?   ?   A . n 
A 1 83  ASN 83  114 ?   ?   ?   A . n 
A 1 84  MET 84  115 ?   ?   ?   A . n 
A 1 85  THR 85  116 ?   ?   ?   A . n 
A 1 86  TRP 86  117 117 TRP TRP A . n 
A 1 87  MET 87  118 118 MET MET A . n 
A 1 88  GLU 88  119 119 GLU GLU A . n 
A 1 89  TRP 89  120 120 TRP TRP A . n 
A 1 90  ASP 90  121 121 ASP ASP A . n 
A 1 91  ARG 91  122 122 ARG ARG A . n 
A 1 92  GLU 92  123 123 GLU GLU A . n 
A 1 93  ILE 93  124 124 ILE ILE A . n 
A 1 94  ASN 94  125 125 ASN ASN A . n 
A 1 95  ASN 95  126 126 ASN ASN A . n 
A 1 96  TYR 96  127 127 TYR TYR A . n 
A 1 97  THR 97  128 128 THR THR A . n 
A 1 98  SER 98  129 129 SER SER A . n 
A 1 99  LEU 99  130 130 LEU LEU A . n 
A 1 100 ILE 100 131 131 ILE ILE A . n 
A 1 101 HIS 101 132 132 HIS HIS A . n 
A 1 102 SER 102 133 133 SER SER A . n 
A 1 103 LEU 103 134 134 LEU LEU A . n 
A 1 104 ILE 104 135 135 ILE ILE A . n 
A 1 105 GLU 105 136 136 GLU GLU A . n 
A 1 106 GLU 106 137 137 GLU GLU A . n 
A 1 107 SER 107 138 138 SER SER A . n 
A 1 108 GLN 108 139 139 GLN GLN A . n 
A 1 109 ASN 109 140 140 ASN ASN A . n 
A 1 110 GLN 110 141 141 GLN GLN A . n 
A 1 111 GLN 111 142 142 GLN GLN A . n 
A 1 112 GLU 112 143 143 GLU GLU A . n 
A 1 113 LYS 113 144 144 LYS LYS A . n 
A 1 114 ASN 114 145 145 ASN ASN A . n 
A 1 115 GLU 115 146 146 GLU GLU A . n 
A 1 116 GLN 116 147 147 GLN GLN A . n 
A 1 117 GLU 117 148 148 GLU GLU A . n 
A 1 118 LEU 118 149 149 LEU LEU A . n 
A 1 119 LEU 119 150 150 LEU LEU A . n 
A 1 120 GLU 120 151 151 GLU GLU A . n 
A 1 121 LEU 121 152 152 LEU LEU A . n 
A 1 122 ASP 122 153 153 ASP ASP A . n 
A 1 123 LYS 123 154 154 LYS LYS A . n 
# 
loop_
_pdbx_nonpoly_scheme.asym_id 
_pdbx_nonpoly_scheme.entity_id 
_pdbx_nonpoly_scheme.mon_id 
_pdbx_nonpoly_scheme.ndb_seq_num 
_pdbx_nonpoly_scheme.pdb_seq_num 
_pdbx_nonpoly_scheme.auth_seq_num 
_pdbx_nonpoly_scheme.pdb_mon_id 
_pdbx_nonpoly_scheme.auth_mon_id 
_pdbx_nonpoly_scheme.pdb_strand_id 
_pdbx_nonpoly_scheme.pdb_ins_code 
B 2 HOH 1  161 161 HOH HOH A . 
B 2 HOH 2  162 162 HOH HOH A . 
B 2 HOH 3  165 165 HOH HOH A . 
B 2 HOH 4  166 166 HOH HOH A . 
B 2 HOH 5  169 169 HOH HOH A . 
B 2 HOH 6  170 170 HOH HOH A . 
B 2 HOH 7  171 171 HOH HOH A . 
B 2 HOH 8  179 179 HOH HOH A . 
B 2 HOH 9  183 183 HOH HOH A . 
B 2 HOH 10 184 184 HOH HOH A . 
B 2 HOH 11 186 186 HOH HOH A . 
B 2 HOH 12 187 187 HOH HOH A . 
# 
loop_
_pdbx_unobs_or_zero_occ_atoms.id 
_pdbx_unobs_or_zero_occ_atoms.PDB_model_num 
_pdbx_unobs_or_zero_occ_atoms.polymer_flag 
_pdbx_unobs_or_zero_occ_atoms.occupancy_flag 
_pdbx_unobs_or_zero_occ_atoms.auth_asym_id 
_pdbx_unobs_or_zero_occ_atoms.auth_comp_id 
_pdbx_unobs_or_zero_occ_atoms.auth_seq_id 
_pdbx_unobs_or_zero_occ_atoms.PDB_ins_code 
_pdbx_unobs_or_zero_occ_atoms.auth_atom_id 
_pdbx_unobs_or_zero_occ_atoms.label_alt_id 
_pdbx_unobs_or_zero_occ_atoms.label_asym_id 
_pdbx_unobs_or_zero_occ_atoms.label_comp_id 
_pdbx_unobs_or_zero_occ_atoms.label_seq_id 
_pdbx_unobs_or_zero_occ_atoms.label_atom_id 
1  1 Y 1 A GLU 7   ? CG  ? A GLU 9   CG  
2  1 Y 1 A GLU 7   ? CD  ? A GLU 9   CD  
3  1 Y 1 A GLU 7   ? OE1 ? A GLU 9   OE1 
4  1 Y 1 A GLU 7   ? OE2 ? A GLU 9   OE2 
5  1 Y 1 A TYR 14  ? CG  ? A TYR 16  CG  
6  1 Y 1 A TYR 14  ? CD1 ? A TYR 16  CD1 
7  1 Y 1 A TYR 14  ? CD2 ? A TYR 16  CD2 
8  1 Y 1 A TYR 14  ? CE1 ? A TYR 16  CE1 
9  1 Y 1 A TYR 14  ? CE2 ? A TYR 16  CE2 
10 1 Y 1 A TYR 14  ? CZ  ? A TYR 16  CZ  
11 1 Y 1 A TYR 14  ? OH  ? A TYR 16  OH  
12 1 Y 1 A ARG 31  ? CG  ? A ARG 33  CG  
13 1 Y 1 A ARG 31  ? CD  ? A ARG 33  CD  
14 1 Y 1 A ARG 31  ? NE  ? A ARG 33  NE  
15 1 Y 1 A ARG 31  ? CZ  ? A ARG 33  CZ  
16 1 Y 1 A ARG 31  ? NH1 ? A ARG 33  NH1 
17 1 Y 1 A ARG 31  ? NH2 ? A ARG 33  NH2 
18 1 Y 1 A TYR 75  ? CG  ? A TYR 77  CG  
19 1 Y 1 A TYR 75  ? CD1 ? A TYR 77  CD1 
20 1 Y 1 A TYR 75  ? CD2 ? A TYR 77  CD2 
21 1 Y 1 A TYR 75  ? CE1 ? A TYR 77  CE1 
22 1 Y 1 A TYR 75  ? CE2 ? A TYR 77  CE2 
23 1 Y 1 A TYR 75  ? CZ  ? A TYR 77  CZ  
24 1 Y 1 A TYR 75  ? OH  ? A TYR 77  OH  
25 1 Y 1 A LYS 77  ? CG  ? A LYS 79  CG  
26 1 Y 1 A LYS 77  ? CD  ? A LYS 79  CD  
27 1 Y 1 A LYS 77  ? CE  ? A LYS 79  CE  
28 1 Y 1 A LYS 77  ? NZ  ? A LYS 79  NZ  
29 1 Y 1 A LYS 154 ? CG  ? A LYS 123 CG  
30 1 Y 1 A LYS 154 ? CD  ? A LYS 123 CD  
31 1 Y 1 A LYS 154 ? CE  ? A LYS 123 CE  
32 1 Y 1 A LYS 154 ? NZ  ? A LYS 123 NZ  
# 
loop_
_software.name 
_software.classification 
_software.version 
_software.citation_id 
_software.pdbx_ordinal 
X-PLOR    'model building' 3.1 ? 1 
X-PLOR    refinement       3.1 ? 2 
DENZO     'data reduction' .   ? 3 
SCALEPACK 'data scaling'   .   ? 4 
X-PLOR    phasing          3.1 ? 5 
# 
_cell.entry_id           1ENV 
_cell.length_a           52.350 
_cell.length_b           52.350 
_cell.length_c           414.600 
_cell.angle_alpha        90.00 
_cell.angle_beta         90.00 
_cell.angle_gamma        120.00 
_cell.Z_PDB              18 
_cell.pdbx_unique_axis   ? 
# 
_symmetry.entry_id                         1ENV 
_symmetry.space_group_name_H-M             'H 3 2' 
_symmetry.pdbx_full_space_group_name_H-M   ? 
_symmetry.cell_setting                     ? 
_symmetry.Int_Tables_number                155 
# 
_exptl.entry_id          1ENV 
_exptl.method            'X-RAY DIFFRACTION' 
_exptl.crystals_number   1 
# 
_exptl_crystal.id                    1 
_exptl_crystal.density_meas          ? 
_exptl_crystal.density_Matthews      4.4 
_exptl_crystal.density_percent_sol   72. 
_exptl_crystal.description           ? 
# 
_exptl_crystal_grow.crystal_id      1 
_exptl_crystal_grow.method          ? 
_exptl_crystal_grow.temp            ? 
_exptl_crystal_grow.temp_details    ? 
_exptl_crystal_grow.pH              8.0 
_exptl_crystal_grow.pdbx_pH_range   ? 
_exptl_crystal_grow.pdbx_details    
'20 MM HEPES PH 8.0 1.1 M AMMONIUM SULFATE 12% ETHYLENE GLYCOL SPACE GROUP R32 IN HEXAGONAL SETTING' 
# 
_diffrn.id                     1 
_diffrn.ambient_temp           298 
_diffrn.ambient_temp_details   ? 
_diffrn.crystal_id             1 
# 
_diffrn_detector.diffrn_id              1 
_diffrn_detector.detector               'IMAGE PLATE' 
_diffrn_detector.type                   MARRESEARCH 
_diffrn_detector.pdbx_collection_date   1997-02 
_diffrn_detector.details                MIRRORS 
# 
_diffrn_radiation.diffrn_id                        1 
_diffrn_radiation.wavelength_id                    1 
_diffrn_radiation.pdbx_monochromatic_or_laue_m_l   M 
_diffrn_radiation.monochromator                    ? 
_diffrn_radiation.pdbx_diffrn_protocol             ? 
_diffrn_radiation.pdbx_scattering_type             x-ray 
# 
_diffrn_radiation_wavelength.id           1 
_diffrn_radiation_wavelength.wavelength   1.5418 
_diffrn_radiation_wavelength.wt           1.0 
# 
_diffrn_source.diffrn_id                   1 
_diffrn_source.source                      'ROTATING ANODE' 
_diffrn_source.type                        'ELLIOTT GX-13' 
_diffrn_source.pdbx_synchrotron_site       ? 
_diffrn_source.pdbx_synchrotron_beamline   ? 
_diffrn_source.pdbx_wavelength             1.5418 
_diffrn_source.pdbx_wavelength_list        ? 
# 
_reflns.entry_id                     1ENV 
_reflns.observed_criterion_sigma_I   2.0 
_reflns.observed_criterion_sigma_F   ? 
_reflns.d_resolution_low             25. 
_reflns.d_resolution_high            2.6 
_reflns.number_obs                   8130 
_reflns.number_all                   ? 
_reflns.percent_possible_obs         90.5 
_reflns.pdbx_Rmerge_I_obs            0.0710000 
_reflns.pdbx_Rsym_value              0.0710000 
_reflns.pdbx_netI_over_sigmaI        10.2 
_reflns.B_iso_Wilson_estimate        59.41 
_reflns.pdbx_redundancy              7.45 
_reflns.pdbx_ordinal                 1 
_reflns.pdbx_diffrn_id               1 
# 
_reflns_shell.d_res_high             2.59 
_reflns_shell.d_res_low              2.69 
_reflns_shell.percent_possible_all   91.4 
_reflns_shell.Rmerge_I_obs           0.1790000 
_reflns_shell.pdbx_Rsym_value        0.1790000 
_reflns_shell.meanI_over_sigI_obs    4.5 
_reflns_shell.pdbx_redundancy        5. 
_reflns_shell.pdbx_ordinal           1 
_reflns_shell.pdbx_diffrn_id         1 
# 
_refine.entry_id                                 1ENV 
_refine.ls_number_reflns_obs                     6432 
_refine.ls_number_reflns_all                     ? 
_refine.pdbx_ls_sigma_I                          ? 
_refine.pdbx_ls_sigma_F                          2.0 
_refine.pdbx_data_cutoff_high_absF               ? 
_refine.pdbx_data_cutoff_low_absF                ? 
_refine.pdbx_data_cutoff_high_rms_absF           ? 
_refine.ls_d_res_low                             25. 
_refine.ls_d_res_high                            2.6 
_refine.ls_percent_reflns_obs                    90.5 
_refine.ls_R_factor_obs                          0.2440000 
_refine.ls_R_factor_all                          ? 
_refine.ls_R_factor_R_work                       0.2440000 
_refine.ls_R_factor_R_free                       0.2770000 
_refine.ls_R_factor_R_free_error                 0.0000 
_refine.ls_R_factor_R_free_error_details         ? 
_refine.ls_percent_reflns_R_free                 10. 
_refine.ls_number_reflns_R_free                  674 
_refine.ls_number_parameters                     ? 
_refine.ls_number_restraints                     ? 
_refine.occupancy_min                            ? 
_refine.occupancy_max                            ? 
_refine.B_iso_mean                               52.9 
_refine.aniso_B[1][1]                            ? 
_refine.aniso_B[2][2]                            ? 
_refine.aniso_B[3][3]                            ? 
_refine.aniso_B[1][2]                            ? 
_refine.aniso_B[1][3]                            ? 
_refine.aniso_B[2][3]                            ? 
_refine.solvent_model_details                    ? 
_refine.solvent_model_param_ksol                 ? 
_refine.solvent_model_param_bsol                 ? 
_refine.pdbx_ls_cross_valid_method               THROUGHOUT 
_refine.details                                  ? 
_refine.pdbx_starting_model                      ? 
_refine.pdbx_method_to_determine_struct          MIR 
_refine.pdbx_isotropic_thermal_model             ? 
_refine.pdbx_stereochemistry_target_values       ? 
_refine.pdbx_stereochem_target_val_spec_case     ? 
_refine.pdbx_R_Free_selection_details            RANDOM 
_refine.pdbx_overall_ESU_R                       ? 
_refine.pdbx_overall_ESU_R_Free                  ? 
_refine.overall_SU_ML                            ? 
_refine.overall_SU_B                             ? 
_refine.pdbx_refine_id                           'X-RAY DIFFRACTION' 
_refine.pdbx_diffrn_id                           1 
_refine.pdbx_TLS_residual_ADP_flag               ? 
_refine.correlation_coeff_Fo_to_Fc               ? 
_refine.correlation_coeff_Fo_to_Fc_free          ? 
_refine.pdbx_solvent_vdw_probe_radii             ? 
_refine.pdbx_solvent_ion_probe_radii             ? 
_refine.pdbx_solvent_shrinkage_radii             ? 
_refine.pdbx_overall_phase_error                 ? 
_refine.overall_SU_R_Cruickshank_DPI             ? 
_refine.pdbx_overall_SU_R_free_Cruickshank_DPI   ? 
_refine.pdbx_overall_SU_R_Blow_DPI               ? 
_refine.pdbx_overall_SU_R_free_Blow_DPI          ? 
# 
_refine_hist.pdbx_refine_id                   'X-RAY DIFFRACTION' 
_refine_hist.cycle_id                         LAST 
_refine_hist.pdbx_number_atoms_protein        935 
_refine_hist.pdbx_number_atoms_nucleic_acid   0 
_refine_hist.pdbx_number_atoms_ligand         0 
_refine_hist.number_atoms_solvent             12 
_refine_hist.number_atoms_total               947 
_refine_hist.d_res_high                       2.6 
_refine_hist.d_res_low                        25. 
# 
loop_
_refine_ls_restr.type 
_refine_ls_restr.dev_ideal 
_refine_ls_restr.dev_ideal_target 
_refine_ls_restr.weight 
_refine_ls_restr.number 
_refine_ls_restr.pdbx_refine_id 
_refine_ls_restr.pdbx_restraint_function 
x_bond_d                0.010 ? ? ? 'X-RAY DIFFRACTION' ? 
x_bond_d_na             ?     ? ? ? 'X-RAY DIFFRACTION' ? 
x_bond_d_prot           ?     ? ? ? 'X-RAY DIFFRACTION' ? 
x_angle_d               ?     ? ? ? 'X-RAY DIFFRACTION' ? 
x_angle_d_na            ?     ? ? ? 'X-RAY DIFFRACTION' ? 
x_angle_d_prot          ?     ? ? ? 'X-RAY DIFFRACTION' ? 
x_angle_deg             1.20  ? ? ? 'X-RAY DIFFRACTION' ? 
x_angle_deg_na          ?     ? ? ? 'X-RAY DIFFRACTION' ? 
x_angle_deg_prot        ?     ? ? ? 'X-RAY DIFFRACTION' ? 
x_dihedral_angle_d      ?     ? ? ? 'X-RAY DIFFRACTION' ? 
x_dihedral_angle_d_na   ?     ? ? ? 'X-RAY DIFFRACTION' ? 
x_dihedral_angle_d_prot ?     ? ? ? 'X-RAY DIFFRACTION' ? 
x_improper_angle_d      ?     ? ? ? 'X-RAY DIFFRACTION' ? 
x_improper_angle_d_na   ?     ? ? ? 'X-RAY DIFFRACTION' ? 
x_improper_angle_d_prot ?     ? ? ? 'X-RAY DIFFRACTION' ? 
x_mcbond_it             ?     ? ? ? 'X-RAY DIFFRACTION' ? 
x_mcangle_it            ?     ? ? ? 'X-RAY DIFFRACTION' ? 
x_scbond_it             ?     ? ? ? 'X-RAY DIFFRACTION' ? 
x_scangle_it            ?     ? ? ? 'X-RAY DIFFRACTION' ? 
# 
_refine_ls_shell.pdbx_total_number_of_bins_used   8 
_refine_ls_shell.d_res_high                       2.6 
_refine_ls_shell.d_res_low                        2.72 
_refine_ls_shell.number_reflns_R_work             695 
_refine_ls_shell.R_factor_R_work                  0.2440000 
_refine_ls_shell.percent_reflns_obs               ? 
_refine_ls_shell.R_factor_R_free                  0.2770000 
_refine_ls_shell.R_factor_R_free_error            0.004 
_refine_ls_shell.percent_reflns_R_free            10. 
_refine_ls_shell.number_reflns_R_free             88 
_refine_ls_shell.pdbx_refine_id                   'X-RAY DIFFRACTION' 
_refine_ls_shell.number_reflns_all                ? 
_refine_ls_shell.R_factor_all                     ? 
# 
loop_
_pdbx_xplor_file.serial_no 
_pdbx_xplor_file.param_file 
_pdbx_xplor_file.topol_file 
_pdbx_xplor_file.pdbx_refine_id 
1 PARAM19X.PRO TOPHCSDX.PRO 'X-RAY DIFFRACTION' 
2 PARAM19.SOL  TOPH19M.SOL  'X-RAY DIFFRACTION' 
# 
_struct.entry_id                  1ENV 
_struct.title                     'ATOMIC STRUCTURE OF THE ECTODOMAIN FROM HIV-1 GP41' 
_struct.pdbx_model_details        ? 
_struct.pdbx_CASP_flag            ? 
_struct.pdbx_model_type_details   ? 
# 
_struct_keywords.entry_id        1ENV 
_struct_keywords.pdbx_keywords   'VIRAL PROTEIN' 
_struct_keywords.text            'VIRAL FUSION, COAT PROTEIN, Viral protein' 
# 
loop_
_struct_asym.id 
_struct_asym.pdbx_blank_PDB_chainid_flag 
_struct_asym.pdbx_modified 
_struct_asym.entity_id 
_struct_asym.details 
A N N 1 ? 
B N N 2 ? 
# 
loop_
_struct_ref.id 
_struct_ref.db_name 
_struct_ref.db_code 
_struct_ref.pdbx_db_accession 
_struct_ref.pdbx_db_isoform 
_struct_ref.entity_id 
_struct_ref.pdbx_seq_one_letter_code 
_struct_ref.pdbx_align_begin 
1 UNP ENV_HV1BR P03377 ? 1 AVGIGALFLGFLGAAGSTMGARSMTLTVQARQLLSGIVQQQNNLLRAIEAQQHLLQLTVWGIKQLQARILAVERYLK 517 
2 UNP ENV_HV1BR P03377 ? 1 WMEWDREINNYTSLIHSLIEESQNQQEKNEQELLELDK                                        633 
# 
loop_
_struct_ref_seq.align_id 
_struct_ref_seq.ref_id 
_struct_ref_seq.pdbx_PDB_id_code 
_struct_ref_seq.pdbx_strand_id 
_struct_ref_seq.seq_align_beg 
_struct_ref_seq.pdbx_seq_align_beg_ins_code 
_struct_ref_seq.seq_align_end 
_struct_ref_seq.pdbx_seq_align_end_ins_code 
_struct_ref_seq.pdbx_db_accession 
_struct_ref_seq.db_align_beg 
_struct_ref_seq.pdbx_db_align_beg_ins_code 
_struct_ref_seq.db_align_end 
_struct_ref_seq.pdbx_db_align_end_ins_code 
_struct_ref_seq.pdbx_auth_seq_align_beg 
_struct_ref_seq.pdbx_auth_seq_align_end 
1 1 1ENV A 3  ? 79  ? P03377 517 ? 593 ? 1   77  
2 2 1ENV A 86 ? 123 ? P03377 633 ? 670 ? 117 154 
# 
loop_
_struct_ref_seq_dif.align_id 
_struct_ref_seq_dif.pdbx_pdb_id_code 
_struct_ref_seq_dif.mon_id 
_struct_ref_seq_dif.pdbx_pdb_strand_id 
_struct_ref_seq_dif.seq_num 
_struct_ref_seq_dif.pdbx_pdb_ins_code 
_struct_ref_seq_dif.pdbx_seq_db_name 
_struct_ref_seq_dif.pdbx_seq_db_accession_code 
_struct_ref_seq_dif.db_mon_id 
_struct_ref_seq_dif.pdbx_seq_db_seq_num 
_struct_ref_seq_dif.details 
_struct_ref_seq_dif.pdbx_auth_seq_num 
_struct_ref_seq_dif.pdbx_ordinal 
1 1ENV ILE A 4  ? UNP P03377 VAL 518 'engineered mutation' 2   1  
1 1ENV ILE A 8  ? UNP P03377 ALA 522 'engineered mutation' 6   2  
1 1ENV ILE A 11 ? UNP P03377 LEU 525 'engineered mutation' 9   3  
1 1ENV ILE A 15 ? UNP P03377 GLY 529 'engineered mutation' 13  4  
1 1ENV ILE A 18 ? UNP P03377 GLY 532 'engineered mutation' 16  5  
1 1ENV ILE A 22 ? UNP P03377 GLY 536 'engineered mutation' 20  6  
1 1ENV ILE A 25 ? UNP P03377 SER 539 'engineered mutation' 23  7  
1 1ENV ILE A 29 ? UNP P03377 THR 543 'engineered mutation' 27  8  
1 1ENV ASP A 80 ? UNP P03377 ?   ?   linker                111 9  
1 1ENV GLN A 81 ? UNP P03377 ?   ?   linker                112 10 
1 1ENV ASN A 82 ? UNP P03377 ?   ?   linker                113 11 
1 1ENV ASN A 83 ? UNP P03377 ?   ?   linker                114 12 
1 1ENV MET A 84 ? UNP P03377 ?   ?   linker                115 13 
1 1ENV THR A 85 ? UNP P03377 ?   ?   linker                116 14 
# 
_pdbx_struct_assembly.id                   1 
_pdbx_struct_assembly.details              author_and_software_defined_assembly 
_pdbx_struct_assembly.method_details       PISA,PQS 
_pdbx_struct_assembly.oligomeric_details   trimeric 
_pdbx_struct_assembly.oligomeric_count     3 
# 
loop_
_pdbx_struct_assembly_prop.biol_id 
_pdbx_struct_assembly_prop.type 
_pdbx_struct_assembly_prop.value 
_pdbx_struct_assembly_prop.details 
1 'ABSA (A^2)' 12370 ? 
1 MORE         -124  ? 
1 'SSA (A^2)'  18890 ? 
# 
_pdbx_struct_assembly_gen.assembly_id       1 
_pdbx_struct_assembly_gen.oper_expression   1,2,3 
_pdbx_struct_assembly_gen.asym_id_list      A,B 
# 
loop_
_pdbx_struct_oper_list.id 
_pdbx_struct_oper_list.type 
_pdbx_struct_oper_list.name 
_pdbx_struct_oper_list.symmetry_operation 
_pdbx_struct_oper_list.matrix[1][1] 
_pdbx_struct_oper_list.matrix[1][2] 
_pdbx_struct_oper_list.matrix[1][3] 
_pdbx_struct_oper_list.vector[1] 
_pdbx_struct_oper_list.matrix[2][1] 
_pdbx_struct_oper_list.matrix[2][2] 
_pdbx_struct_oper_list.matrix[2][3] 
_pdbx_struct_oper_list.vector[2] 
_pdbx_struct_oper_list.matrix[3][1] 
_pdbx_struct_oper_list.matrix[3][2] 
_pdbx_struct_oper_list.matrix[3][3] 
_pdbx_struct_oper_list.vector[3] 
1 'identity operation'         1_555 x,y,z         1.0000000000 0.0000000000  0.0000000000 0.0000000000 0.0000000000  1.0000000000  0.0000000000  0.0000000000  0.0000000000 0.0000000000  1.0000000000 0.0000000000  
2 'crystal symmetry operation' 2_655 -y+1,x-y,z    0.3188271186 -0.4747981328 0.8203145747 0.7379866710 0.6812000803  -0.4869930529 -0.5466298721 -7.0453582960 0.6590263417 0.7330787812  0.1681659343 0.1660257424  
3 'crystal symmetry operation' 3_665 -x+y+1,-x+1,z 0.3188271186 0.6812000803  0.6590263417 4.4545931357 -0.4747981328 -0.4869930529 0.7330787812  -3.2023558015 0.8203145747 -0.5466298721 0.1681659343 -4.4845044008 
# 
loop_
_struct_conf.conf_type_id 
_struct_conf.id 
_struct_conf.pdbx_PDB_helix_id 
_struct_conf.beg_label_comp_id 
_struct_conf.beg_label_asym_id 
_struct_conf.beg_label_seq_id 
_struct_conf.pdbx_beg_PDB_ins_code 
_struct_conf.end_label_comp_id 
_struct_conf.end_label_asym_id 
_struct_conf.end_label_seq_id 
_struct_conf.pdbx_end_PDB_ins_code 
_struct_conf.beg_auth_comp_id 
_struct_conf.beg_auth_asym_id 
_struct_conf.beg_auth_seq_id 
_struct_conf.end_auth_comp_id 
_struct_conf.end_auth_asym_id 
_struct_conf.end_auth_seq_id 
_struct_conf.pdbx_PDB_helix_class 
_struct_conf.details 
_struct_conf.pdbx_PDB_helix_length 
HELX_P HELX_P1 1 GLN A 3  ? LYS A 79  ? GLN A 1   LYS A 77  1 ? 77 
HELX_P HELX_P2 2 TRP A 86 ? LYS A 123 ? TRP A 117 LYS A 154 1 ? 38 
# 
_struct_conf_type.id          HELX_P 
_struct_conf_type.criteria    ? 
_struct_conf_type.reference   ? 
# 
loop_
_pdbx_validate_rmsd_angle.id 
_pdbx_validate_rmsd_angle.PDB_model_num 
_pdbx_validate_rmsd_angle.auth_atom_id_1 
_pdbx_validate_rmsd_angle.auth_asym_id_1 
_pdbx_validate_rmsd_angle.auth_comp_id_1 
_pdbx_validate_rmsd_angle.auth_seq_id_1 
_pdbx_validate_rmsd_angle.PDB_ins_code_1 
_pdbx_validate_rmsd_angle.label_alt_id_1 
_pdbx_validate_rmsd_angle.auth_atom_id_2 
_pdbx_validate_rmsd_angle.auth_asym_id_2 
_pdbx_validate_rmsd_angle.auth_comp_id_2 
_pdbx_validate_rmsd_angle.auth_seq_id_2 
_pdbx_validate_rmsd_angle.PDB_ins_code_2 
_pdbx_validate_rmsd_angle.label_alt_id_2 
_pdbx_validate_rmsd_angle.auth_atom_id_3 
_pdbx_validate_rmsd_angle.auth_asym_id_3 
_pdbx_validate_rmsd_angle.auth_comp_id_3 
_pdbx_validate_rmsd_angle.auth_seq_id_3 
_pdbx_validate_rmsd_angle.PDB_ins_code_3 
_pdbx_validate_rmsd_angle.label_alt_id_3 
_pdbx_validate_rmsd_angle.angle_value 
_pdbx_validate_rmsd_angle.angle_target_value 
_pdbx_validate_rmsd_angle.angle_deviation 
_pdbx_validate_rmsd_angle.angle_standard_deviation 
_pdbx_validate_rmsd_angle.linker_flag 
1 1 NE A ARG 74  ? ? CZ A ARG 74  ? ? NH2 A ARG 74  ? ? 123.98 120.30 3.68   0.50 N 
2 1 CG A MET 118 ? ? SD A MET 118 ? ? CE  A MET 118 ? ? 109.88 100.20 9.68   1.60 N 
3 1 N  A LYS 154 ? ? CA A LYS 154 ? ? C   A LYS 154 ? ? 94.65  111.00 -16.35 2.70 N 
# 
_pdbx_entry_details.entry_id                 1ENV 
_pdbx_entry_details.compound_details         
;THIS STRUCTURE IS A CHIMERA.  IT STARTS AT THE N-TERMINUS
WITH 31 RESIDUES FROM YEAST GCN4 FOLLOWED BY 50 RESIDUES
FROM GP41 AND 42 ADDITIONAL RESIDUES FROM GP41, FOR A
A TOTAL OF 123 RESIDUES AS SHOWN ON SEQRES.  115 OF THESE
RESIDUES WERE LOCATED AND ARE PRESENTED IN THIS ENTRY.
DBREF RECORDS BELOW CAN BE USED TO ASSOCIATE THE RESIDUES
PRESENT IN THIS ENTRY WITH THE CORRESPONDING SWISSPROT
ENTRY.
;
_pdbx_entry_details.source_details           ? 
_pdbx_entry_details.nonpolymer_details       ? 
_pdbx_entry_details.sequence_details         ? 
_pdbx_entry_details.has_ligand_of_interest   ? 
# 
loop_
_pdbx_unobs_or_zero_occ_residues.id 
_pdbx_unobs_or_zero_occ_residues.PDB_model_num 
_pdbx_unobs_or_zero_occ_residues.polymer_flag 
_pdbx_unobs_or_zero_occ_residues.occupancy_flag 
_pdbx_unobs_or_zero_occ_residues.auth_asym_id 
_pdbx_unobs_or_zero_occ_residues.auth_comp_id 
_pdbx_unobs_or_zero_occ_residues.auth_seq_id 
_pdbx_unobs_or_zero_occ_residues.PDB_ins_code 
_pdbx_unobs_or_zero_occ_residues.label_asym_id 
_pdbx_unobs_or_zero_occ_residues.label_comp_id 
_pdbx_unobs_or_zero_occ_residues.label_seq_id 
1 1 Y 1 A MET -1  ? A MET 1  
2 1 Y 1 A LYS 0   ? A LYS 2  
3 1 Y 1 A ASP 111 ? A ASP 80 
4 1 Y 1 A GLN 112 ? A GLN 81 
5 1 Y 1 A ASN 113 ? A ASN 82 
6 1 Y 1 A ASN 114 ? A ASN 83 
7 1 Y 1 A MET 115 ? A MET 84 
8 1 Y 1 A THR 116 ? A THR 85 
# 
loop_
_chem_comp_atom.comp_id 
_chem_comp_atom.atom_id 
_chem_comp_atom.type_symbol 
_chem_comp_atom.pdbx_aromatic_flag 
_chem_comp_atom.pdbx_stereo_config 
_chem_comp_atom.pdbx_ordinal 
ALA N    N N N 1   
ALA CA   C N S 2   
ALA C    C N N 3   
ALA O    O N N 4   
ALA CB   C N N 5   
ALA OXT  O N N 6   
ALA H    H N N 7   
ALA H2   H N N 8   
ALA HA   H N N 9   
ALA HB1  H N N 10  
ALA HB2  H N N 11  
ALA HB3  H N N 12  
ALA HXT  H N N 13  
ARG N    N N N 14  
ARG CA   C N S 15  
ARG C    C N N 16  
ARG O    O N N 17  
ARG CB   C N N 18  
ARG CG   C N N 19  
ARG CD   C N N 20  
ARG NE   N N N 21  
ARG CZ   C N N 22  
ARG NH1  N N N 23  
ARG NH2  N N N 24  
ARG OXT  O N N 25  
ARG H    H N N 26  
ARG H2   H N N 27  
ARG HA   H N N 28  
ARG HB2  H N N 29  
ARG HB3  H N N 30  
ARG HG2  H N N 31  
ARG HG3  H N N 32  
ARG HD2  H N N 33  
ARG HD3  H N N 34  
ARG HE   H N N 35  
ARG HH11 H N N 36  
ARG HH12 H N N 37  
ARG HH21 H N N 38  
ARG HH22 H N N 39  
ARG HXT  H N N 40  
ASN N    N N N 41  
ASN CA   C N S 42  
ASN C    C N N 43  
ASN O    O N N 44  
ASN CB   C N N 45  
ASN CG   C N N 46  
ASN OD1  O N N 47  
ASN ND2  N N N 48  
ASN OXT  O N N 49  
ASN H    H N N 50  
ASN H2   H N N 51  
ASN HA   H N N 52  
ASN HB2  H N N 53  
ASN HB3  H N N 54  
ASN HD21 H N N 55  
ASN HD22 H N N 56  
ASN HXT  H N N 57  
ASP N    N N N 58  
ASP CA   C N S 59  
ASP C    C N N 60  
ASP O    O N N 61  
ASP CB   C N N 62  
ASP CG   C N N 63  
ASP OD1  O N N 64  
ASP OD2  O N N 65  
ASP OXT  O N N 66  
ASP H    H N N 67  
ASP H2   H N N 68  
ASP HA   H N N 69  
ASP HB2  H N N 70  
ASP HB3  H N N 71  
ASP HD2  H N N 72  
ASP HXT  H N N 73  
GLN N    N N N 74  
GLN CA   C N S 75  
GLN C    C N N 76  
GLN O    O N N 77  
GLN CB   C N N 78  
GLN CG   C N N 79  
GLN CD   C N N 80  
GLN OE1  O N N 81  
GLN NE2  N N N 82  
GLN OXT  O N N 83  
GLN H    H N N 84  
GLN H2   H N N 85  
GLN HA   H N N 86  
GLN HB2  H N N 87  
GLN HB3  H N N 88  
GLN HG2  H N N 89  
GLN HG3  H N N 90  
GLN HE21 H N N 91  
GLN HE22 H N N 92  
GLN HXT  H N N 93  
GLU N    N N N 94  
GLU CA   C N S 95  
GLU C    C N N 96  
GLU O    O N N 97  
GLU CB   C N N 98  
GLU CG   C N N 99  
GLU CD   C N N 100 
GLU OE1  O N N 101 
GLU OE2  O N N 102 
GLU OXT  O N N 103 
GLU H    H N N 104 
GLU H2   H N N 105 
GLU HA   H N N 106 
GLU HB2  H N N 107 
GLU HB3  H N N 108 
GLU HG2  H N N 109 
GLU HG3  H N N 110 
GLU HE2  H N N 111 
GLU HXT  H N N 112 
GLY N    N N N 113 
GLY CA   C N N 114 
GLY C    C N N 115 
GLY O    O N N 116 
GLY OXT  O N N 117 
GLY H    H N N 118 
GLY H2   H N N 119 
GLY HA2  H N N 120 
GLY HA3  H N N 121 
GLY HXT  H N N 122 
HIS N    N N N 123 
HIS CA   C N S 124 
HIS C    C N N 125 
HIS O    O N N 126 
HIS CB   C N N 127 
HIS CG   C Y N 128 
HIS ND1  N Y N 129 
HIS CD2  C Y N 130 
HIS CE1  C Y N 131 
HIS NE2  N Y N 132 
HIS OXT  O N N 133 
HIS H    H N N 134 
HIS H2   H N N 135 
HIS HA   H N N 136 
HIS HB2  H N N 137 
HIS HB3  H N N 138 
HIS HD1  H N N 139 
HIS HD2  H N N 140 
HIS HE1  H N N 141 
HIS HE2  H N N 142 
HIS HXT  H N N 143 
HOH O    O N N 144 
HOH H1   H N N 145 
HOH H2   H N N 146 
ILE N    N N N 147 
ILE CA   C N S 148 
ILE C    C N N 149 
ILE O    O N N 150 
ILE CB   C N S 151 
ILE CG1  C N N 152 
ILE CG2  C N N 153 
ILE CD1  C N N 154 
ILE OXT  O N N 155 
ILE H    H N N 156 
ILE H2   H N N 157 
ILE HA   H N N 158 
ILE HB   H N N 159 
ILE HG12 H N N 160 
ILE HG13 H N N 161 
ILE HG21 H N N 162 
ILE HG22 H N N 163 
ILE HG23 H N N 164 
ILE HD11 H N N 165 
ILE HD12 H N N 166 
ILE HD13 H N N 167 
ILE HXT  H N N 168 
LEU N    N N N 169 
LEU CA   C N S 170 
LEU C    C N N 171 
LEU O    O N N 172 
LEU CB   C N N 173 
LEU CG   C N N 174 
LEU CD1  C N N 175 
LEU CD2  C N N 176 
LEU OXT  O N N 177 
LEU H    H N N 178 
LEU H2   H N N 179 
LEU HA   H N N 180 
LEU HB2  H N N 181 
LEU HB3  H N N 182 
LEU HG   H N N 183 
LEU HD11 H N N 184 
LEU HD12 H N N 185 
LEU HD13 H N N 186 
LEU HD21 H N N 187 
LEU HD22 H N N 188 
LEU HD23 H N N 189 
LEU HXT  H N N 190 
LYS N    N N N 191 
LYS CA   C N S 192 
LYS C    C N N 193 
LYS O    O N N 194 
LYS CB   C N N 195 
LYS CG   C N N 196 
LYS CD   C N N 197 
LYS CE   C N N 198 
LYS NZ   N N N 199 
LYS OXT  O N N 200 
LYS H    H N N 201 
LYS H2   H N N 202 
LYS HA   H N N 203 
LYS HB2  H N N 204 
LYS HB3  H N N 205 
LYS HG2  H N N 206 
LYS HG3  H N N 207 
LYS HD2  H N N 208 
LYS HD3  H N N 209 
LYS HE2  H N N 210 
LYS HE3  H N N 211 
LYS HZ1  H N N 212 
LYS HZ2  H N N 213 
LYS HZ3  H N N 214 
LYS HXT  H N N 215 
MET N    N N N 216 
MET CA   C N S 217 
MET C    C N N 218 
MET O    O N N 219 
MET CB   C N N 220 
MET CG   C N N 221 
MET SD   S N N 222 
MET CE   C N N 223 
MET OXT  O N N 224 
MET H    H N N 225 
MET H2   H N N 226 
MET HA   H N N 227 
MET HB2  H N N 228 
MET HB3  H N N 229 
MET HG2  H N N 230 
MET HG3  H N N 231 
MET HE1  H N N 232 
MET HE2  H N N 233 
MET HE3  H N N 234 
MET HXT  H N N 235 
SER N    N N N 236 
SER CA   C N S 237 
SER C    C N N 238 
SER O    O N N 239 
SER CB   C N N 240 
SER OG   O N N 241 
SER OXT  O N N 242 
SER H    H N N 243 
SER H2   H N N 244 
SER HA   H N N 245 
SER HB2  H N N 246 
SER HB3  H N N 247 
SER HG   H N N 248 
SER HXT  H N N 249 
THR N    N N N 250 
THR CA   C N S 251 
THR C    C N N 252 
THR O    O N N 253 
THR CB   C N R 254 
THR OG1  O N N 255 
THR CG2  C N N 256 
THR OXT  O N N 257 
THR H    H N N 258 
THR H2   H N N 259 
THR HA   H N N 260 
THR HB   H N N 261 
THR HG1  H N N 262 
THR HG21 H N N 263 
THR HG22 H N N 264 
THR HG23 H N N 265 
THR HXT  H N N 266 
TRP N    N N N 267 
TRP CA   C N S 268 
TRP C    C N N 269 
TRP O    O N N 270 
TRP CB   C N N 271 
TRP CG   C Y N 272 
TRP CD1  C Y N 273 
TRP CD2  C Y N 274 
TRP NE1  N Y N 275 
TRP CE2  C Y N 276 
TRP CE3  C Y N 277 
TRP CZ2  C Y N 278 
TRP CZ3  C Y N 279 
TRP CH2  C Y N 280 
TRP OXT  O N N 281 
TRP H    H N N 282 
TRP H2   H N N 283 
TRP HA   H N N 284 
TRP HB2  H N N 285 
TRP HB3  H N N 286 
TRP HD1  H N N 287 
TRP HE1  H N N 288 
TRP HE3  H N N 289 
TRP HZ2  H N N 290 
TRP HZ3  H N N 291 
TRP HH2  H N N 292 
TRP HXT  H N N 293 
TYR N    N N N 294 
TYR CA   C N S 295 
TYR C    C N N 296 
TYR O    O N N 297 
TYR CB   C N N 298 
TYR CG   C Y N 299 
TYR CD1  C Y N 300 
TYR CD2  C Y N 301 
TYR CE1  C Y N 302 
TYR CE2  C Y N 303 
TYR CZ   C Y N 304 
TYR OH   O N N 305 
TYR OXT  O N N 306 
TYR H    H N N 307 
TYR H2   H N N 308 
TYR HA   H N N 309 
TYR HB2  H N N 310 
TYR HB3  H N N 311 
TYR HD1  H N N 312 
TYR HD2  H N N 313 
TYR HE1  H N N 314 
TYR HE2  H N N 315 
TYR HH   H N N 316 
TYR HXT  H N N 317 
VAL N    N N N 318 
VAL CA   C N S 319 
VAL C    C N N 320 
VAL O    O N N 321 
VAL CB   C N N 322 
VAL CG1  C N N 323 
VAL CG2  C N N 324 
VAL OXT  O N N 325 
VAL H    H N N 326 
VAL H2   H N N 327 
VAL HA   H N N 328 
VAL HB   H N N 329 
VAL HG11 H N N 330 
VAL HG12 H N N 331 
VAL HG13 H N N 332 
VAL HG21 H N N 333 
VAL HG22 H N N 334 
VAL HG23 H N N 335 
VAL HXT  H N N 336 
# 
loop_
_chem_comp_bond.comp_id 
_chem_comp_bond.atom_id_1 
_chem_comp_bond.atom_id_2 
_chem_comp_bond.value_order 
_chem_comp_bond.pdbx_aromatic_flag 
_chem_comp_bond.pdbx_stereo_config 
_chem_comp_bond.pdbx_ordinal 
ALA N   CA   sing N N 1   
ALA N   H    sing N N 2   
ALA N   H2   sing N N 3   
ALA CA  C    sing N N 4   
ALA CA  CB   sing N N 5   
ALA CA  HA   sing N N 6   
ALA C   O    doub N N 7   
ALA C   OXT  sing N N 8   
ALA CB  HB1  sing N N 9   
ALA CB  HB2  sing N N 10  
ALA CB  HB3  sing N N 11  
ALA OXT HXT  sing N N 12  
ARG N   CA   sing N N 13  
ARG N   H    sing N N 14  
ARG N   H2   sing N N 15  
ARG CA  C    sing N N 16  
ARG CA  CB   sing N N 17  
ARG CA  HA   sing N N 18  
ARG C   O    doub N N 19  
ARG C   OXT  sing N N 20  
ARG CB  CG   sing N N 21  
ARG CB  HB2  sing N N 22  
ARG CB  HB3  sing N N 23  
ARG CG  CD   sing N N 24  
ARG CG  HG2  sing N N 25  
ARG CG  HG3  sing N N 26  
ARG CD  NE   sing N N 27  
ARG CD  HD2  sing N N 28  
ARG CD  HD3  sing N N 29  
ARG NE  CZ   sing N N 30  
ARG NE  HE   sing N N 31  
ARG CZ  NH1  sing N N 32  
ARG CZ  NH2  doub N N 33  
ARG NH1 HH11 sing N N 34  
ARG NH1 HH12 sing N N 35  
ARG NH2 HH21 sing N N 36  
ARG NH2 HH22 sing N N 37  
ARG OXT HXT  sing N N 38  
ASN N   CA   sing N N 39  
ASN N   H    sing N N 40  
ASN N   H2   sing N N 41  
ASN CA  C    sing N N 42  
ASN CA  CB   sing N N 43  
ASN CA  HA   sing N N 44  
ASN C   O    doub N N 45  
ASN C   OXT  sing N N 46  
ASN CB  CG   sing N N 47  
ASN CB  HB2  sing N N 48  
ASN CB  HB3  sing N N 49  
ASN CG  OD1  doub N N 50  
ASN CG  ND2  sing N N 51  
ASN ND2 HD21 sing N N 52  
ASN ND2 HD22 sing N N 53  
ASN OXT HXT  sing N N 54  
ASP N   CA   sing N N 55  
ASP N   H    sing N N 56  
ASP N   H2   sing N N 57  
ASP CA  C    sing N N 58  
ASP CA  CB   sing N N 59  
ASP CA  HA   sing N N 60  
ASP C   O    doub N N 61  
ASP C   OXT  sing N N 62  
ASP CB  CG   sing N N 63  
ASP CB  HB2  sing N N 64  
ASP CB  HB3  sing N N 65  
ASP CG  OD1  doub N N 66  
ASP CG  OD2  sing N N 67  
ASP OD2 HD2  sing N N 68  
ASP OXT HXT  sing N N 69  
GLN N   CA   sing N N 70  
GLN N   H    sing N N 71  
GLN N   H2   sing N N 72  
GLN CA  C    sing N N 73  
GLN CA  CB   sing N N 74  
GLN CA  HA   sing N N 75  
GLN C   O    doub N N 76  
GLN C   OXT  sing N N 77  
GLN CB  CG   sing N N 78  
GLN CB  HB2  sing N N 79  
GLN CB  HB3  sing N N 80  
GLN CG  CD   sing N N 81  
GLN CG  HG2  sing N N 82  
GLN CG  HG3  sing N N 83  
GLN CD  OE1  doub N N 84  
GLN CD  NE2  sing N N 85  
GLN NE2 HE21 sing N N 86  
GLN NE2 HE22 sing N N 87  
GLN OXT HXT  sing N N 88  
GLU N   CA   sing N N 89  
GLU N   H    sing N N 90  
GLU N   H2   sing N N 91  
GLU CA  C    sing N N 92  
GLU CA  CB   sing N N 93  
GLU CA  HA   sing N N 94  
GLU C   O    doub N N 95  
GLU C   OXT  sing N N 96  
GLU CB  CG   sing N N 97  
GLU CB  HB2  sing N N 98  
GLU CB  HB3  sing N N 99  
GLU CG  CD   sing N N 100 
GLU CG  HG2  sing N N 101 
GLU CG  HG3  sing N N 102 
GLU CD  OE1  doub N N 103 
GLU CD  OE2  sing N N 104 
GLU OE2 HE2  sing N N 105 
GLU OXT HXT  sing N N 106 
GLY N   CA   sing N N 107 
GLY N   H    sing N N 108 
GLY N   H2   sing N N 109 
GLY CA  C    sing N N 110 
GLY CA  HA2  sing N N 111 
GLY CA  HA3  sing N N 112 
GLY C   O    doub N N 113 
GLY C   OXT  sing N N 114 
GLY OXT HXT  sing N N 115 
HIS N   CA   sing N N 116 
HIS N   H    sing N N 117 
HIS N   H2   sing N N 118 
HIS CA  C    sing N N 119 
HIS CA  CB   sing N N 120 
HIS CA  HA   sing N N 121 
HIS C   O    doub N N 122 
HIS C   OXT  sing N N 123 
HIS CB  CG   sing N N 124 
HIS CB  HB2  sing N N 125 
HIS CB  HB3  sing N N 126 
HIS CG  ND1  sing Y N 127 
HIS CG  CD2  doub Y N 128 
HIS ND1 CE1  doub Y N 129 
HIS ND1 HD1  sing N N 130 
HIS CD2 NE2  sing Y N 131 
HIS CD2 HD2  sing N N 132 
HIS CE1 NE2  sing Y N 133 
HIS CE1 HE1  sing N N 134 
HIS NE2 HE2  sing N N 135 
HIS OXT HXT  sing N N 136 
HOH O   H1   sing N N 137 
HOH O   H2   sing N N 138 
ILE N   CA   sing N N 139 
ILE N   H    sing N N 140 
ILE N   H2   sing N N 141 
ILE CA  C    sing N N 142 
ILE CA  CB   sing N N 143 
ILE CA  HA   sing N N 144 
ILE C   O    doub N N 145 
ILE C   OXT  sing N N 146 
ILE CB  CG1  sing N N 147 
ILE CB  CG2  sing N N 148 
ILE CB  HB   sing N N 149 
ILE CG1 CD1  sing N N 150 
ILE CG1 HG12 sing N N 151 
ILE CG1 HG13 sing N N 152 
ILE CG2 HG21 sing N N 153 
ILE CG2 HG22 sing N N 154 
ILE CG2 HG23 sing N N 155 
ILE CD1 HD11 sing N N 156 
ILE CD1 HD12 sing N N 157 
ILE CD1 HD13 sing N N 158 
ILE OXT HXT  sing N N 159 
LEU N   CA   sing N N 160 
LEU N   H    sing N N 161 
LEU N   H2   sing N N 162 
LEU CA  C    sing N N 163 
LEU CA  CB   sing N N 164 
LEU CA  HA   sing N N 165 
LEU C   O    doub N N 166 
LEU C   OXT  sing N N 167 
LEU CB  CG   sing N N 168 
LEU CB  HB2  sing N N 169 
LEU CB  HB3  sing N N 170 
LEU CG  CD1  sing N N 171 
LEU CG  CD2  sing N N 172 
LEU CG  HG   sing N N 173 
LEU CD1 HD11 sing N N 174 
LEU CD1 HD12 sing N N 175 
LEU CD1 HD13 sing N N 176 
LEU CD2 HD21 sing N N 177 
LEU CD2 HD22 sing N N 178 
LEU CD2 HD23 sing N N 179 
LEU OXT HXT  sing N N 180 
LYS N   CA   sing N N 181 
LYS N   H    sing N N 182 
LYS N   H2   sing N N 183 
LYS CA  C    sing N N 184 
LYS CA  CB   sing N N 185 
LYS CA  HA   sing N N 186 
LYS C   O    doub N N 187 
LYS C   OXT  sing N N 188 
LYS CB  CG   sing N N 189 
LYS CB  HB2  sing N N 190 
LYS CB  HB3  sing N N 191 
LYS CG  CD   sing N N 192 
LYS CG  HG2  sing N N 193 
LYS CG  HG3  sing N N 194 
LYS CD  CE   sing N N 195 
LYS CD  HD2  sing N N 196 
LYS CD  HD3  sing N N 197 
LYS CE  NZ   sing N N 198 
LYS CE  HE2  sing N N 199 
LYS CE  HE3  sing N N 200 
LYS NZ  HZ1  sing N N 201 
LYS NZ  HZ2  sing N N 202 
LYS NZ  HZ3  sing N N 203 
LYS OXT HXT  sing N N 204 
MET N   CA   sing N N 205 
MET N   H    sing N N 206 
MET N   H2   sing N N 207 
MET CA  C    sing N N 208 
MET CA  CB   sing N N 209 
MET CA  HA   sing N N 210 
MET C   O    doub N N 211 
MET C   OXT  sing N N 212 
MET CB  CG   sing N N 213 
MET CB  HB2  sing N N 214 
MET CB  HB3  sing N N 215 
MET CG  SD   sing N N 216 
MET CG  HG2  sing N N 217 
MET CG  HG3  sing N N 218 
MET SD  CE   sing N N 219 
MET CE  HE1  sing N N 220 
MET CE  HE2  sing N N 221 
MET CE  HE3  sing N N 222 
MET OXT HXT  sing N N 223 
SER N   CA   sing N N 224 
SER N   H    sing N N 225 
SER N   H2   sing N N 226 
SER CA  C    sing N N 227 
SER CA  CB   sing N N 228 
SER CA  HA   sing N N 229 
SER C   O    doub N N 230 
SER C   OXT  sing N N 231 
SER CB  OG   sing N N 232 
SER CB  HB2  sing N N 233 
SER CB  HB3  sing N N 234 
SER OG  HG   sing N N 235 
SER OXT HXT  sing N N 236 
THR N   CA   sing N N 237 
THR N   H    sing N N 238 
THR N   H2   sing N N 239 
THR CA  C    sing N N 240 
THR CA  CB   sing N N 241 
THR CA  HA   sing N N 242 
THR C   O    doub N N 243 
THR C   OXT  sing N N 244 
THR CB  OG1  sing N N 245 
THR CB  CG2  sing N N 246 
THR CB  HB   sing N N 247 
THR OG1 HG1  sing N N 248 
THR CG2 HG21 sing N N 249 
THR CG2 HG22 sing N N 250 
THR CG2 HG23 sing N N 251 
THR OXT HXT  sing N N 252 
TRP N   CA   sing N N 253 
TRP N   H    sing N N 254 
TRP N   H2   sing N N 255 
TRP CA  C    sing N N 256 
TRP CA  CB   sing N N 257 
TRP CA  HA   sing N N 258 
TRP C   O    doub N N 259 
TRP C   OXT  sing N N 260 
TRP CB  CG   sing N N 261 
TRP CB  HB2  sing N N 262 
TRP CB  HB3  sing N N 263 
TRP CG  CD1  doub Y N 264 
TRP CG  CD2  sing Y N 265 
TRP CD1 NE1  sing Y N 266 
TRP CD1 HD1  sing N N 267 
TRP CD2 CE2  doub Y N 268 
TRP CD2 CE3  sing Y N 269 
TRP NE1 CE2  sing Y N 270 
TRP NE1 HE1  sing N N 271 
TRP CE2 CZ2  sing Y N 272 
TRP CE3 CZ3  doub Y N 273 
TRP CE3 HE3  sing N N 274 
TRP CZ2 CH2  doub Y N 275 
TRP CZ2 HZ2  sing N N 276 
TRP CZ3 CH2  sing Y N 277 
TRP CZ3 HZ3  sing N N 278 
TRP CH2 HH2  sing N N 279 
TRP OXT HXT  sing N N 280 
TYR N   CA   sing N N 281 
TYR N   H    sing N N 282 
TYR N   H2   sing N N 283 
TYR CA  C    sing N N 284 
TYR CA  CB   sing N N 285 
TYR CA  HA   sing N N 286 
TYR C   O    doub N N 287 
TYR C   OXT  sing N N 288 
TYR CB  CG   sing N N 289 
TYR CB  HB2  sing N N 290 
TYR CB  HB3  sing N N 291 
TYR CG  CD1  doub Y N 292 
TYR CG  CD2  sing Y N 293 
TYR CD1 CE1  sing Y N 294 
TYR CD1 HD1  sing N N 295 
TYR CD2 CE2  doub Y N 296 
TYR CD2 HD2  sing N N 297 
TYR CE1 CZ   doub Y N 298 
TYR CE1 HE1  sing N N 299 
TYR CE2 CZ   sing Y N 300 
TYR CE2 HE2  sing N N 301 
TYR CZ  OH   sing N N 302 
TYR OH  HH   sing N N 303 
TYR OXT HXT  sing N N 304 
VAL N   CA   sing N N 305 
VAL N   H    sing N N 306 
VAL N   H2   sing N N 307 
VAL CA  C    sing N N 308 
VAL CA  CB   sing N N 309 
VAL CA  HA   sing N N 310 
VAL C   O    doub N N 311 
VAL C   OXT  sing N N 312 
VAL CB  CG1  sing N N 313 
VAL CB  CG2  sing N N 314 
VAL CB  HB   sing N N 315 
VAL CG1 HG11 sing N N 316 
VAL CG1 HG12 sing N N 317 
VAL CG1 HG13 sing N N 318 
VAL CG2 HG21 sing N N 319 
VAL CG2 HG22 sing N N 320 
VAL CG2 HG23 sing N N 321 
VAL OXT HXT  sing N N 322 
# 
_atom_sites.entry_id                    1ENV 
_atom_sites.fract_transf_matrix[1][1]   0.01168335 
_atom_sites.fract_transf_matrix[1][2]   0.01173507 
_atom_sites.fract_transf_matrix[1][3]   -0.01457096 
_atom_sites.fract_transf_matrix[2][1]   -0.00211595 
_atom_sites.fract_transf_matrix[2][2]   0.02194349 
_atom_sites.fract_transf_matrix[2][3]   -0.00071922 
_atom_sites.fract_transf_matrix[3][1]   0.00178208 
_atom_sites.fract_transf_matrix[3][2]   0.00022460 
_atom_sites.fract_transf_matrix[3][3]   0.00160981 
_atom_sites.fract_transf_vector[1]      0.665556 
_atom_sites.fract_transf_vector[2]      0.410913 
_atom_sites.fract_transf_vector[3]      0.480560 
# 
loop_
_atom_type.symbol 
C 
N 
O 
S 
# 
loop_
_atom_site.group_PDB 
_atom_site.id 
_atom_site.type_symbol 
_atom_site.label_atom_id 
_atom_site.label_alt_id 
_atom_site.label_comp_id 
_atom_site.label_asym_id 
_atom_site.label_entity_id 
_atom_site.label_seq_id 
_atom_site.pdbx_PDB_ins_code 
_atom_site.Cartn_x 
_atom_site.Cartn_y 
_atom_site.Cartn_z 
_atom_site.occupancy 
_atom_site.B_iso_or_equiv 
_atom_site.pdbx_formal_charge 
_atom_site.auth_seq_id 
_atom_site.auth_comp_id 
_atom_site.auth_asym_id 
_atom_site.auth_atom_id 
_atom_site.pdbx_PDB_model_num 
ATOM   1   N N   . GLN A 1 3   ? -38.007 -15.297 -45.150 1.00 109.35 ? 1   GLN A N   1 
ATOM   2   C CA  . GLN A 1 3   ? -36.757 -14.931 -44.439 1.00 109.33 ? 1   GLN A CA  1 
ATOM   3   C C   . GLN A 1 3   ? -36.867 -13.829 -43.396 1.00 106.55 ? 1   GLN A C   1 
ATOM   4   O O   . GLN A 1 3   ? -36.001 -13.725 -42.539 1.00 105.06 ? 1   GLN A O   1 
ATOM   5   C CB  . GLN A 1 3   ? -35.629 -14.674 -45.423 1.00 111.01 ? 1   GLN A CB  1 
ATOM   6   C CG  . GLN A 1 3   ? -35.040 -15.978 -45.900 1.00 118.26 ? 1   GLN A CG  1 
ATOM   7   C CD  . GLN A 1 3   ? -34.299 -15.837 -47.193 1.00 123.88 ? 1   GLN A CD  1 
ATOM   8   O OE1 . GLN A 1 3   ? -34.880 -15.990 -48.264 1.00 128.68 ? 1   GLN A OE1 1 
ATOM   9   N NE2 . GLN A 1 3   ? -33.011 -15.542 -47.110 1.00 125.37 ? 1   GLN A NE2 1 
ATOM   10  N N   . ILE A 1 4   ? -37.903 -12.995 -43.471 1.00 103.33 ? 2   ILE A N   1 
ATOM   11  C CA  . ILE A 1 4   ? -38.100 -11.983 -42.436 1.00 99.54  ? 2   ILE A CA  1 
ATOM   12  C C   . ILE A 1 4   ? -38.331 -12.828 -41.191 1.00 99.03  ? 2   ILE A C   1 
ATOM   13  O O   . ILE A 1 4   ? -37.753 -12.586 -40.141 1.00 102.03 ? 2   ILE A O   1 
ATOM   14  C CB  . ILE A 1 4   ? -39.349 -11.111 -42.712 1.00 99.38  ? 2   ILE A CB  1 
ATOM   15  C CG1 . ILE A 1 4   ? -38.923 -9.756  -43.269 1.00 100.52 ? 2   ILE A CG1 1 
ATOM   16  C CG2 . ILE A 1 4   ? -40.185 -10.912 -41.441 1.00 96.80  ? 2   ILE A CG2 1 
ATOM   17  C CD1 . ILE A 1 4   ? -38.186 -8.878  -42.283 1.00 101.17 ? 2   ILE A CD1 1 
ATOM   18  N N   . GLU A 1 5   ? -39.143 -13.867 -41.365 1.00 97.36  ? 3   GLU A N   1 
ATOM   19  C CA  . GLU A 1 5   ? -39.472 -14.821 -40.311 1.00 95.22  ? 3   GLU A CA  1 
ATOM   20  C C   . GLU A 1 5   ? -38.180 -15.381 -39.690 1.00 93.50  ? 3   GLU A C   1 
ATOM   21  O O   . GLU A 1 5   ? -37.964 -15.257 -38.484 1.00 92.16  ? 3   GLU A O   1 
ATOM   22  C CB  . GLU A 1 5   ? -40.285 -15.982 -40.909 1.00 97.33  ? 3   GLU A CB  1 
ATOM   23  C CG  . GLU A 1 5   ? -41.460 -15.591 -41.815 1.00 93.47  ? 3   GLU A CG  1 
ATOM   24  C CD  . GLU A 1 5   ? -42.720 -15.245 -41.041 1.00 92.57  ? 3   GLU A CD  1 
ATOM   25  O OE1 . GLU A 1 5   ? -43.375 -16.167 -40.508 1.00 86.13  ? 3   GLU A OE1 1 
ATOM   26  O OE2 . GLU A 1 5   ? -43.059 -14.047 -40.974 1.00 94.16  ? 3   GLU A OE2 1 
ATOM   27  N N   . ASP A 1 6   ? -37.334 -15.984 -40.531 1.00 92.13  ? 4   ASP A N   1 
ATOM   28  C CA  . ASP A 1 6   ? -36.052 -16.584 -40.117 1.00 91.67  ? 4   ASP A CA  1 
ATOM   29  C C   . ASP A 1 6   ? -35.083 -15.596 -39.453 1.00 92.37  ? 4   ASP A C   1 
ATOM   30  O O   . ASP A 1 6   ? -34.409 -15.930 -38.469 1.00 92.89  ? 4   ASP A O   1 
ATOM   31  C CB  . ASP A 1 6   ? -35.341 -17.240 -41.322 1.00 88.16  ? 4   ASP A CB  1 
ATOM   32  C CG  . ASP A 1 6   ? -35.835 -18.661 -41.624 1.00 84.11  ? 4   ASP A CG  1 
ATOM   33  O OD1 . ASP A 1 6   ? -36.689 -19.191 -40.880 1.00 80.92  ? 4   ASP A OD1 1 
ATOM   34  O OD2 . ASP A 1 6   ? -35.345 -19.259 -42.612 1.00 76.82  ? 4   ASP A OD2 1 
ATOM   35  N N   . LYS A 1 7   ? -34.999 -14.388 -40.005 1.00 90.22  ? 5   LYS A N   1 
ATOM   36  C CA  . LYS A 1 7   ? -34.111 -13.369 -39.470 1.00 86.25  ? 5   LYS A CA  1 
ATOM   37  C C   . LYS A 1 7   ? -34.463 -13.025 -38.024 1.00 85.44  ? 5   LYS A C   1 
ATOM   38  O O   . LYS A 1 7   ? -33.571 -12.867 -37.195 1.00 87.02  ? 5   LYS A O   1 
ATOM   39  C CB  . LYS A 1 7   ? -34.116 -12.123 -40.356 1.00 86.03  ? 5   LYS A CB  1 
ATOM   40  C CG  . LYS A 1 7   ? -32.740 -11.497 -40.502 1.00 85.72  ? 5   LYS A CG  1 
ATOM   41  C CD  . LYS A 1 7   ? -32.446 -11.084 -41.938 1.00 84.40  ? 5   LYS A CD  1 
ATOM   42  C CE  . LYS A 1 7   ? -33.039 -9.725  -42.263 1.00 85.92  ? 5   LYS A CE  1 
ATOM   43  N NZ  . LYS A 1 7   ? -32.711 -9.300  -43.649 1.00 89.61  ? 5   LYS A NZ  1 
ATOM   44  N N   . ILE A 1 8   ? -35.755 -12.968 -37.702 1.00 83.17  ? 6   ILE A N   1 
ATOM   45  C CA  . ILE A 1 8   ? -36.172 -12.664 -36.334 1.00 81.71  ? 6   ILE A CA  1 
ATOM   46  C C   . ILE A 1 8   ? -35.805 -13.808 -35.402 1.00 82.21  ? 6   ILE A C   1 
ATOM   47  O O   . ILE A 1 8   ? -35.636 -13.603 -34.204 1.00 84.88  ? 6   ILE A O   1 
ATOM   48  C CB  . ILE A 1 8   ? -37.679 -12.361 -36.229 1.00 79.92  ? 6   ILE A CB  1 
ATOM   49  C CG1 . ILE A 1 8   ? -38.033 -11.193 -37.147 1.00 79.44  ? 6   ILE A CG1 1 
ATOM   50  C CG2 . ILE A 1 8   ? -38.052 -12.005 -34.805 1.00 77.76  ? 6   ILE A CG2 1 
ATOM   51  C CD1 . ILE A 1 8   ? -36.998 -10.108 -37.164 1.00 76.18  ? 6   ILE A CD1 1 
ATOM   52  N N   . GLU A 1 9   ? -35.684 -15.010 -35.950 1.00 82.92  ? 7   GLU A N   1 
ATOM   53  C CA  . GLU A 1 9   ? -35.293 -16.162 -35.151 1.00 84.12  ? 7   GLU A CA  1 
ATOM   54  C C   . GLU A 1 9   ? -33.811 -15.990 -34.823 1.00 84.48  ? 7   GLU A C   1 
ATOM   55  O O   . GLU A 1 9   ? -33.422 -16.063 -33.661 1.00 84.07  ? 7   GLU A O   1 
ATOM   56  C CB  . GLU A 1 9   ? -35.528 -17.456 -35.915 1.00 84.03  ? 7   GLU A CB  1 
ATOM   57  N N   . GLU A 1 10  ? -33.001 -15.699 -35.841 1.00 84.33  ? 8   GLU A N   1 
ATOM   58  C CA  . GLU A 1 10  ? -31.566 -15.497 -35.649 1.00 85.98  ? 8   GLU A CA  1 
ATOM   59  C C   . GLU A 1 10  ? -31.293 -14.365 -34.671 1.00 83.69  ? 8   GLU A C   1 
ATOM   60  O O   . GLU A 1 10  ? -30.569 -14.545 -33.693 1.00 85.62  ? 8   GLU A O   1 
ATOM   61  C CB  . GLU A 1 10  ? -30.868 -15.195 -36.979 1.00 91.09  ? 8   GLU A CB  1 
ATOM   62  C CG  . GLU A 1 10  ? -30.914 -16.334 -37.988 1.00 103.02 ? 8   GLU A CG  1 
ATOM   63  C CD  . GLU A 1 10  ? -30.364 -17.645 -37.447 1.00 108.86 ? 8   GLU A CD  1 
ATOM   64  O OE1 . GLU A 1 10  ? -29.569 -17.625 -36.476 1.00 109.33 ? 8   GLU A OE1 1 
ATOM   65  O OE2 . GLU A 1 10  ? -30.733 -18.702 -38.010 1.00 112.27 ? 8   GLU A OE2 1 
ATOM   66  N N   . ILE A 1 11  ? -31.852 -13.194 -34.956 1.00 80.47  ? 9   ILE A N   1 
ATOM   67  C CA  . ILE A 1 11  ? -31.684 -12.031 -34.097 1.00 77.70  ? 9   ILE A CA  1 
ATOM   68  C C   . ILE A 1 11  ? -31.942 -12.406 -32.642 1.00 78.24  ? 9   ILE A C   1 
ATOM   69  O O   . ILE A 1 11  ? -31.087 -12.177 -31.784 1.00 83.89  ? 9   ILE A O   1 
ATOM   70  C CB  . ILE A 1 11  ? -32.609 -10.871 -34.540 1.00 77.78  ? 9   ILE A CB  1 
ATOM   71  C CG1 . ILE A 1 11  ? -32.072 -10.247 -35.835 1.00 77.48  ? 9   ILE A CG1 1 
ATOM   72  C CG2 . ILE A 1 11  ? -32.733 -9.828  -33.438 1.00 72.43  ? 9   ILE A CG2 1 
ATOM   73  C CD1 . ILE A 1 11  ? -32.937 -9.136  -36.399 1.00 79.90  ? 9   ILE A CD1 1 
ATOM   74  N N   . LEU A 1 12  ? -33.081 -13.041 -32.377 1.00 76.52  ? 10  LEU A N   1 
ATOM   75  C CA  . LEU A 1 12  ? -33.423 -13.457 -31.018 1.00 78.03  ? 10  LEU A CA  1 
ATOM   76  C C   . LEU A 1 12  ? -32.403 -14.410 -30.391 1.00 78.79  ? 10  LEU A C   1 
ATOM   77  O O   . LEU A 1 12  ? -32.161 -14.362 -29.184 1.00 76.05  ? 10  LEU A O   1 
ATOM   78  C CB  . LEU A 1 12  ? -34.815 -14.097 -30.967 1.00 78.44  ? 10  LEU A CB  1 
ATOM   79  C CG  . LEU A 1 12  ? -35.983 -13.170 -30.640 1.00 77.87  ? 10  LEU A CG  1 
ATOM   80  C CD1 . LEU A 1 12  ? -37.237 -14.000 -30.446 1.00 76.10  ? 10  LEU A CD1 1 
ATOM   81  C CD2 . LEU A 1 12  ? -35.676 -12.387 -29.373 1.00 81.52  ? 10  LEU A CD2 1 
ATOM   82  N N   . SER A 1 13  ? -31.822 -15.286 -31.203 1.00 81.16  ? 11  SER A N   1 
ATOM   83  C CA  . SER A 1 13  ? -30.834 -16.235 -30.705 1.00 83.59  ? 11  SER A CA  1 
ATOM   84  C C   . SER A 1 13  ? -29.558 -15.503 -30.296 1.00 85.16  ? 11  SER A C   1 
ATOM   85  O O   . SER A 1 13  ? -28.994 -15.773 -29.228 1.00 86.73  ? 11  SER A O   1 
ATOM   86  C CB  . SER A 1 13  ? -30.526 -17.300 -31.764 1.00 84.90  ? 11  SER A CB  1 
ATOM   87  O OG  . SER A 1 13  ? -29.758 -18.360 -31.216 1.00 85.55  ? 11  SER A OG  1 
ATOM   88  N N   . LYS A 1 14  ? -29.094 -14.589 -31.146 1.00 83.03  ? 12  LYS A N   1 
ATOM   89  C CA  . LYS A 1 14  ? -27.894 -13.821 -30.843 1.00 81.38  ? 12  LYS A CA  1 
ATOM   90  C C   . LYS A 1 14  ? -28.110 -12.972 -29.594 1.00 81.83  ? 12  LYS A C   1 
ATOM   91  O O   . LYS A 1 14  ? -27.283 -12.982 -28.680 1.00 82.41  ? 12  LYS A O   1 
ATOM   92  C CB  . LYS A 1 14  ? -27.505 -12.921 -32.011 1.00 81.01  ? 12  LYS A CB  1 
ATOM   93  C CG  . LYS A 1 14  ? -26.947 -13.664 -33.197 1.00 87.75  ? 12  LYS A CG  1 
ATOM   94  C CD  . LYS A 1 14  ? -26.300 -12.710 -34.192 1.00 91.74  ? 12  LYS A CD  1 
ATOM   95  C CE  . LYS A 1 14  ? -25.792 -13.465 -35.417 1.00 93.84  ? 12  LYS A CE  1 
ATOM   96  N NZ  . LYS A 1 14  ? -25.014 -12.585 -36.327 1.00 94.57  ? 12  LYS A NZ  1 
ATOM   97  N N   . ILE A 1 15  ? -29.243 -12.280 -29.531 1.00 80.20  ? 13  ILE A N   1 
ATOM   98  C CA  . ILE A 1 15  ? -29.536 -11.435 -28.385 1.00 81.94  ? 13  ILE A CA  1 
ATOM   99  C C   . ILE A 1 15  ? -29.528 -12.232 -27.078 1.00 82.74  ? 13  ILE A C   1 
ATOM   100 O O   . ILE A 1 15  ? -29.098 -11.721 -26.054 1.00 86.62  ? 13  ILE A O   1 
ATOM   101 C CB  . ILE A 1 15  ? -30.872 -10.664 -28.551 1.00 84.09  ? 13  ILE A CB  1 
ATOM   102 C CG1 . ILE A 1 15  ? -30.790 -9.319  -27.822 1.00 87.62  ? 13  ILE A CG1 1 
ATOM   103 C CG2 . ILE A 1 15  ? -32.048 -11.474 -27.988 1.00 86.09  ? 13  ILE A CG2 1 
ATOM   104 C CD1 . ILE A 1 15  ? -32.039 -8.456  -27.964 1.00 87.13  ? 13  ILE A CD1 1 
ATOM   105 N N   . TYR A 1 16  ? -29.956 -13.488 -27.115 1.00 83.31  ? 14  TYR A N   1 
ATOM   106 C CA  . TYR A 1 16  ? -29.966 -14.315 -25.909 1.00 86.38  ? 14  TYR A CA  1 
ATOM   107 C C   . TYR A 1 16  ? -28.553 -14.716 -25.481 1.00 89.95  ? 14  TYR A C   1 
ATOM   108 O O   . TYR A 1 16  ? -28.159 -14.498 -24.333 1.00 93.46  ? 14  TYR A O   1 
ATOM   109 C CB  . TYR A 1 16  ? -30.825 -15.554 -26.115 1.00 83.91  ? 14  TYR A CB  1 
ATOM   110 N N   . HIS A 1 17  ? -27.779 -15.267 -26.414 1.00 90.77  ? 15  HIS A N   1 
ATOM   111 C CA  . HIS A 1 17  ? -26.416 -15.708 -26.107 1.00 89.07  ? 15  HIS A CA  1 
ATOM   112 C C   . HIS A 1 17  ? -25.532 -14.565 -25.654 1.00 85.93  ? 15  HIS A C   1 
ATOM   113 O O   . HIS A 1 17  ? -24.701 -14.749 -24.766 1.00 84.99  ? 15  HIS A O   1 
ATOM   114 C CB  . HIS A 1 17  ? -25.784 -16.438 -27.292 1.00 94.33  ? 15  HIS A CB  1 
ATOM   115 C CG  . HIS A 1 17  ? -26.512 -17.689 -27.690 1.00 102.89 ? 15  HIS A CG  1 
ATOM   116 N ND1 . HIS A 1 17  ? -26.247 -18.367 -28.860 1.00 104.06 ? 15  HIS A ND1 1 
ATOM   117 C CD2 . HIS A 1 17  ? -27.506 -18.370 -27.077 1.00 104.36 ? 15  HIS A CD2 1 
ATOM   118 C CE1 . HIS A 1 17  ? -27.047 -19.411 -28.954 1.00 103.08 ? 15  HIS A CE1 1 
ATOM   119 N NE2 . HIS A 1 17  ? -27.824 -19.441 -27.882 1.00 105.44 ? 15  HIS A NE2 1 
ATOM   120 N N   . ILE A 1 18  ? -25.705 -13.388 -26.253 1.00 82.06  ? 16  ILE A N   1 
ATOM   121 C CA  . ILE A 1 18  ? -24.912 -12.239 -25.842 1.00 79.89  ? 16  ILE A CA  1 
ATOM   122 C C   . ILE A 1 18  ? -25.465 -11.699 -24.523 1.00 79.69  ? 16  ILE A C   1 
ATOM   123 O O   . ILE A 1 18  ? -24.710 -11.218 -23.677 1.00 82.66  ? 16  ILE A O   1 
ATOM   124 C CB  . ILE A 1 18  ? -24.832 -11.110 -26.915 1.00 76.14  ? 16  ILE A CB  1 
ATOM   125 C CG1 . ILE A 1 18  ? -26.104 -10.268 -26.945 1.00 72.98  ? 16  ILE A CG1 1 
ATOM   126 C CG2 . ILE A 1 18  ? -24.528 -11.698 -28.277 1.00 76.33  ? 16  ILE A CG2 1 
ATOM   127 C CD1 . ILE A 1 18  ? -25.999 -9.083  -27.860 1.00 71.22  ? 16  ILE A CD1 1 
ATOM   128 N N   . GLU A 1 19  ? -26.777 -11.809 -24.335 1.00 77.73  ? 17  GLU A N   1 
ATOM   129 C CA  . GLU A 1 19  ? -27.413 -11.357 -23.096 1.00 77.42  ? 17  GLU A CA  1 
ATOM   130 C C   . GLU A 1 19  ? -26.775 -12.160 -21.966 1.00 76.14  ? 17  GLU A C   1 
ATOM   131 O O   . GLU A 1 19  ? -26.680 -11.688 -20.829 1.00 73.36  ? 17  GLU A O   1 
ATOM   132 C CB  . GLU A 1 19  ? -28.926 -11.598 -23.152 1.00 80.37  ? 17  GLU A CB  1 
ATOM   133 C CG  . GLU A 1 19  ? -29.726 -10.983 -22.015 1.00 82.42  ? 17  GLU A CG  1 
ATOM   134 C CD  . GLU A 1 19  ? -31.223 -10.967 -22.286 1.00 84.18  ? 17  GLU A CD  1 
ATOM   135 O OE1 . GLU A 1 19  ? -31.875 -12.022 -22.139 1.00 82.67  ? 17  GLU A OE1 1 
ATOM   136 O OE2 . GLU A 1 19  ? -31.755 -9.888  -22.627 1.00 85.84  ? 17  GLU A OE2 1 
ATOM   137 N N   . ASN A 1 20  ? -26.329 -13.372 -22.298 1.00 74.29  ? 18  ASN A N   1 
ATOM   138 C CA  . ASN A 1 20  ? -25.662 -14.243 -21.338 1.00 73.77  ? 18  ASN A CA  1 
ATOM   139 C C   . ASN A 1 20  ? -24.291 -13.674 -20.997 1.00 72.77  ? 18  ASN A C   1 
ATOM   140 O O   . ASN A 1 20  ? -23.943 -13.563 -19.821 1.00 71.67  ? 18  ASN A O   1 
ATOM   141 C CB  . ASN A 1 20  ? -25.517 -15.658 -21.891 1.00 74.14  ? 18  ASN A CB  1 
ATOM   142 C CG  . ASN A 1 20  ? -26.552 -16.616 -21.333 1.00 75.14  ? 18  ASN A CG  1 
ATOM   143 O OD1 . ASN A 1 20  ? -26.621 -17.770 -21.750 1.00 76.88  ? 18  ASN A OD1 1 
ATOM   144 N ND2 . ASN A 1 20  ? -27.353 -16.150 -20.369 1.00 72.27  ? 18  ASN A ND2 1 
ATOM   145 N N   . GLU A 1 21  ? -23.534 -13.294 -22.027 1.00 70.23  ? 19  GLU A N   1 
ATOM   146 C CA  . GLU A 1 21  ? -22.203 -12.707 -21.866 1.00 66.88  ? 19  GLU A CA  1 
ATOM   147 C C   . GLU A 1 21  ? -22.207 -11.619 -20.804 1.00 66.20  ? 19  GLU A C   1 
ATOM   148 O O   . GLU A 1 21  ? -21.362 -11.618 -19.907 1.00 70.47  ? 19  GLU A O   1 
ATOM   149 C CB  . GLU A 1 21  ? -21.713 -12.100 -23.179 1.00 63.09  ? 19  GLU A CB  1 
ATOM   150 C CG  . GLU A 1 21  ? -21.456 -13.107 -24.264 1.00 62.24  ? 19  GLU A CG  1 
ATOM   151 C CD  . GLU A 1 21  ? -20.289 -14.007 -23.952 1.00 64.20  ? 19  GLU A CD  1 
ATOM   152 O OE1 . GLU A 1 21  ? -20.412 -14.873 -23.055 1.00 59.22  ? 19  GLU A OE1 1 
ATOM   153 O OE2 . GLU A 1 21  ? -19.245 -13.849 -24.621 1.00 67.95  ? 19  GLU A OE2 1 
ATOM   154 N N   . ILE A 1 22  ? -23.152 -10.693 -20.913 1.00 62.24  ? 20  ILE A N   1 
ATOM   155 C CA  . ILE A 1 22  ? -23.261 -9.604  -19.957 1.00 60.14  ? 20  ILE A CA  1 
ATOM   156 C C   . ILE A 1 22  ? -23.379 -10.124 -18.520 1.00 64.30  ? 20  ILE A C   1 
ATOM   157 O O   . ILE A 1 22  ? -22.560 -9.760  -17.670 1.00 70.39  ? 20  ILE A O   1 
ATOM   158 C CB  . ILE A 1 22  ? -24.401 -8.618  -20.343 1.00 53.74  ? 20  ILE A CB  1 
ATOM   159 C CG1 . ILE A 1 22  ? -23.983 -7.838  -21.598 1.00 48.32  ? 20  ILE A CG1 1 
ATOM   160 C CG2 . ILE A 1 22  ? -24.708 -7.642  -19.200 1.00 50.37  ? 20  ILE A CG2 1 
ATOM   161 C CD1 . ILE A 1 22  ? -24.906 -6.696  -21.959 1.00 48.52  ? 20  ILE A CD1 1 
ATOM   162 N N   . ALA A 1 23  ? -24.322 -11.028 -18.254 1.00 62.79  ? 21  ALA A N   1 
ATOM   163 C CA  . ALA A 1 23  ? -24.477 -11.569 -16.900 1.00 62.31  ? 21  ALA A CA  1 
ATOM   164 C C   . ALA A 1 23  ? -23.167 -12.239 -16.444 1.00 63.54  ? 21  ALA A C   1 
ATOM   165 O O   . ALA A 1 23  ? -22.744 -12.090 -15.302 1.00 63.39  ? 21  ALA A O   1 
ATOM   166 C CB  . ALA A 1 23  ? -25.719 -12.436 -16.802 1.00 56.32  ? 21  ALA A CB  1 
ATOM   167 N N   . ARG A 1 24  ? -22.510 -12.973 -17.338 1.00 64.74  ? 22  ARG A N   1 
ATOM   168 C CA  . ARG A 1 24  ? -21.191 -13.572 -17.050 1.00 64.52  ? 22  ARG A CA  1 
ATOM   169 C C   . ARG A 1 24  ? -20.186 -12.525 -16.580 1.00 64.80  ? 22  ARG A C   1 
ATOM   170 O O   . ARG A 1 24  ? -19.630 -12.609 -15.480 1.00 63.49  ? 22  ARG A O   1 
ATOM   171 C CB  . ARG A 1 24  ? -20.666 -14.252 -18.322 1.00 68.56  ? 22  ARG A CB  1 
ATOM   172 C CG  . ARG A 1 24  ? -19.796 -15.471 -18.084 1.00 77.01  ? 22  ARG A CG  1 
ATOM   173 C CD  . ARG A 1 24  ? -20.619 -16.752 -18.083 1.00 84.97  ? 22  ARG A CD  1 
ATOM   174 N NE  . ARG A 1 24  ? -21.708 -16.734 -19.065 1.00 92.99  ? 22  ARG A NE  1 
ATOM   175 C CZ  . ARG A 1 24  ? -21.539 -16.644 -20.384 1.00 94.83  ? 22  ARG A CZ  1 
ATOM   176 N NH1 . ARG A 1 24  ? -20.320 -16.553 -20.897 1.00 95.77  ? 22  ARG A NH1 1 
ATOM   177 N NH2 . ARG A 1 24  ? -22.595 -16.642 -21.190 1.00 93.62  ? 22  ARG A NH2 1 
ATOM   178 N N   . ILE A 1 25  ? -19.998 -11.517 -17.426 1.00 60.92  ? 23  ILE A N   1 
ATOM   179 C CA  . ILE A 1 25  ? -19.092 -10.415 -17.165 1.00 57.66  ? 23  ILE A CA  1 
ATOM   180 C C   . ILE A 1 25  ? -19.400 -9.727  -15.837 1.00 58.59  ? 23  ILE A C   1 
ATOM   181 O O   . ILE A 1 25  ? -18.484 -9.405  -15.089 1.00 63.76  ? 23  ILE A O   1 
ATOM   182 C CB  . ILE A 1 25  ? -19.148 -9.395  -18.317 1.00 53.28  ? 23  ILE A CB  1 
ATOM   183 C CG1 . ILE A 1 25  ? -18.622 -10.048 -19.599 1.00 51.00  ? 23  ILE A CG1 1 
ATOM   184 C CG2 . ILE A 1 25  ? -18.358 -8.133  -17.964 1.00 53.38  ? 23  ILE A CG2 1 
ATOM   185 C CD1 . ILE A 1 25  ? -18.681 -9.143  -20.827 1.00 44.41  ? 23  ILE A CD1 1 
ATOM   186 N N   . LYS A 1 26  ? -20.680 -9.524  -15.528 1.00 57.91  ? 24  LYS A N   1 
ATOM   187 C CA  . LYS A 1 26  ? -21.067 -8.876  -14.270 1.00 58.10  ? 24  LYS A CA  1 
ATOM   188 C C   . LYS A 1 26  ? -20.783 -9.728  -13.026 1.00 57.01  ? 24  LYS A C   1 
ATOM   189 O O   . LYS A 1 26  ? -20.641 -9.200  -11.916 1.00 56.40  ? 24  LYS A O   1 
ATOM   190 C CB  . LYS A 1 26  ? -22.546 -8.469  -14.279 1.00 59.03  ? 24  LYS A CB  1 
ATOM   191 C CG  . LYS A 1 26  ? -22.925 -7.427  -15.319 1.00 63.63  ? 24  LYS A CG  1 
ATOM   192 C CD  . LYS A 1 26  ? -24.176 -6.660  -14.887 1.00 62.24  ? 24  LYS A CD  1 
ATOM   193 C CE  . LYS A 1 26  ? -25.299 -7.605  -14.465 1.00 62.02  ? 24  LYS A CE  1 
ATOM   194 N NZ  . LYS A 1 26  ? -26.466 -6.873  -13.901 1.00 59.48  ? 24  LYS A NZ  1 
ATOM   195 N N   . LYS A 1 27  ? -20.734 -11.046 -13.201 1.00 53.33  ? 25  LYS A N   1 
ATOM   196 C CA  . LYS A 1 27  ? -20.459 -11.939 -12.089 1.00 51.29  ? 25  LYS A CA  1 
ATOM   197 C C   . LYS A 1 27  ? -18.976 -11.789 -11.787 1.00 50.14  ? 25  LYS A C   1 
ATOM   198 O O   . LYS A 1 27  ? -18.588 -11.457 -10.669 1.00 47.88  ? 25  LYS A O   1 
ATOM   199 C CB  . LYS A 1 27  ? -20.771 -13.382 -12.468 1.00 51.49  ? 25  LYS A CB  1 
ATOM   200 C CG  . LYS A 1 27  ? -20.741 -14.327 -11.294 1.00 63.37  ? 25  LYS A CG  1 
ATOM   201 C CD  . LYS A 1 27  ? -20.930 -15.755 -11.756 1.00 71.56  ? 25  LYS A CD  1 
ATOM   202 C CE  . LYS A 1 27  ? -21.045 -16.706 -10.574 1.00 79.75  ? 25  LYS A CE  1 
ATOM   203 N NZ  . LYS A 1 27  ? -21.271 -18.100 -11.046 1.00 84.85  ? 25  LYS A NZ  1 
ATOM   204 N N   . LEU A 1 28  ? -18.152 -12.015 -12.803 1.00 45.79  ? 26  LEU A N   1 
ATOM   205 C CA  . LEU A 1 28  ? -16.711 -11.888 -12.676 1.00 41.25  ? 26  LEU A CA  1 
ATOM   206 C C   . LEU A 1 28  ? -16.365 -10.516 -12.091 1.00 45.39  ? 26  LEU A C   1 
ATOM   207 O O   . LEU A 1 28  ? -15.541 -10.415 -11.182 1.00 53.27  ? 26  LEU A O   1 
ATOM   208 C CB  . LEU A 1 28  ? -16.055 -12.089 -14.039 1.00 35.16  ? 26  LEU A CB  1 
ATOM   209 C CG  . LEU A 1 28  ? -14.589 -11.712 -14.235 1.00 43.08  ? 26  LEU A CG  1 
ATOM   210 C CD1 . LEU A 1 28  ? -13.950 -12.663 -15.232 1.00 39.26  ? 26  LEU A CD1 1 
ATOM   211 C CD2 . LEU A 1 28  ? -14.462 -10.256 -14.698 1.00 43.47  ? 26  LEU A CD2 1 
ATOM   212 N N   . ILE A 1 29  ? -17.002 -9.466  -12.595 1.00 40.61  ? 27  ILE A N   1 
ATOM   213 C CA  . ILE A 1 29  ? -16.752 -8.122  -12.090 1.00 38.67  ? 27  ILE A CA  1 
ATOM   214 C C   . ILE A 1 29  ? -17.099 -8.034  -10.594 1.00 42.26  ? 27  ILE A C   1 
ATOM   215 O O   . ILE A 1 29  ? -16.470 -7.282  -9.845  1.00 42.64  ? 27  ILE A O   1 
ATOM   216 C CB  . ILE A 1 29  ? -17.527 -7.057  -12.929 1.00 37.33  ? 27  ILE A CB  1 
ATOM   217 C CG1 . ILE A 1 29  ? -16.658 -6.574  -14.088 1.00 34.10  ? 27  ILE A CG1 1 
ATOM   218 C CG2 . ILE A 1 29  ? -17.988 -5.879  -12.072 1.00 38.96  ? 27  ILE A CG2 1 
ATOM   219 C CD1 . ILE A 1 29  ? -17.333 -5.546  -14.947 1.00 38.17  ? 27  ILE A CD1 1 
ATOM   220 N N   . GLY A 1 30  ? -18.091 -8.810  -10.161 1.00 45.36  ? 28  GLY A N   1 
ATOM   221 C CA  . GLY A 1 30  ? -18.485 -8.805  -8.762  1.00 48.77  ? 28  GLY A CA  1 
ATOM   222 C C   . GLY A 1 30  ? -17.294 -9.343  -7.949  1.00 53.23  ? 28  GLY A C   1 
ATOM   223 O O   . GLY A 1 30  ? -16.803 -8.684  -7.036  1.00 54.75  ? 28  GLY A O   1 
ATOM   224 N N   . GLU A 1 31  ? -16.827 -10.546 -8.326  1.00 54.46  ? 29  GLU A N   1 
ATOM   225 C CA  . GLU A 1 31  ? -15.674 -11.198 -7.682  1.00 52.05  ? 29  GLU A CA  1 
ATOM   226 C C   . GLU A 1 31  ? -14.456 -10.281 -7.568  1.00 46.85  ? 29  GLU A C   1 
ATOM   227 O O   . GLU A 1 31  ? -13.934 -10.036 -6.480  1.00 48.39  ? 29  GLU A O   1 
ATOM   228 C CB  . GLU A 1 31  ? -15.257 -12.465 -8.438  1.00 55.17  ? 29  GLU A CB  1 
ATOM   229 C CG  . GLU A 1 31  ? -16.389 -13.158 -9.178  1.00 64.80  ? 29  GLU A CG  1 
ATOM   230 C CD  . GLU A 1 31  ? -16.905 -14.379 -8.442  1.00 69.75  ? 29  GLU A CD  1 
ATOM   231 O OE1 . GLU A 1 31  ? -17.736 -14.208 -7.525  1.00 71.99  ? 29  GLU A OE1 1 
ATOM   232 O OE2 . GLU A 1 31  ? -16.480 -15.504 -8.781  1.00 72.58  ? 29  GLU A OE2 1 
ATOM   233 N N   . ALA A 1 32  ? -14.012 -9.780  -8.713  1.00 40.90  ? 30  ALA A N   1 
ATOM   234 C CA  . ALA A 1 32  ? -12.875 -8.878  -8.780  1.00 44.88  ? 30  ALA A CA  1 
ATOM   235 C C   . ALA A 1 32  ? -12.992 -7.653  -7.867  1.00 46.78  ? 30  ALA A C   1 
ATOM   236 O O   . ALA A 1 32  ? -11.976 -7.035  -7.532  1.00 50.20  ? 30  ALA A O   1 
ATOM   237 C CB  . ALA A 1 32  ? -12.636 -8.444  -10.215 1.00 44.02  ? 30  ALA A CB  1 
ATOM   238 N N   . ARG A 1 33  ? -14.209 -7.260  -7.500  1.00 46.42  ? 31  ARG A N   1 
ATOM   239 C CA  . ARG A 1 33  ? -14.366 -6.121  -6.599  1.00 46.32  ? 31  ARG A CA  1 
ATOM   240 C C   . ARG A 1 33  ? -13.819 -6.552  -5.233  1.00 47.11  ? 31  ARG A C   1 
ATOM   241 O O   . ARG A 1 33  ? -13.090 -5.786  -4.594  1.00 47.94  ? 31  ARG A O   1 
ATOM   242 C CB  . ARG A 1 33  ? -15.835 -5.681  -6.493  1.00 44.62  ? 31  ARG A CB  1 
ATOM   243 N N   . GLN A 1 34  ? -14.091 -7.803  -4.844  1.00 43.08  ? 32  GLN A N   1 
ATOM   244 C CA  . GLN A 1 34  ? -13.618 -8.330  -3.557  1.00 44.27  ? 32  GLN A CA  1 
ATOM   245 C C   . GLN A 1 34  ? -12.112 -8.381  -3.475  1.00 43.14  ? 32  GLN A C   1 
ATOM   246 O O   . GLN A 1 34  ? -11.519 -7.804  -2.565  1.00 42.70  ? 32  GLN A O   1 
ATOM   247 C CB  . GLN A 1 34  ? -14.197 -9.711  -3.246  1.00 48.18  ? 32  GLN A CB  1 
ATOM   248 C CG  . GLN A 1 34  ? -15.707 -9.763  -3.270  1.00 66.69  ? 32  GLN A CG  1 
ATOM   249 C CD  . GLN A 1 34  ? -16.364 -8.674  -2.435  1.00 75.44  ? 32  GLN A CD  1 
ATOM   250 O OE1 . GLN A 1 34  ? -15.783 -7.620  -2.173  1.00 79.82  ? 32  GLN A OE1 1 
ATOM   251 N NE2 . GLN A 1 34  ? -17.597 -8.917  -2.029  1.00 79.99  ? 32  GLN A NE2 1 
ATOM   252 N N   . LEU A 1 35  ? -11.487 -9.032  -4.447  1.00 38.57  ? 33  LEU A N   1 
ATOM   253 C CA  . LEU A 1 35  ? -10.034 -9.138  -4.485  1.00 35.37  ? 33  LEU A CA  1 
ATOM   254 C C   . LEU A 1 35  ? -9.367  -7.753  -4.487  1.00 35.25  ? 33  LEU A C   1 
ATOM   255 O O   . LEU A 1 35  ? -8.256  -7.581  -3.982  1.00 40.32  ? 33  LEU A O   1 
ATOM   256 C CB  . LEU A 1 35  ? -9.614  -9.945  -5.715  1.00 29.37  ? 33  LEU A CB  1 
ATOM   257 C CG  . LEU A 1 35  ? -8.120  -9.977  -5.997  1.00 32.46  ? 33  LEU A CG  1 
ATOM   258 C CD1 . LEU A 1 35  ? -7.382  -10.576 -4.810  1.00 35.24  ? 33  LEU A CD1 1 
ATOM   259 C CD2 . LEU A 1 35  ? -7.856  -10.768 -7.256  1.00 35.91  ? 33  LEU A CD2 1 
ATOM   260 N N   . LEU A 1 36  ? -10.064 -6.763  -5.023  1.00 38.61  ? 34  LEU A N   1 
ATOM   261 C CA  . LEU A 1 36  ? -9.536  -5.402  -5.099  1.00 38.01  ? 34  LEU A CA  1 
ATOM   262 C C   . LEU A 1 36  ? -9.556  -4.735  -3.730  1.00 35.44  ? 34  LEU A C   1 
ATOM   263 O O   . LEU A 1 36  ? -8.660  -3.963  -3.404  1.00 37.72  ? 34  LEU A O   1 
ATOM   264 C CB  . LEU A 1 36  ? -10.336 -4.574  -6.105  1.00 38.80  ? 34  LEU A CB  1 
ATOM   265 C CG  . LEU A 1 36  ? -9.451  -3.722  -7.008  1.00 41.69  ? 34  LEU A CG  1 
ATOM   266 C CD1 . LEU A 1 36  ? -8.779  -4.599  -8.052  1.00 41.23  ? 34  LEU A CD1 1 
ATOM   267 C CD2 . LEU A 1 36  ? -10.274 -2.654  -7.666  1.00 42.02  ? 34  LEU A CD2 1 
ATOM   268 N N   . SER A 1 37  ? -10.597 -4.985  -2.945  1.00 28.51  ? 35  SER A N   1 
ATOM   269 C CA  . SER A 1 37  ? -10.652 -4.397  -1.616  1.00 34.68  ? 35  SER A CA  1 
ATOM   270 C C   . SER A 1 37  ? -9.598  -5.112  -0.768  1.00 36.11  ? 35  SER A C   1 
ATOM   271 O O   . SER A 1 37  ? -8.958  -4.497  0.072   1.00 39.77  ? 35  SER A O   1 
ATOM   272 C CB  . SER A 1 37  ? -12.037 -4.542  -0.993  1.00 29.94  ? 35  SER A CB  1 
ATOM   273 O OG  . SER A 1 37  ? -12.370 -5.906  -0.825  1.00 41.98  ? 35  SER A OG  1 
ATOM   274 N N   . GLY A 1 38  ? -9.404  -6.405  -1.020  1.00 36.50  ? 36  GLY A N   1 
ATOM   275 C CA  . GLY A 1 38  ? -8.409  -7.182  -0.299  1.00 34.84  ? 36  GLY A CA  1 
ATOM   276 C C   . GLY A 1 38  ? -7.006  -6.654  -0.566  1.00 36.78  ? 36  GLY A C   1 
ATOM   277 O O   . GLY A 1 38  ? -6.160  -6.663  0.328   1.00 33.45  ? 36  GLY A O   1 
ATOM   278 N N   . ILE A 1 39  ? -6.749  -6.207  -1.794  1.00 32.41  ? 37  ILE A N   1 
ATOM   279 C CA  . ILE A 1 39  ? -5.447  -5.656  -2.139  1.00 30.07  ? 37  ILE A CA  1 
ATOM   280 C C   . ILE A 1 39  ? -5.259  -4.290  -1.481  1.00 32.92  ? 37  ILE A C   1 
ATOM   281 O O   . ILE A 1 39  ? -4.156  -3.951  -1.041  1.00 39.37  ? 37  ILE A O   1 
ATOM   282 C CB  . ILE A 1 39  ? -5.278  -5.538  -3.646  1.00 28.66  ? 37  ILE A CB  1 
ATOM   283 C CG1 . ILE A 1 39  ? -5.050  -6.931  -4.231  1.00 30.47  ? 37  ILE A CG1 1 
ATOM   284 C CG2 . ILE A 1 39  ? -4.116  -4.614  -3.998  1.00 22.97  ? 37  ILE A CG2 1 
ATOM   285 C CD1 . ILE A 1 39  ? -4.969  -6.938  -5.736  1.00 31.82  ? 37  ILE A CD1 1 
ATOM   286 N N   . VAL A 1 40  ? -6.333  -3.517  -1.394  1.00 29.96  ? 38  VAL A N   1 
ATOM   287 C CA  . VAL A 1 40  ? -6.254  -2.203  -0.772  1.00 27.61  ? 38  VAL A CA  1 
ATOM   288 C C   . VAL A 1 40  ? -6.051  -2.302  0.747   1.00 29.57  ? 38  VAL A C   1 
ATOM   289 O O   . VAL A 1 40  ? -5.263  -1.545  1.321   1.00 32.02  ? 38  VAL A O   1 
ATOM   290 C CB  . VAL A 1 40  ? -7.474  -1.308  -1.169  1.00 23.80  ? 38  VAL A CB  1 
ATOM   291 C CG1 . VAL A 1 40  ? -7.581  -0.068  -0.272  1.00 18.14  ? 38  VAL A CG1 1 
ATOM   292 C CG2 . VAL A 1 40  ? -7.318  -0.868  -2.616  1.00 19.59  ? 38  VAL A CG2 1 
ATOM   293 N N   . GLN A 1 41  ? -6.725  -3.251  1.391   1.00 31.46  ? 39  GLN A N   1 
ATOM   294 C CA  . GLN A 1 41  ? -6.587  -3.435  2.828   1.00 32.35  ? 39  GLN A CA  1 
ATOM   295 C C   . GLN A 1 41  ? -5.169  -3.915  3.108   1.00 35.58  ? 39  GLN A C   1 
ATOM   296 O O   . GLN A 1 41  ? -4.498  -3.394  3.995   1.00 36.13  ? 39  GLN A O   1 
ATOM   297 C CB  . GLN A 1 41  ? -7.594  -4.447  3.343   1.00 34.08  ? 39  GLN A CB  1 
ATOM   298 C CG  . GLN A 1 41  ? -7.731  -4.438  4.851   1.00 56.24  ? 39  GLN A CG  1 
ATOM   299 C CD  . GLN A 1 41  ? -8.751  -5.450  5.328   1.00 70.12  ? 39  GLN A CD  1 
ATOM   300 O OE1 . GLN A 1 41  ? -9.621  -5.887  4.563   1.00 75.98  ? 39  GLN A OE1 1 
ATOM   301 N NE2 . GLN A 1 41  ? -8.657  -5.834  6.596   1.00 76.71  ? 39  GLN A NE2 1 
ATOM   302 N N   . GLN A 1 42  ? -4.707  -4.884  2.322   1.00 33.82  ? 40  GLN A N   1 
ATOM   303 C CA  . GLN A 1 42  ? -3.360  -5.432  2.447   1.00 27.91  ? 40  GLN A CA  1 
ATOM   304 C C   . GLN A 1 42  ? -2.323  -4.325  2.433   1.00 29.63  ? 40  GLN A C   1 
ATOM   305 O O   . GLN A 1 42  ? -1.320  -4.398  3.133   1.00 36.78  ? 40  GLN A O   1 
ATOM   306 C CB  . GLN A 1 42  ? -3.070  -6.368  1.282   1.00 29.95  ? 40  GLN A CB  1 
ATOM   307 C CG  . GLN A 1 42  ? -1.688  -6.975  1.310   1.00 24.70  ? 40  GLN A CG  1 
ATOM   308 C CD  . GLN A 1 42  ? -1.566  -8.014  2.382   1.00 26.82  ? 40  GLN A CD  1 
ATOM   309 O OE1 . GLN A 1 42  ? -1.970  -7.794  3.528   1.00 33.78  ? 40  GLN A OE1 1 
ATOM   310 N NE2 . GLN A 1 42  ? -1.076  -9.186  2.010   1.00 25.88  ? 40  GLN A NE2 1 
ATOM   311 N N   . GLN A 1 43  ? -2.553  -3.305  1.624   1.00 24.40  ? 41  GLN A N   1 
ATOM   312 C CA  . GLN A 1 43  ? -1.601  -2.211  1.540   1.00 29.32  ? 41  GLN A CA  1 
ATOM   313 C C   . GLN A 1 43  ? -1.630  -1.304  2.750   1.00 32.01  ? 41  GLN A C   1 
ATOM   314 O O   . GLN A 1 43  ? -0.624  -0.676  3.074   1.00 27.54  ? 41  GLN A O   1 
ATOM   315 C CB  . GLN A 1 43  ? -1.819  -1.406  0.277   1.00 29.61  ? 41  GLN A CB  1 
ATOM   316 C CG  . GLN A 1 43  ? -1.678  -2.256  -0.931  1.00 32.24  ? 41  GLN A CG  1 
ATOM   317 C CD  . GLN A 1 43  ? -1.290  -1.459  -2.116  1.00 36.32  ? 41  GLN A CD  1 
ATOM   318 O OE1 . GLN A 1 43  ? -2.013  -0.561  -2.530  1.00 39.71  ? 41  GLN A OE1 1 
ATOM   319 N NE2 . GLN A 1 43  ? -0.120  -1.747  -2.659  1.00 38.87  ? 41  GLN A NE2 1 
ATOM   320 N N   . ASN A 1 44  ? -2.791  -1.190  3.388   1.00 32.80  ? 42  ASN A N   1 
ATOM   321 C CA  . ASN A 1 44  ? -2.882  -0.368  4.584   1.00 32.65  ? 42  ASN A CA  1 
ATOM   322 C C   . ASN A 1 44  ? -2.089  -1.092  5.684   1.00 33.20  ? 42  ASN A C   1 
ATOM   323 O O   . ASN A 1 44  ? -1.419  -0.467  6.510   1.00 31.10  ? 42  ASN A O   1 
ATOM   324 C CB  . ASN A 1 44  ? -4.336  -0.192  5.022   1.00 32.57  ? 42  ASN A CB  1 
ATOM   325 C CG  . ASN A 1 44  ? -4.452  0.573   6.335   1.00 40.28  ? 42  ASN A CG  1 
ATOM   326 O OD1 . ASN A 1 44  ? -4.967  0.064   7.326   1.00 45.50  ? 42  ASN A OD1 1 
ATOM   327 N ND2 . ASN A 1 44  ? -3.928  1.793   6.353   1.00 44.39  ? 42  ASN A ND2 1 
ATOM   328 N N   . ASN A 1 45  ? -2.152  -2.420  5.649   1.00 28.40  ? 43  ASN A N   1 
ATOM   329 C CA  . ASN A 1 45  ? -1.464  -3.268  6.600   1.00 25.37  ? 43  ASN A CA  1 
ATOM   330 C C   . ASN A 1 45  ? 0.034   -3.192  6.396   1.00 29.95  ? 43  ASN A C   1 
ATOM   331 O O   . ASN A 1 45  ? 0.795   -2.976  7.344   1.00 32.34  ? 43  ASN A O   1 
ATOM   332 C CB  . ASN A 1 45  ? -1.926  -4.702  6.451   1.00 21.58  ? 43  ASN A CB  1 
ATOM   333 C CG  . ASN A 1 45  ? -3.180  -4.979  7.229   1.00 24.03  ? 43  ASN A CG  1 
ATOM   334 O OD1 . ASN A 1 45  ? -3.579  -4.198  8.097   1.00 33.17  ? 43  ASN A OD1 1 
ATOM   335 N ND2 . ASN A 1 45  ? -3.817  -6.095  6.931   1.00 36.65  ? 43  ASN A ND2 1 
ATOM   336 N N   . LEU A 1 46  ? 0.458   -3.348  5.148   1.00 29.05  ? 44  LEU A N   1 
ATOM   337 C CA  . LEU A 1 46  ? 1.873   -3.290  4.808   1.00 27.20  ? 44  LEU A CA  1 
ATOM   338 C C   . LEU A 1 46  ? 2.477   -1.938  5.211   1.00 28.70  ? 44  LEU A C   1 
ATOM   339 O O   . LEU A 1 46  ? 3.628   -1.867  5.639   1.00 32.41  ? 44  LEU A O   1 
ATOM   340 C CB  . LEU A 1 46  ? 2.040   -3.534  3.308   1.00 26.97  ? 44  LEU A CB  1 
ATOM   341 C CG  . LEU A 1 46  ? 2.630   -4.867  2.832   1.00 30.90  ? 44  LEU A CG  1 
ATOM   342 C CD1 . LEU A 1 46  ? 2.126   -6.040  3.649   1.00 29.54  ? 44  LEU A CD1 1 
ATOM   343 C CD2 . LEU A 1 46  ? 2.339   -5.047  1.353   1.00 26.78  ? 44  LEU A CD2 1 
ATOM   344 N N   . LEU A 1 47  ? 1.689   -0.874  5.096   1.00 25.88  ? 45  LEU A N   1 
ATOM   345 C CA  . LEU A 1 47  ? 2.144   0.470   5.455   1.00 23.76  ? 45  LEU A CA  1 
ATOM   346 C C   . LEU A 1 47  ? 2.284   0.650   6.965   1.00 26.74  ? 45  LEU A C   1 
ATOM   347 O O   . LEU A 1 47  ? 3.199   1.328   7.430   1.00 26.72  ? 45  LEU A O   1 
ATOM   348 C CB  . LEU A 1 47  ? 1.176   1.535   4.915   1.00 19.83  ? 45  LEU A CB  1 
ATOM   349 C CG  . LEU A 1 47  ? 1.507   2.988   5.276   1.00 19.81  ? 45  LEU A CG  1 
ATOM   350 C CD1 . LEU A 1 47  ? 2.867   3.363   4.738   1.00 17.59  ? 45  LEU A CD1 1 
ATOM   351 C CD2 . LEU A 1 47  ? 0.461   3.929   4.731   1.00 22.09  ? 45  LEU A CD2 1 
ATOM   352 N N   . ARG A 1 48  ? 1.349   0.087   7.721   1.00 27.71  ? 46  ARG A N   1 
ATOM   353 C CA  . ARG A 1 48  ? 1.371   0.206   9.166   1.00 27.43  ? 46  ARG A CA  1 
ATOM   354 C C   . ARG A 1 48  ? 2.547   -0.533  9.743   1.00 28.88  ? 46  ARG A C   1 
ATOM   355 O O   . ARG A 1 48  ? 3.118   -0.085  10.723  1.00 31.72  ? 46  ARG A O   1 
ATOM   356 C CB  . ARG A 1 48  ? 0.055   -0.269  9.761   1.00 31.90  ? 46  ARG A CB  1 
ATOM   357 C CG  . ARG A 1 48  ? -1.045  0.776   9.626   1.00 40.33  ? 46  ARG A CG  1 
ATOM   358 C CD  . ARG A 1 48  ? -2.440  0.190   9.814   1.00 49.83  ? 46  ARG A CD  1 
ATOM   359 N NE  . ARG A 1 48  ? -2.637  -0.444  11.117  1.00 58.36  ? 46  ARG A NE  1 
ATOM   360 C CZ  . ARG A 1 48  ? -3.479  -1.453  11.341  1.00 63.95  ? 46  ARG A CZ  1 
ATOM   361 N NH1 . ARG A 1 48  ? -4.210  -1.959  10.347  1.00 62.03  ? 46  ARG A NH1 1 
ATOM   362 N NH2 . ARG A 1 48  ? -3.596  -1.956  12.564  1.00 66.30  ? 46  ARG A NH2 1 
ATOM   363 N N   . ALA A 1 49  ? 2.928   -1.641  9.114   1.00 25.92  ? 47  ALA A N   1 
ATOM   364 C CA  . ALA A 1 49  ? 4.078   -2.422  9.561   1.00 26.58  ? 47  ALA A CA  1 
ATOM   365 C C   . ALA A 1 49  ? 5.317   -1.579  9.329   1.00 26.11  ? 47  ALA A C   1 
ATOM   366 O O   . ALA A 1 49  ? 6.157   -1.443  10.211  1.00 31.65  ? 47  ALA A O   1 
ATOM   367 C CB  . ALA A 1 49  ? 4.186   -3.714  8.780   1.00 22.14  ? 47  ALA A CB  1 
ATOM   368 N N   . ILE A 1 50  ? 5.403   -0.999  8.139   1.00 26.91  ? 48  ILE A N   1 
ATOM   369 C CA  . ILE A 1 50  ? 6.515   -0.134  7.750   1.00 25.92  ? 48  ILE A CA  1 
ATOM   370 C C   . ILE A 1 50  ? 6.650   1.066   8.710   1.00 26.99  ? 48  ILE A C   1 
ATOM   371 O O   . ILE A 1 50  ? 7.762   1.457   9.083   1.00 32.03  ? 48  ILE A O   1 
ATOM   372 C CB  . ILE A 1 50  ? 6.353   0.324   6.271   1.00 23.21  ? 48  ILE A CB  1 
ATOM   373 C CG1 . ILE A 1 50  ? 6.653   -0.849  5.330   1.00 22.71  ? 48  ILE A CG1 1 
ATOM   374 C CG2 . ILE A 1 50  ? 7.243   1.524   5.973   1.00 23.39  ? 48  ILE A CG2 1 
ATOM   375 C CD1 . ILE A 1 50  ? 6.461   -0.540  3.882   1.00 21.04  ? 48  ILE A CD1 1 
ATOM   376 N N   . GLU A 1 51  ? 5.525   1.626   9.139   1.00 26.11  ? 49  GLU A N   1 
ATOM   377 C CA  . GLU A 1 51  ? 5.547   2.743   10.073  1.00 28.36  ? 49  GLU A CA  1 
ATOM   378 C C   . GLU A 1 51  ? 6.182   2.263   11.376  1.00 29.81  ? 49  GLU A C   1 
ATOM   379 O O   . GLU A 1 51  ? 7.155   2.844   11.849  1.00 35.61  ? 49  GLU A O   1 
ATOM   380 C CB  . GLU A 1 51  ? 4.138   3.220   10.387  1.00 29.37  ? 49  GLU A CB  1 
ATOM   381 C CG  . GLU A 1 51  ? 3.646   4.346   9.559   1.00 43.03  ? 49  GLU A CG  1 
ATOM   382 C CD  . GLU A 1 51  ? 2.316   4.843   10.069  1.00 55.52  ? 49  GLU A CD  1 
ATOM   383 O OE1 . GLU A 1 51  ? 2.310   5.557   11.096  1.00 61.09  ? 49  GLU A OE1 1 
ATOM   384 O OE2 . GLU A 1 51  ? 1.276   4.517   9.454   1.00 53.39  ? 49  GLU A OE2 1 
ATOM   385 N N   . ALA A 1 52  ? 5.610   1.208   11.952  1.00 27.78  ? 50  ALA A N   1 
ATOM   386 C CA  . ALA A 1 52  ? 6.080   0.618   13.202  1.00 27.73  ? 50  ALA A CA  1 
ATOM   387 C C   . ALA A 1 52  ? 7.563   0.263   13.130  1.00 32.50  ? 50  ALA A C   1 
ATOM   388 O O   . ALA A 1 52  ? 8.329   0.536   14.076  1.00 35.77  ? 50  ALA A O   1 
ATOM   389 C CB  . ALA A 1 52  ? 5.260   -0.613  13.529  1.00 23.63  ? 50  ALA A CB  1 
ATOM   390 N N   . GLN A 1 53  ? 7.989   -0.296  12.002  1.00 29.18  ? 51  GLN A N   1 
ATOM   391 C CA  . GLN A 1 53  ? 9.393   -0.651  11.858  1.00 29.18  ? 51  GLN A CA  1 
ATOM   392 C C   . GLN A 1 53  ? 10.275  0.568   11.894  1.00 29.83  ? 51  GLN A C   1 
ATOM   393 O O   . GLN A 1 53  ? 11.414  0.503   12.372  1.00 32.51  ? 51  GLN A O   1 
ATOM   394 C CB  . GLN A 1 53  ? 9.634   -1.485  10.611  1.00 30.95  ? 51  GLN A CB  1 
ATOM   395 C CG  . GLN A 1 53  ? 9.162   -2.926  10.798  1.00 34.71  ? 51  GLN A CG  1 
ATOM   396 C CD  . GLN A 1 53  ? 9.701   -3.860  9.747   1.00 35.50  ? 51  GLN A CD  1 
ATOM   397 O OE1 . GLN A 1 53  ? 10.127  -3.430  8.678   1.00 35.40  ? 51  GLN A OE1 1 
ATOM   398 N NE2 . GLN A 1 53  ? 9.688   -5.153  10.041  1.00 40.81  ? 51  GLN A NE2 1 
ATOM   399 N N   . GLN A 1 54  ? 9.736   1.694   11.446  1.00 30.62  ? 52  GLN A N   1 
ATOM   400 C CA  . GLN A 1 54  ? 10.499  2.927   11.492  1.00 32.65  ? 52  GLN A CA  1 
ATOM   401 C C   . GLN A 1 54  ? 10.652  3.397   12.949  1.00 31.24  ? 52  GLN A C   1 
ATOM   402 O O   . GLN A 1 54  ? 11.698  3.909   13.306  1.00 31.16  ? 52  GLN A O   1 
ATOM   403 C CB  . GLN A 1 54  ? 9.854   4.012   10.629  1.00 30.08  ? 52  GLN A CB  1 
ATOM   404 C CG  . GLN A 1 54  ? 10.674  5.294   10.558  1.00 34.29  ? 52  GLN A CG  1 
ATOM   405 C CD  . GLN A 1 54  ? 12.049  5.078   9.961   1.00 36.48  ? 52  GLN A CD  1 
ATOM   406 O OE1 . GLN A 1 54  ? 12.330  4.034   9.376   1.00 43.61  ? 52  GLN A OE1 1 
ATOM   407 N NE2 . GLN A 1 54  ? 12.917  6.066   10.108  1.00 28.70  ? 52  GLN A NE2 1 
ATOM   408 N N   . HIS A 1 55  ? 9.621   3.232   13.788  1.00 32.59  ? 53  HIS A N   1 
ATOM   409 C CA  . HIS A 1 55  ? 9.734   3.649   15.187  1.00 38.84  ? 53  HIS A CA  1 
ATOM   410 C C   . HIS A 1 55  ? 10.780  2.780   15.815  1.00 39.46  ? 53  HIS A C   1 
ATOM   411 O O   . HIS A 1 55  ? 11.609  3.259   16.588  1.00 38.04  ? 53  HIS A O   1 
ATOM   412 C CB  . HIS A 1 55  ? 8.426   3.504   15.963  1.00 43.75  ? 53  HIS A CB  1 
ATOM   413 C CG  . HIS A 1 55  ? 7.365   4.473   15.544  1.00 63.98  ? 53  HIS A CG  1 
ATOM   414 N ND1 . HIS A 1 55  ? 7.540   5.844   15.610  1.00 69.16  ? 53  HIS A ND1 1 
ATOM   415 C CD2 . HIS A 1 55  ? 6.152   4.275   14.997  1.00 71.09  ? 53  HIS A CD2 1 
ATOM   416 C CE1 . HIS A 1 55  ? 6.474   6.441   15.115  1.00 70.53  ? 53  HIS A CE1 1 
ATOM   417 N NE2 . HIS A 1 55  ? 5.613   5.512   14.734  1.00 73.11  ? 53  HIS A NE2 1 
ATOM   418 N N   . LEU A 1 56  ? 10.742  1.499   15.468  1.00 37.55  ? 54  LEU A N   1 
ATOM   419 C CA  . LEU A 1 56  ? 11.708  0.550   15.978  1.00 34.61  ? 54  LEU A CA  1 
ATOM   420 C C   . LEU A 1 56  ? 13.122  1.022   15.585  1.00 36.51  ? 54  LEU A C   1 
ATOM   421 O O   . LEU A 1 56  ? 13.990  1.139   16.459  1.00 44.80  ? 54  LEU A O   1 
ATOM   422 C CB  . LEU A 1 56  ? 11.414  -0.849  15.444  1.00 29.80  ? 54  LEU A CB  1 
ATOM   423 C CG  . LEU A 1 56  ? 11.748  -1.985  16.410  1.00 35.65  ? 54  LEU A CG  1 
ATOM   424 C CD1 . LEU A 1 56  ? 10.940  -1.828  17.696  1.00 35.38  ? 54  LEU A CD1 1 
ATOM   425 C CD2 . LEU A 1 56  ? 11.442  -3.321  15.757  1.00 40.01  ? 54  LEU A CD2 1 
ATOM   426 N N   . LEU A 1 57  ? 13.332  1.365   14.310  1.00 32.35  ? 55  LEU A N   1 
ATOM   427 C CA  . LEU A 1 57  ? 14.642  1.842   13.827  1.00 29.13  ? 55  LEU A CA  1 
ATOM   428 C C   . LEU A 1 57  ? 15.090  3.122   14.538  1.00 31.32  ? 55  LEU A C   1 
ATOM   429 O O   . LEU A 1 57  ? 16.286  3.322   14.785  1.00 35.94  ? 55  LEU A O   1 
ATOM   430 C CB  . LEU A 1 57  ? 14.612  2.068   12.312  1.00 30.94  ? 55  LEU A CB  1 
ATOM   431 C CG  . LEU A 1 57  ? 14.929  0.845   11.446  1.00 34.59  ? 55  LEU A CG  1 
ATOM   432 C CD1 . LEU A 1 57  ? 14.525  1.089   9.996   1.00 30.34  ? 55  LEU A CD1 1 
ATOM   433 C CD2 . LEU A 1 57  ? 16.407  0.535   11.542  1.00 28.22  ? 55  LEU A CD2 1 
ATOM   434 N N   . GLN A 1 58  ? 14.140  4.001   14.851  1.00 30.41  ? 56  GLN A N   1 
ATOM   435 C CA  . GLN A 1 58  ? 14.472  5.232   15.564  1.00 31.35  ? 56  GLN A CA  1 
ATOM   436 C C   . GLN A 1 58  ? 14.943  4.897   16.992  1.00 29.63  ? 56  GLN A C   1 
ATOM   437 O O   . GLN A 1 58  ? 15.882  5.500   17.508  1.00 29.27  ? 56  GLN A O   1 
ATOM   438 C CB  . GLN A 1 58  ? 13.291  6.222   15.600  1.00 37.19  ? 56  GLN A CB  1 
ATOM   439 C CG  . GLN A 1 58  ? 12.947  6.872   14.259  1.00 49.64  ? 56  GLN A CG  1 
ATOM   440 C CD  . GLN A 1 58  ? 14.175  7.370   13.494  1.00 60.81  ? 56  GLN A CD  1 
ATOM   441 O OE1 . GLN A 1 58  ? 15.275  7.468   14.038  1.00 68.76  ? 56  GLN A OE1 1 
ATOM   442 N NE2 . GLN A 1 58  ? 13.983  7.698   12.223  1.00 68.74  ? 56  GLN A NE2 1 
ATOM   443 N N   . LEU A 1 59  ? 14.316  3.895   17.599  1.00 25.51  ? 57  LEU A N   1 
ATOM   444 C CA  . LEU A 1 59  ? 14.664  3.471   18.942  1.00 23.68  ? 57  LEU A CA  1 
ATOM   445 C C   . LEU A 1 59  ? 16.075  2.895   18.956  1.00 30.22  ? 57  LEU A C   1 
ATOM   446 O O   . LEU A 1 59  ? 16.849  3.138   19.885  1.00 32.51  ? 57  LEU A O   1 
ATOM   447 C CB  . LEU A 1 59  ? 13.660  2.431   19.465  1.00 20.06  ? 57  LEU A CB  1 
ATOM   448 C CG  . LEU A 1 59  ? 12.298  3.001   19.885  1.00 28.07  ? 57  LEU A CG  1 
ATOM   449 C CD1 . LEU A 1 59  ? 11.406  1.908   20.412  1.00 28.32  ? 57  LEU A CD1 1 
ATOM   450 C CD2 . LEU A 1 59  ? 12.502  4.073   20.946  1.00 29.19  ? 57  LEU A CD2 1 
ATOM   451 N N   . THR A 1 60  ? 16.436  2.152   17.921  1.00 26.72  ? 58  THR A N   1 
ATOM   452 C CA  . THR A 1 60  ? 17.765  1.571   17.905  1.00 28.07  ? 58  THR A CA  1 
ATOM   453 C C   . THR A 1 60  ? 18.897  2.573   17.614  1.00 28.37  ? 58  THR A C   1 
ATOM   454 O O   . THR A 1 60  ? 20.029  2.394   18.082  1.00 28.39  ? 58  THR A O   1 
ATOM   455 C CB  . THR A 1 60  ? 17.829  0.359   16.976  1.00 22.10  ? 58  THR A CB  1 
ATOM   456 O OG1 . THR A 1 60  ? 17.537  0.764   15.639  1.00 17.92  ? 58  THR A OG1 1 
ATOM   457 C CG2 . THR A 1 60  ? 16.815  -0.719  17.421  1.00 16.15  ? 58  THR A CG2 1 
ATOM   458 N N   . VAL A 1 61  ? 18.595  3.619   16.844  1.00 29.42  ? 59  VAL A N   1 
ATOM   459 C CA  . VAL A 1 61  ? 19.593  4.648   16.529  1.00 27.11  ? 59  VAL A CA  1 
ATOM   460 C C   . VAL A 1 61  ? 19.867  5.425   17.805  1.00 27.67  ? 59  VAL A C   1 
ATOM   461 O O   . VAL A 1 61  ? 20.979  5.866   18.046  1.00 30.59  ? 59  VAL A O   1 
ATOM   462 C CB  . VAL A 1 61  ? 19.099  5.629   15.439  1.00 26.57  ? 59  VAL A CB  1 
ATOM   463 C CG1 . VAL A 1 61  ? 19.894  6.953   15.498  1.00 18.48  ? 59  VAL A CG1 1 
ATOM   464 C CG2 . VAL A 1 61  ? 19.264  4.996   14.088  1.00 23.05  ? 59  VAL A CG2 1 
ATOM   465 N N   . TRP A 1 62  ? 18.823  5.631   18.594  1.00 29.14  ? 60  TRP A N   1 
ATOM   466 C CA  . TRP A 1 62  ? 18.962  6.332   19.851  1.00 33.81  ? 60  TRP A CA  1 
ATOM   467 C C   . TRP A 1 62  ? 19.772  5.423   20.781  1.00 33.26  ? 60  TRP A C   1 
ATOM   468 O O   . TRP A 1 62  ? 20.697  5.890   21.438  1.00 37.07  ? 60  TRP A O   1 
ATOM   469 C CB  . TRP A 1 62  ? 17.585  6.671   20.433  1.00 31.08  ? 60  TRP A CB  1 
ATOM   470 C CG  . TRP A 1 62  ? 17.618  7.473   21.703  1.00 38.92  ? 60  TRP A CG  1 
ATOM   471 C CD1 . TRP A 1 62  ? 17.565  8.839   21.821  1.00 37.96  ? 60  TRP A CD1 1 
ATOM   472 C CD2 . TRP A 1 62  ? 17.666  6.956   23.040  1.00 36.94  ? 60  TRP A CD2 1 
ATOM   473 N NE1 . TRP A 1 62  ? 17.569  9.198   23.151  1.00 39.40  ? 60  TRP A NE1 1 
ATOM   474 C CE2 . TRP A 1 62  ? 17.633  8.065   23.922  1.00 38.48  ? 60  TRP A CE2 1 
ATOM   475 C CE3 . TRP A 1 62  ? 17.735  5.669   23.583  1.00 40.53  ? 60  TRP A CE3 1 
ATOM   476 C CZ2 . TRP A 1 62  ? 17.670  7.920   25.319  1.00 44.19  ? 60  TRP A CZ2 1 
ATOM   477 C CZ3 . TRP A 1 62  ? 17.776  5.520   24.974  1.00 46.94  ? 60  TRP A CZ3 1 
ATOM   478 C CH2 . TRP A 1 62  ? 17.741  6.645   25.826  1.00 45.56  ? 60  TRP A CH2 1 
ATOM   479 N N   . GLY A 1 63  ? 19.456  4.126   20.789  1.00 30.10  ? 61  GLY A N   1 
ATOM   480 C CA  . GLY A 1 63  ? 20.176  3.171   21.620  1.00 29.19  ? 61  GLY A CA  1 
ATOM   481 C C   . GLY A 1 63  ? 21.664  3.212   21.310  1.00 33.64  ? 61  GLY A C   1 
ATOM   482 O O   . GLY A 1 63  ? 22.502  3.273   22.212  1.00 35.07  ? 61  GLY A O   1 
ATOM   483 N N   . ILE A 1 64  ? 21.988  3.211   20.024  1.00 30.58  ? 62  ILE A N   1 
ATOM   484 C CA  . ILE A 1 64  ? 23.359  3.277   19.570  1.00 27.50  ? 62  ILE A CA  1 
ATOM   485 C C   . ILE A 1 64  ? 24.026  4.586   20.000  1.00 32.23  ? 62  ILE A C   1 
ATOM   486 O O   . ILE A 1 64  ? 25.139  4.552   20.515  1.00 38.20  ? 62  ILE A O   1 
ATOM   487 C CB  . ILE A 1 64  ? 23.430  3.111   18.051  1.00 25.84  ? 62  ILE A CB  1 
ATOM   488 C CG1 . ILE A 1 64  ? 23.070  1.677   17.672  1.00 25.12  ? 62  ILE A CG1 1 
ATOM   489 C CG2 . ILE A 1 64  ? 24.807  3.452   17.521  1.00 16.84  ? 62  ILE A CG2 1 
ATOM   490 C CD1 . ILE A 1 64  ? 23.268  1.397   16.181  1.00 29.40  ? 62  ILE A CD1 1 
ATOM   491 N N   . LYS A 1 65  ? 23.358  5.726   19.823  1.00 33.84  ? 63  LYS A N   1 
ATOM   492 C CA  . LYS A 1 65  ? 23.931  7.018   20.225  1.00 35.04  ? 63  LYS A CA  1 
ATOM   493 C C   . LYS A 1 65  ? 24.303  7.065   21.706  1.00 39.83  ? 63  LYS A C   1 
ATOM   494 O O   . LYS A 1 65  ? 25.343  7.628   22.077  1.00 41.37  ? 63  LYS A O   1 
ATOM   495 C CB  . LYS A 1 65  ? 22.992  8.173   19.889  1.00 33.72  ? 63  LYS A CB  1 
ATOM   496 C CG  . LYS A 1 65  ? 23.213  8.731   18.505  1.00 45.00  ? 63  LYS A CG  1 
ATOM   497 C CD  . LYS A 1 65  ? 22.276  9.902   18.233  1.00 54.33  ? 63  LYS A CD  1 
ATOM   498 C CE  . LYS A 1 65  ? 22.531  10.538  16.866  1.00 59.27  ? 63  LYS A CE  1 
ATOM   499 N NZ  . LYS A 1 65  ? 22.097  9.702   15.701  1.00 68.98  ? 63  LYS A NZ  1 
ATOM   500 N N   . GLN A 1 66  ? 23.472  6.453   22.548  1.00 38.16  ? 64  GLN A N   1 
ATOM   501 C CA  . GLN A 1 66  ? 23.742  6.422   23.981  1.00 39.41  ? 64  GLN A CA  1 
ATOM   502 C C   . GLN A 1 66  ? 25.003  5.613   24.242  1.00 40.03  ? 64  GLN A C   1 
ATOM   503 O O   . GLN A 1 66  ? 25.886  6.064   24.973  1.00 43.33  ? 64  GLN A O   1 
ATOM   504 C CB  . GLN A 1 66  ? 22.568  5.835   24.765  1.00 41.37  ? 64  GLN A CB  1 
ATOM   505 C CG  . GLN A 1 66  ? 21.269  6.617   24.634  1.00 46.06  ? 64  GLN A CG  1 
ATOM   506 C CD  . GLN A 1 66  ? 21.429  8.111   24.883  1.00 52.86  ? 64  GLN A CD  1 
ATOM   507 O OE1 . GLN A 1 66  ? 21.833  8.543   25.969  1.00 55.98  ? 64  GLN A OE1 1 
ATOM   508 N NE2 . GLN A 1 66  ? 21.108  8.911   23.869  1.00 54.15  ? 64  GLN A NE2 1 
ATOM   509 N N   . LEU A 1 67  ? 25.115  4.444   23.620  1.00 35.68  ? 65  LEU A N   1 
ATOM   510 C CA  . LEU A 1 67  ? 26.312  3.637   23.805  1.00 33.63  ? 65  LEU A CA  1 
ATOM   511 C C   . LEU A 1 67  ? 27.548  4.369   23.305  1.00 34.98  ? 65  LEU A C   1 
ATOM   512 O O   . LEU A 1 67  ? 28.641  4.114   23.786  1.00 39.11  ? 65  LEU A O   1 
ATOM   513 C CB  . LEU A 1 67  ? 26.194  2.274   23.134  1.00 27.23  ? 65  LEU A CB  1 
ATOM   514 C CG  . LEU A 1 67  ? 25.089  1.368   23.679  1.00 30.54  ? 65  LEU A CG  1 
ATOM   515 C CD1 . LEU A 1 67  ? 25.430  -0.061  23.362  1.00 31.56  ? 65  LEU A CD1 1 
ATOM   516 C CD2 . LEU A 1 67  ? 24.940  1.543   25.176  1.00 27.86  ? 65  LEU A CD2 1 
ATOM   517 N N   . GLN A 1 68  ? 27.391  5.286   22.360  1.00 33.56  ? 66  GLN A N   1 
ATOM   518 C CA  . GLN A 1 68  ? 28.544  6.034   21.885  1.00 37.89  ? 66  GLN A CA  1 
ATOM   519 C C   . GLN A 1 68  ? 29.033  6.958   22.983  1.00 38.51  ? 66  GLN A C   1 
ATOM   520 O O   . GLN A 1 68  ? 30.231  7.078   23.200  1.00 42.19  ? 66  GLN A O   1 
ATOM   521 C CB  . GLN A 1 68  ? 28.196  6.867   20.674  1.00 37.45  ? 66  GLN A CB  1 
ATOM   522 C CG  . GLN A 1 68  ? 28.138  6.084   19.413  1.00 53.09  ? 66  GLN A CG  1 
ATOM   523 C CD  . GLN A 1 68  ? 27.275  6.767   18.400  1.00 60.42  ? 66  GLN A CD  1 
ATOM   524 O OE1 . GLN A 1 68  ? 27.288  7.987   18.280  1.00 66.78  ? 66  GLN A OE1 1 
ATOM   525 N NE2 . GLN A 1 68  ? 26.489  5.992   17.681  1.00 66.75  ? 66  GLN A NE2 1 
ATOM   526 N N   . ALA A 1 69  ? 28.097  7.617   23.660  1.00 39.34  ? 67  ALA A N   1 
ATOM   527 C CA  . ALA A 1 69  ? 28.427  8.534   24.747  1.00 36.54  ? 67  ALA A CA  1 
ATOM   528 C C   . ALA A 1 69  ? 29.097  7.769   25.887  1.00 40.26  ? 67  ALA A C   1 
ATOM   529 O O   . ALA A 1 69  ? 30.216  8.095   26.283  1.00 44.31  ? 67  ALA A O   1 
ATOM   530 C CB  . ALA A 1 69  ? 27.160  9.262   25.252  1.00 26.60  ? 67  ALA A CB  1 
ATOM   531 N N   . ARG A 1 70  ? 28.445  6.718   26.374  1.00 40.70  ? 68  ARG A N   1 
ATOM   532 C CA  . ARG A 1 70  ? 29.005  5.937   27.474  1.00 41.56  ? 68  ARG A CA  1 
ATOM   533 C C   . ARG A 1 70  ? 30.402  5.367   27.185  1.00 45.93  ? 68  ARG A C   1 
ATOM   534 O O   . ARG A 1 70  ? 31.274  5.391   28.055  1.00 56.02  ? 68  ARG A O   1 
ATOM   535 C CB  . ARG A 1 70  ? 28.039  4.827   27.922  1.00 38.79  ? 68  ARG A CB  1 
ATOM   536 C CG  . ARG A 1 70  ? 26.657  5.323   28.351  1.00 37.35  ? 68  ARG A CG  1 
ATOM   537 C CD  . ARG A 1 70  ? 26.084  4.492   29.502  1.00 46.91  ? 68  ARG A CD  1 
ATOM   538 N NE  . ARG A 1 70  ? 25.948  3.062   29.195  1.00 51.47  ? 68  ARG A NE  1 
ATOM   539 C CZ  . ARG A 1 70  ? 25.524  2.137   30.058  1.00 54.55  ? 68  ARG A CZ  1 
ATOM   540 N NH1 . ARG A 1 70  ? 25.200  2.480   31.294  1.00 56.50  ? 68  ARG A NH1 1 
ATOM   541 N NH2 . ARG A 1 70  ? 25.400  0.869   29.682  1.00 55.64  ? 68  ARG A NH2 1 
ATOM   542 N N   . ILE A 1 71  ? 30.640  4.883   25.972  1.00 46.79  ? 69  ILE A N   1 
ATOM   543 C CA  . ILE A 1 71  ? 31.953  4.336   25.655  1.00 45.05  ? 69  ILE A CA  1 
ATOM   544 C C   . ILE A 1 71  ? 32.965  5.451   25.438  1.00 45.95  ? 69  ILE A C   1 
ATOM   545 O O   . ILE A 1 71  ? 34.140  5.258   25.709  1.00 51.35  ? 69  ILE A O   1 
ATOM   546 C CB  . ILE A 1 71  ? 31.917  3.361   24.440  1.00 49.21  ? 69  ILE A CB  1 
ATOM   547 C CG1 . ILE A 1 71  ? 32.986  2.281   24.592  1.00 54.87  ? 69  ILE A CG1 1 
ATOM   548 C CG2 . ILE A 1 71  ? 32.147  4.099   23.137  1.00 48.98  ? 69  ILE A CG2 1 
ATOM   549 C CD1 . ILE A 1 71  ? 34.389  2.726   24.232  1.00 60.04  ? 69  ILE A CD1 1 
ATOM   550 N N   . LEU A 1 72  ? 32.528  6.604   24.940  1.00 45.60  ? 70  LEU A N   1 
ATOM   551 C CA  . LEU A 1 72  ? 33.445  7.724   24.732  1.00 48.77  ? 70  LEU A CA  1 
ATOM   552 C C   . LEU A 1 72  ? 33.984  8.170   26.090  1.00 54.58  ? 70  LEU A C   1 
ATOM   553 O O   . LEU A 1 72  ? 35.190  8.331   26.260  1.00 57.39  ? 70  LEU A O   1 
ATOM   554 C CB  . LEU A 1 72  ? 32.739  8.899   24.065  1.00 47.71  ? 70  LEU A CB  1 
ATOM   555 C CG  . LEU A 1 72  ? 33.555  10.194  24.046  1.00 50.83  ? 70  LEU A CG  1 
ATOM   556 C CD1 . LEU A 1 72  ? 34.590  10.127  22.938  1.00 47.58  ? 70  LEU A CD1 1 
ATOM   557 C CD2 . LEU A 1 72  ? 32.640  11.394  23.862  1.00 53.31  ? 70  LEU A CD2 1 
ATOM   558 N N   . ALA A 1 73  ? 33.081  8.378   27.047  1.00 57.23  ? 71  ALA A N   1 
ATOM   559 C CA  . ALA A 1 73  ? 33.453  8.793   28.399  1.00 56.98  ? 71  ALA A CA  1 
ATOM   560 C C   . ALA A 1 73  ? 34.401  7.776   29.036  1.00 58.48  ? 71  ALA A C   1 
ATOM   561 O O   . ALA A 1 73  ? 35.466  8.155   29.523  1.00 63.83  ? 71  ALA A O   1 
ATOM   562 C CB  . ALA A 1 73  ? 32.211  8.996   29.273  1.00 53.21  ? 71  ALA A CB  1 
ATOM   563 N N   . VAL A 1 74  ? 34.034  6.496   29.029  1.00 58.33  ? 72  VAL A N   1 
ATOM   564 C CA  . VAL A 1 74  ? 34.911  5.477   29.596  1.00 60.42  ? 72  VAL A CA  1 
ATOM   565 C C   . VAL A 1 74  ? 36.314  5.574   28.979  1.00 66.09  ? 72  VAL A C   1 
ATOM   566 O O   . VAL A 1 74  ? 37.299  5.492   29.710  1.00 71.90  ? 72  VAL A O   1 
ATOM   567 C CB  . VAL A 1 74  ? 34.321  4.034   29.469  1.00 58.26  ? 72  VAL A CB  1 
ATOM   568 C CG1 . VAL A 1 74  ? 35.423  2.970   29.566  1.00 49.08  ? 72  VAL A CG1 1 
ATOM   569 C CG2 . VAL A 1 74  ? 33.308  3.797   30.571  1.00 53.22  ? 72  VAL A CG2 1 
ATOM   570 N N   . GLU A 1 75  ? 36.429  5.804   27.668  1.00 67.83  ? 73  GLU A N   1 
ATOM   571 C CA  . GLU A 1 75  ? 37.769  5.922   27.085  1.00 72.39  ? 73  GLU A CA  1 
ATOM   572 C C   . GLU A 1 75  ? 38.510  7.189   27.555  1.00 75.88  ? 73  GLU A C   1 
ATOM   573 O O   . GLU A 1 75  ? 39.732  7.192   27.721  1.00 78.04  ? 73  GLU A O   1 
ATOM   574 C CB  . GLU A 1 75  ? 37.815  5.591   25.577  1.00 71.50  ? 73  GLU A CB  1 
ATOM   575 C CG  . GLU A 1 75  ? 36.862  6.380   24.688  1.00 74.28  ? 73  GLU A CG  1 
ATOM   576 C CD  . GLU A 1 75  ? 36.832  5.814   23.260  1.00 75.72  ? 73  GLU A CD  1 
ATOM   577 O OE1 . GLU A 1 75  ? 36.881  4.536   23.074  1.00 69.37  ? 73  GLU A OE1 1 
ATOM   578 O OE2 . GLU A 1 75  ? 36.761  6.606   22.247  1.00 77.44  ? 73  GLU A OE2 1 
ATOM   579 N N   . ARG A 1 76  ? 37.820  8.264   27.821  1.00 78.45  ? 74  ARG A N   1 
ATOM   580 C CA  . ARG A 1 76  ? 38.492  9.468   28.381  1.00 78.89  ? 74  ARG A CA  1 
ATOM   581 C C   . ARG A 1 76  ? 39.044  9.205   29.781  1.00 78.90  ? 74  ARG A C   1 
ATOM   582 O O   . ARG A 1 76  ? 40.207  9.514   30.077  1.00 79.46  ? 74  ARG A O   1 
ATOM   583 C CB  . ARG A 1 76  ? 37.510  10.619  28.466  1.00 82.91  ? 74  ARG A CB  1 
ATOM   584 C CG  . ARG A 1 76  ? 37.329  11.357  27.144  1.00 92.13  ? 74  ARG A CG  1 
ATOM   585 C CD  . ARG A 1 76  ? 36.378  12.544  27.270  1.00 100.30 ? 74  ARG A CD  1 
ATOM   586 N NE  . ARG A 1 76  ? 36.132  13.222  25.994  1.00 108.55 ? 74  ARG A NE  1 
ATOM   587 C CZ  . ARG A 1 76  ? 35.391  14.328  25.875  1.00 113.03 ? 74  ARG A CZ  1 
ATOM   588 N NH1 . ARG A 1 76  ? 34.818  14.890  26.948  1.00 115.47 ? 74  ARG A NH1 1 
ATOM   589 N NH2 . ARG A 1 76  ? 35.162  14.954  24.715  1.00 114.76 ? 74  ARG A NH2 1 
ATOM   590 N N   . TYR A 1 77  ? 38.198  8.651   30.622  1.00 75.59  ? 75  TYR A N   1 
ATOM   591 C CA  . TYR A 1 77  ? 38.584  8.331   32.001  1.00 72.98  ? 75  TYR A CA  1 
ATOM   592 C C   . TYR A 1 77  ? 39.914  7.565   31.976  1.00 72.58  ? 75  TYR A C   1 
ATOM   593 O O   . TYR A 1 77  ? 40.831  7.839   32.757  1.00 74.91  ? 75  TYR A O   1 
ATOM   594 C CB  . TYR A 1 77  ? 37.493  7.488   32.670  1.00 69.89  ? 75  TYR A CB  1 
ATOM   595 N N   . LEU A 1 78  ? 39.983  6.634   31.046  1.00 70.37  ? 76  LEU A N   1 
ATOM   596 C CA  . LEU A 1 78  ? 41.158  5.761   30.852  1.00 70.96  ? 76  LEU A CA  1 
ATOM   597 C C   . LEU A 1 78  ? 42.413  6.479   30.230  1.00 77.93  ? 76  LEU A C   1 
ATOM   598 O O   . LEU A 1 78  ? 43.553  6.018   30.393  1.00 85.29  ? 76  LEU A O   1 
ATOM   599 C CB  . LEU A 1 78  ? 40.834  4.653   29.840  1.00 64.97  ? 76  LEU A CB  1 
ATOM   600 C CG  . LEU A 1 78  ? 40.111  3.450   30.443  1.00 65.11  ? 76  LEU A CG  1 
ATOM   601 C CD1 . LEU A 1 78  ? 40.520  2.123   29.795  1.00 62.04  ? 76  LEU A CD1 1 
ATOM   602 C CD2 . LEU A 1 78  ? 40.373  3.281   31.938  1.00 61.69  ? 76  LEU A CD2 1 
ATOM   603 N N   . LYS A 1 79  ? 42.209  7.628   29.561  1.00 82.59  ? 77  LYS A N   1 
ATOM   604 C CA  . LYS A 1 79  ? 43.237  8.232   28.624  1.00 89.74  ? 77  LYS A CA  1 
ATOM   605 C C   . LYS A 1 79  ? 44.316  9.245   29.067  1.00 95.24  ? 77  LYS A C   1 
ATOM   606 O O   . LYS A 1 79  ? 45.087  8.929   30.002  1.00 99.15  ? 77  LYS A O   1 
ATOM   607 C CB  . LYS A 1 79  ? 42.535  9.009   27.508  1.00 87.28  ? 77  LYS A CB  1 
ATOM   608 N N   . TRP A 1 86  ? 32.966  10.237  12.959  1.00 100.64 ? 117 TRP A N   1 
ATOM   609 C CA  . TRP A 1 86  ? 31.643  9.771   13.340  1.00 99.86  ? 117 TRP A CA  1 
ATOM   610 C C   . TRP A 1 86  ? 30.545  10.593  12.606  1.00 97.04  ? 117 TRP A C   1 
ATOM   611 O O   . TRP A 1 86  ? 29.553  10.045  12.114  1.00 99.71  ? 117 TRP A O   1 
ATOM   612 C CB  . TRP A 1 86  ? 31.493  9.785   14.861  1.00 104.01 ? 117 TRP A CB  1 
ATOM   613 C CG  . TRP A 1 86  ? 30.214  9.109   15.360  1.00 112.83 ? 117 TRP A CG  1 
ATOM   614 C CD1 . TRP A 1 86  ? 29.234  9.669   16.081  1.00 115.40 ? 117 TRP A CD1 1 
ATOM   615 C CD2 . TRP A 1 86  ? 29.865  7.754   15.130  1.00 116.54 ? 117 TRP A CD2 1 
ATOM   616 N NE1 . TRP A 1 86  ? 28.252  8.655   16.317  1.00 119.90 ? 117 TRP A NE1 1 
ATOM   617 C CE2 . TRP A 1 86  ? 28.642  7.540   15.752  1.00 119.17 ? 117 TRP A CE2 1 
ATOM   618 C CE3 . TRP A 1 86  ? 30.481  6.695   14.453  1.00 116.35 ? 117 TRP A CE3 1 
ATOM   619 C CZ2 . TRP A 1 86  ? 27.983  6.306   15.740  1.00 118.39 ? 117 TRP A CZ2 1 
ATOM   620 C CZ3 . TRP A 1 86  ? 29.809  5.456   14.444  1.00 117.46 ? 117 TRP A CZ3 1 
ATOM   621 C CH2 . TRP A 1 86  ? 28.619  5.272   15.058  1.00 116.69 ? 117 TRP A CH2 1 
ATOM   622 N N   . MET A 1 87  ? 30.756  11.896  12.510  1.00 90.64  ? 118 MET A N   1 
ATOM   623 C CA  . MET A 1 87  ? 29.791  12.850  11.884  1.00 82.72  ? 118 MET A CA  1 
ATOM   624 C C   . MET A 1 87  ? 29.136  12.353  10.536  1.00 70.87  ? 118 MET A C   1 
ATOM   625 O O   . MET A 1 87  ? 27.953  12.603  10.271  1.00 66.79  ? 118 MET A O   1 
ATOM   626 C CB  . MET A 1 87  ? 30.464  14.207  11.626  1.00 93.86  ? 118 MET A CB  1 
ATOM   627 C CG  . MET A 1 87  ? 31.577  14.176  10.577  1.00 107.34 ? 118 MET A CG  1 
ATOM   628 S SD  . MET A 1 87  ? 32.300  15.787  10.322  1.00 119.79 ? 118 MET A SD  1 
ATOM   629 C CE  . MET A 1 87  ? 31.350  17.023  11.188  1.00 111.50 ? 118 MET A CE  1 
ATOM   630 N N   . GLU A 1 88  ? 29.864  11.656  9.638   1.00 60.08  ? 119 GLU A N   1 
ATOM   631 C CA  . GLU A 1 88  ? 29.262  11.169  8.324   1.00 53.23  ? 119 GLU A CA  1 
ATOM   632 C C   . GLU A 1 88  ? 28.067  10.262  8.616   1.00 48.02  ? 119 GLU A C   1 
ATOM   633 O O   . GLU A 1 88  ? 26.985  10.434  8.053   1.00 48.76  ? 119 GLU A O   1 
ATOM   634 C CB  . GLU A 1 88  ? 30.297  10.403  7.499   1.00 50.70  ? 119 GLU A CB  1 
ATOM   635 C CG  . GLU A 1 88  ? 29.789  10.029  6.100   1.00 59.88  ? 119 GLU A CG  1 
ATOM   636 C CD  . GLU A 1 88  ? 29.315  11.236  5.279   1.00 62.89  ? 119 GLU A CD  1 
ATOM   637 O OE1 . GLU A 1 88  ? 29.658  12.430  5.625   1.00 64.32  ? 119 GLU A OE1 1 
ATOM   638 O OE2 . GLU A 1 88  ? 28.572  11.058  4.237   1.00 61.03  ? 119 GLU A OE2 1 
ATOM   639 N N   . TRP A 1 89  ? 28.277  9.305   9.514   1.00 39.13  ? 120 TRP A N   1 
ATOM   640 C CA  . TRP A 1 89  ? 27.246  8.369   9.929   1.00 32.81  ? 120 TRP A CA  1 
ATOM   641 C C   . TRP A 1 89  ? 26.028  9.135   10.411  1.00 35.13  ? 120 TRP A C   1 
ATOM   642 O O   . TRP A 1 89  ? 24.889  8.745   10.143  1.00 38.77  ? 120 TRP A O   1 
ATOM   643 C CB  . TRP A 1 89  ? 27.784  7.498   11.051  1.00 24.80  ? 120 TRP A CB  1 
ATOM   644 C CG  . TRP A 1 89  ? 26.847  6.440   11.545  1.00 21.16  ? 120 TRP A CG  1 
ATOM   645 C CD1 . TRP A 1 89  ? 26.735  5.160   11.076  1.00 16.07  ? 120 TRP A CD1 1 
ATOM   646 C CD2 . TRP A 1 89  ? 25.983  6.524   12.694  1.00 20.34  ? 120 TRP A CD2 1 
ATOM   647 N NE1 . TRP A 1 89  ? 25.868  4.440   11.875  1.00 22.81  ? 120 TRP A NE1 1 
ATOM   648 C CE2 . TRP A 1 89  ? 25.393  5.251   12.872  1.00 20.79  ? 120 TRP A CE2 1 
ATOM   649 C CE3 . TRP A 1 89  ? 25.660  7.556   13.594  1.00 21.54  ? 120 TRP A CE3 1 
ATOM   650 C CZ2 . TRP A 1 89  ? 24.497  4.975   13.924  1.00 17.16  ? 120 TRP A CZ2 1 
ATOM   651 C CZ3 . TRP A 1 89  ? 24.771  7.285   14.637  1.00 20.28  ? 120 TRP A CZ3 1 
ATOM   652 C CH2 . TRP A 1 89  ? 24.199  6.002   14.791  1.00 21.56  ? 120 TRP A CH2 1 
ATOM   653 N N   . ASP A 1 90  ? 26.264  10.236  11.114  1.00 37.49  ? 121 ASP A N   1 
ATOM   654 C CA  . ASP A 1 90  ? 25.157  11.041  11.612  1.00 40.34  ? 121 ASP A CA  1 
ATOM   655 C C   . ASP A 1 90  ? 24.406  11.715  10.487  1.00 41.88  ? 121 ASP A C   1 
ATOM   656 O O   . ASP A 1 90  ? 23.191  11.883  10.563  1.00 41.46  ? 121 ASP A O   1 
ATOM   657 C CB  . ASP A 1 90  ? 25.643  12.057  12.638  1.00 35.75  ? 121 ASP A CB  1 
ATOM   658 C CG  . ASP A 1 90  ? 26.000  11.400  13.947  1.00 46.40  ? 121 ASP A CG  1 
ATOM   659 O OD1 . ASP A 1 90  ? 25.125  10.749  14.558  1.00 46.64  ? 121 ASP A OD1 1 
ATOM   660 O OD2 . ASP A 1 90  ? 27.167  11.507  14.363  1.00 54.92  ? 121 ASP A OD2 1 
ATOM   661 N N   . ARG A 1 91  ? 25.132  12.079  9.436   1.00 45.74  ? 122 ARG A N   1 
ATOM   662 C CA  . ARG A 1 91  ? 24.541  12.715  8.266   1.00 50.31  ? 122 ARG A CA  1 
ATOM   663 C C   . ARG A 1 91  ? 23.679  11.707  7.512   1.00 46.10  ? 122 ARG A C   1 
ATOM   664 O O   . ARG A 1 91  ? 22.479  11.926  7.339   1.00 44.83  ? 122 ARG A O   1 
ATOM   665 C CB  . ARG A 1 91  ? 25.628  13.240  7.332   1.00 59.34  ? 122 ARG A CB  1 
ATOM   666 C CG  . ARG A 1 91  ? 26.478  14.312  7.950   1.00 74.95  ? 122 ARG A CG  1 
ATOM   667 C CD  . ARG A 1 91  ? 27.720  14.546  7.137   1.00 85.16  ? 122 ARG A CD  1 
ATOM   668 N NE  . ARG A 1 91  ? 28.451  15.681  7.678   1.00 93.68  ? 122 ARG A NE  1 
ATOM   669 C CZ  . ARG A 1 91  ? 29.112  16.565  6.945   1.00 100.26 ? 122 ARG A CZ  1 
ATOM   670 N NH1 . ARG A 1 91  ? 29.159  16.448  5.623   1.00 103.63 ? 122 ARG A NH1 1 
ATOM   671 N NH2 . ARG A 1 91  ? 29.647  17.622  7.527   1.00 103.84 ? 122 ARG A NH2 1 
ATOM   672 N N   . GLU A 1 92  ? 24.290  10.614  7.062   1.00 37.87  ? 123 GLU A N   1 
ATOM   673 C CA  . GLU A 1 92  ? 23.559  9.599   6.329   1.00 38.43  ? 123 GLU A CA  1 
ATOM   674 C C   . GLU A 1 92  ? 22.333  9.119   7.082   1.00 39.14  ? 123 GLU A C   1 
ATOM   675 O O   . GLU A 1 92  ? 21.267  8.899   6.487   1.00 44.92  ? 123 GLU A O   1 
ATOM   676 C CB  . GLU A 1 92  ? 24.467  8.447   5.947   1.00 37.29  ? 123 GLU A CB  1 
ATOM   677 C CG  . GLU A 1 92  ? 25.190  8.696   4.634   1.00 51.26  ? 123 GLU A CG  1 
ATOM   678 C CD  . GLU A 1 92  ? 26.174  7.590   4.283   1.00 62.60  ? 123 GLU A CD  1 
ATOM   679 O OE1 . GLU A 1 92  ? 25.908  6.413   4.610   1.00 68.66  ? 123 GLU A OE1 1 
ATOM   680 O OE2 . GLU A 1 92  ? 27.228  7.895   3.684   1.00 62.96  ? 123 GLU A OE2 1 
ATOM   681 N N   . ILE A 1 93  ? 22.442  9.035   8.400   1.00 36.31  ? 124 ILE A N   1 
ATOM   682 C CA  . ILE A 1 93  ? 21.306  8.611   9.197   1.00 35.70  ? 124 ILE A CA  1 
ATOM   683 C C   . ILE A 1 93  ? 20.184  9.652   9.185   1.00 37.71  ? 124 ILE A C   1 
ATOM   684 O O   . ILE A 1 93  ? 19.001  9.302   9.079   1.00 40.42  ? 124 ILE A O   1 
ATOM   685 C CB  . ILE A 1 93  ? 21.724  8.216   10.631  1.00 32.66  ? 124 ILE A CB  1 
ATOM   686 C CG1 . ILE A 1 93  ? 22.123  6.740   10.622  1.00 32.20  ? 124 ILE A CG1 1 
ATOM   687 C CG2 . ILE A 1 93  ? 20.599  8.512   11.624  1.00 26.52  ? 124 ILE A CG2 1 
ATOM   688 C CD1 . ILE A 1 93  ? 22.051  6.099   11.924  1.00 43.04  ? 124 ILE A CD1 1 
ATOM   689 N N   . ASN A 1 94  ? 20.564  10.926  9.238   1.00 38.08  ? 125 ASN A N   1 
ATOM   690 C CA  . ASN A 1 94  ? 19.604  12.027  9.212   1.00 40.61  ? 125 ASN A CA  1 
ATOM   691 C C   . ASN A 1 94  ? 18.902  12.096  7.845   1.00 38.91  ? 125 ASN A C   1 
ATOM   692 O O   . ASN A 1 94  ? 17.682  12.260  7.779   1.00 37.38  ? 125 ASN A O   1 
ATOM   693 C CB  . ASN A 1 94  ? 20.302  13.368  9.514   1.00 44.24  ? 125 ASN A CB  1 
ATOM   694 C CG  . ASN A 1 94  ? 20.430  13.653  11.012  1.00 53.42  ? 125 ASN A CG  1 
ATOM   695 O OD1 . ASN A 1 94  ? 20.102  12.813  11.854  1.00 60.22  ? 125 ASN A OD1 1 
ATOM   696 N ND2 . ASN A 1 94  ? 20.901  14.849  11.346  1.00 53.72  ? 125 ASN A ND2 1 
ATOM   697 N N   . ASN A 1 95  ? 19.673  11.920  6.767   1.00 35.47  ? 126 ASN A N   1 
ATOM   698 C CA  . ASN A 1 95  ? 19.149  11.974  5.401   1.00 37.27  ? 126 ASN A CA  1 
ATOM   699 C C   . ASN A 1 95  ? 18.136  10.878  5.158   1.00 40.40  ? 126 ASN A C   1 
ATOM   700 O O   . ASN A 1 95  ? 16.964  11.164  4.893   1.00 39.12  ? 126 ASN A O   1 
ATOM   701 C CB  . ASN A 1 95  ? 20.271  11.878  4.373   1.00 36.65  ? 126 ASN A CB  1 
ATOM   702 C CG  . ASN A 1 95  ? 21.076  13.157  4.272   1.00 42.63  ? 126 ASN A CG  1 
ATOM   703 O OD1 . ASN A 1 95  ? 20.750  14.175  4.893   1.00 46.52  ? 126 ASN A OD1 1 
ATOM   704 N ND2 . ASN A 1 95  ? 22.138  13.115  3.490   1.00 43.11  ? 126 ASN A ND2 1 
ATOM   705 N N   . TYR A 1 96  ? 18.580  9.628   5.274   1.00 38.32  ? 127 TYR A N   1 
ATOM   706 C CA  . TYR A 1 96  ? 17.696  8.492   5.087   1.00 36.27  ? 127 TYR A CA  1 
ATOM   707 C C   . TYR A 1 96  ? 16.473  8.576   5.990   1.00 36.90  ? 127 TYR A C   1 
ATOM   708 O O   . TYR A 1 96  ? 15.388  8.126   5.626   1.00 38.04  ? 127 TYR A O   1 
ATOM   709 C CB  . TYR A 1 96  ? 18.446  7.191   5.299   1.00 35.81  ? 127 TYR A CB  1 
ATOM   710 C CG  . TYR A 1 96  ? 19.305  6.837   4.114   1.00 43.47  ? 127 TYR A CG  1 
ATOM   711 C CD1 . TYR A 1 96  ? 18.740  6.700   2.856   1.00 45.68  ? 127 TYR A CD1 1 
ATOM   712 C CD2 . TYR A 1 96  ? 20.674  6.656   4.250   1.00 48.30  ? 127 TYR A CD2 1 
ATOM   713 C CE1 . TYR A 1 96  ? 19.514  6.376   1.760   1.00 46.54  ? 127 TYR A CE1 1 
ATOM   714 C CE2 . TYR A 1 96  ? 21.459  6.335   3.158   1.00 50.95  ? 127 TYR A CE2 1 
ATOM   715 C CZ  . TYR A 1 96  ? 20.872  6.193   1.917   1.00 45.79  ? 127 TYR A CZ  1 
ATOM   716 O OH  . TYR A 1 96  ? 21.640  5.862   0.826   1.00 51.04  ? 127 TYR A OH  1 
ATOM   717 N N   . THR A 1 97  ? 16.637  9.153   7.175   1.00 39.31  ? 128 THR A N   1 
ATOM   718 C CA  . THR A 1 97  ? 15.506  9.295   8.081   1.00 36.74  ? 128 THR A CA  1 
ATOM   719 C C   . THR A 1 97  ? 14.484  10.260  7.473   1.00 36.85  ? 128 THR A C   1 
ATOM   720 O O   . THR A 1 97  ? 13.281  10.006  7.502   1.00 39.44  ? 128 THR A O   1 
ATOM   721 C CB  . THR A 1 97  ? 15.968  9.732   9.477   1.00 32.83  ? 128 THR A CB  1 
ATOM   722 O OG1 . THR A 1 97  ? 16.552  8.611   10.161  1.00 31.75  ? 128 THR A OG1 1 
ATOM   723 C CG2 . THR A 1 97  ? 14.801  10.267  10.290  1.00 30.31  ? 128 THR A CG2 1 
ATOM   724 N N   . SER A 1 98  ? 14.973  11.365  6.902   1.00 37.69  ? 129 SER A N   1 
ATOM   725 C CA  . SER A 1 98  ? 14.108  12.355  6.249   1.00 43.71  ? 129 SER A CA  1 
ATOM   726 C C   . SER A 1 98  ? 13.287  11.734  5.114   1.00 44.31  ? 129 SER A C   1 
ATOM   727 O O   . SER A 1 98  ? 12.064  11.871  5.079   1.00 39.94  ? 129 SER A O   1 
ATOM   728 C CB  . SER A 1 98  ? 14.936  13.525  5.713   1.00 44.39  ? 129 SER A CB  1 
ATOM   729 O OG  . SER A 1 98  ? 15.307  14.408  6.756   1.00 49.82  ? 129 SER A OG  1 
ATOM   730 N N   . LEU A 1 99  ? 13.977  11.014  4.228   1.00 44.43  ? 130 LEU A N   1 
ATOM   731 C CA  . LEU A 1 99  ? 13.391  10.333  3.073   1.00 43.25  ? 130 LEU A CA  1 
ATOM   732 C C   . LEU A 1 99  ? 12.243  9.396   3.489   1.00 44.33  ? 130 LEU A C   1 
ATOM   733 O O   . LEU A 1 99  ? 11.103  9.549   3.021   1.00 47.83  ? 130 LEU A O   1 
ATOM   734 C CB  . LEU A 1 99  ? 14.487  9.544   2.356   1.00 40.51  ? 130 LEU A CB  1 
ATOM   735 C CG  . LEU A 1 99  ? 14.226  8.934   0.981   1.00 40.49  ? 130 LEU A CG  1 
ATOM   736 C CD1 . LEU A 1 99  ? 14.087  10.032  -0.054  1.00 39.07  ? 130 LEU A CD1 1 
ATOM   737 C CD2 . LEU A 1 99  ? 15.378  8.013   0.613   1.00 38.83  ? 130 LEU A CD2 1 
ATOM   738 N N   . ILE A 1 100 ? 12.540  8.453   4.385   1.00 38.66  ? 131 ILE A N   1 
ATOM   739 C CA  . ILE A 1 100 ? 11.549  7.493   4.872   1.00 34.60  ? 131 ILE A CA  1 
ATOM   740 C C   . ILE A 1 100 ? 10.327  8.199   5.431   1.00 36.65  ? 131 ILE A C   1 
ATOM   741 O O   . ILE A 1 100 ? 9.242   7.636   5.456   1.00 40.09  ? 131 ILE A O   1 
ATOM   742 C CB  . ILE A 1 100 ? 12.122  6.585   5.985   1.00 32.94  ? 131 ILE A CB  1 
ATOM   743 C CG1 . ILE A 1 100 ? 13.332  5.837   5.462   1.00 30.62  ? 131 ILE A CG1 1 
ATOM   744 C CG2 . ILE A 1 100 ? 11.093  5.540   6.428   1.00 31.39  ? 131 ILE A CG2 1 
ATOM   745 C CD1 . ILE A 1 100 ? 14.041  5.085   6.512   1.00 43.61  ? 131 ILE A CD1 1 
ATOM   746 N N   . HIS A 1 101 ? 10.505  9.411   5.930   1.00 38.38  ? 132 HIS A N   1 
ATOM   747 C CA  . HIS A 1 101 ? 9.368   10.133  6.460   1.00 40.86  ? 132 HIS A CA  1 
ATOM   748 C C   . HIS A 1 101 ? 8.533   10.725  5.347   1.00 37.98  ? 132 HIS A C   1 
ATOM   749 O O   . HIS A 1 101 ? 7.320   10.867  5.493   1.00 37.45  ? 132 HIS A O   1 
ATOM   750 C CB  . HIS A 1 101 ? 9.807   11.187  7.456   1.00 41.40  ? 132 HIS A CB  1 
ATOM   751 C CG  . HIS A 1 101 ? 10.162  10.607  8.781   1.00 50.50  ? 132 HIS A CG  1 
ATOM   752 N ND1 . HIS A 1 101 ? 11.162  11.117  9.576   1.00 61.93  ? 132 HIS A ND1 1 
ATOM   753 C CD2 . HIS A 1 101 ? 9.665   9.536   9.439   1.00 55.82  ? 132 HIS A CD2 1 
ATOM   754 C CE1 . HIS A 1 101 ? 11.266  10.385  10.671  1.00 62.37  ? 132 HIS A CE1 1 
ATOM   755 N NE2 . HIS A 1 101 ? 10.367  9.420   10.613  1.00 62.20  ? 132 HIS A NE2 1 
ATOM   756 N N   . SER A 1 102 ? 9.183   11.067  4.240   1.00 35.17  ? 133 SER A N   1 
ATOM   757 C CA  . SER A 1 102 ? 8.477   11.602  3.096   1.00 37.68  ? 133 SER A CA  1 
ATOM   758 C C   . SER A 1 102 ? 7.685   10.443  2.518   1.00 41.24  ? 133 SER A C   1 
ATOM   759 O O   . SER A 1 102 ? 6.454   10.470  2.531   1.00 43.21  ? 133 SER A O   1 
ATOM   760 C CB  . SER A 1 102 ? 9.449   12.133  2.052   1.00 39.48  ? 133 SER A CB  1 
ATOM   761 O OG  . SER A 1 102 ? 10.023  13.352  2.490   1.00 47.63  ? 133 SER A OG  1 
ATOM   762 N N   . LEU A 1 103 ? 8.394   9.398   2.085   1.00 37.06  ? 134 LEU A N   1 
ATOM   763 C CA  . LEU A 1 103 ? 7.763   8.221   1.506   1.00 33.84  ? 134 LEU A CA  1 
ATOM   764 C C   . LEU A 1 103 ? 6.574   7.736   2.333   1.00 36.81  ? 134 LEU A C   1 
ATOM   765 O O   . LEU A 1 103 ? 5.559   7.341   1.756   1.00 42.07  ? 134 LEU A O   1 
ATOM   766 C CB  . LEU A 1 103 ? 8.793   7.108   1.285   1.00 28.69  ? 134 LEU A CB  1 
ATOM   767 C CG  . LEU A 1 103 ? 9.594   7.081   -0.028  1.00 27.04  ? 134 LEU A CG  1 
ATOM   768 C CD1 . LEU A 1 103 ? 9.458   8.364   -0.829  1.00 21.54  ? 134 LEU A CD1 1 
ATOM   769 C CD2 . LEU A 1 103 ? 11.045  6.788   0.282   1.00 23.06  ? 134 LEU A CD2 1 
ATOM   770 N N   . ILE A 1 104 ? 6.660   7.837   3.664   1.00 35.81  ? 135 ILE A N   1 
ATOM   771 C CA  . ILE A 1 104 ? 5.553   7.418   4.546   1.00 36.00  ? 135 ILE A CA  1 
ATOM   772 C C   . ILE A 1 104 ? 4.390   8.410   4.477   1.00 38.86  ? 135 ILE A C   1 
ATOM   773 O O   . ILE A 1 104 ? 3.226   8.002   4.447   1.00 39.27  ? 135 ILE A O   1 
ATOM   774 C CB  . ILE A 1 104 ? 5.989   7.215   6.039   1.00 34.81  ? 135 ILE A CB  1 
ATOM   775 C CG1 . ILE A 1 104 ? 6.909   5.994   6.163   1.00 33.59  ? 135 ILE A CG1 1 
ATOM   776 C CG2 . ILE A 1 104 ? 4.756   6.986   6.953   1.00 23.24  ? 135 ILE A CG2 1 
ATOM   777 C CD1 . ILE A 1 104 ? 7.419   5.766   7.555   1.00 32.51  ? 135 ILE A CD1 1 
ATOM   778 N N   . GLU A 1 105 ? 4.699   9.702   4.461   1.00 37.74  ? 136 GLU A N   1 
ATOM   779 C CA  . GLU A 1 105 ? 3.671   10.732  4.368   1.00 41.03  ? 136 GLU A CA  1 
ATOM   780 C C   . GLU A 1 105 ? 2.920   10.506  3.033   1.00 41.14  ? 136 GLU A C   1 
ATOM   781 O O   . GLU A 1 105 ? 1.693   10.379  3.014   1.00 37.47  ? 136 GLU A O   1 
ATOM   782 C CB  . GLU A 1 105 ? 4.328   12.122  4.389   1.00 49.15  ? 136 GLU A CB  1 
ATOM   783 C CG  . GLU A 1 105 ? 3.403   13.277  4.798   1.00 63.93  ? 136 GLU A CG  1 
ATOM   784 C CD  . GLU A 1 105 ? 4.035   14.667  4.607   1.00 71.93  ? 136 GLU A CD  1 
ATOM   785 O OE1 . GLU A 1 105 ? 5.273   14.802  4.758   1.00 75.06  ? 136 GLU A OE1 1 
ATOM   786 O OE2 . GLU A 1 105 ? 3.288   15.632  4.315   1.00 74.80  ? 136 GLU A OE2 1 
ATOM   787 N N   . GLU A 1 106 ? 3.662   10.398  1.928   1.00 39.07  ? 137 GLU A N   1 
ATOM   788 C CA  . GLU A 1 106 ? 3.067   10.167  0.603   1.00 42.50  ? 137 GLU A CA  1 
ATOM   789 C C   . GLU A 1 106 ? 2.260   8.865   0.570   1.00 39.08  ? 137 GLU A C   1 
ATOM   790 O O   . GLU A 1 106 ? 1.162   8.831   0.017   1.00 38.00  ? 137 GLU A O   1 
ATOM   791 C CB  . GLU A 1 106 ? 4.144   10.130  -0.478  1.00 48.74  ? 137 GLU A CB  1 
ATOM   792 C CG  . GLU A 1 106 ? 4.854   11.457  -0.680  1.00 66.03  ? 137 GLU A CG  1 
ATOM   793 C CD  . GLU A 1 106 ? 6.133   11.315  -1.483  1.00 76.69  ? 137 GLU A CD  1 
ATOM   794 O OE1 . GLU A 1 106 ? 6.254   10.320  -2.232  1.00 83.14  ? 137 GLU A OE1 1 
ATOM   795 O OE2 . GLU A 1 106 ? 7.027   12.189  -1.368  1.00 78.16  ? 137 GLU A OE2 1 
ATOM   796 N N   . SER A 1 107 ? 2.808   7.799   1.144   1.00 34.03  ? 138 SER A N   1 
ATOM   797 C CA  . SER A 1 107 ? 2.108   6.526   1.200   1.00 30.19  ? 138 SER A CA  1 
ATOM   798 C C   . SER A 1 107 ? 0.813   6.640   2.012   1.00 34.80  ? 138 SER A C   1 
ATOM   799 O O   . SER A 1 107 ? -0.130  5.883   1.785   1.00 39.88  ? 138 SER A O   1 
ATOM   800 C CB  . SER A 1 107 ? 3.005   5.450   1.806   1.00 26.36  ? 138 SER A CB  1 
ATOM   801 O OG  . SER A 1 107 ? 4.117   5.218   0.971   1.00 24.31  ? 138 SER A OG  1 
ATOM   802 N N   . GLN A 1 108 ? 0.769   7.559   2.973   1.00 40.61  ? 139 GLN A N   1 
ATOM   803 C CA  . GLN A 1 108 ? -0.435  7.744   3.788   1.00 42.71  ? 139 GLN A CA  1 
ATOM   804 C C   . GLN A 1 108 ? -1.479  8.450   2.922   1.00 39.90  ? 139 GLN A C   1 
ATOM   805 O O   . GLN A 1 108 ? -2.659  8.077   2.923   1.00 38.22  ? 139 GLN A O   1 
ATOM   806 C CB  . GLN A 1 108 ? -0.121  8.553   5.070   1.00 51.87  ? 139 GLN A CB  1 
ATOM   807 C CG  . GLN A 1 108 ? 0.799   7.837   6.085   1.00 59.89  ? 139 GLN A CG  1 
ATOM   808 C CD  . GLN A 1 108 ? 1.095   8.651   7.355   1.00 58.72  ? 139 GLN A CD  1 
ATOM   809 O OE1 . GLN A 1 108 ? 1.455   9.837   7.303   1.00 54.92  ? 139 GLN A OE1 1 
ATOM   810 N NE2 . GLN A 1 108 ? 0.970   7.998   8.503   1.00 59.63  ? 139 GLN A NE2 1 
ATOM   811 N N   . ASN A 1 109 ? -1.030  9.436   2.143   1.00 38.22  ? 140 ASN A N   1 
ATOM   812 C CA  . ASN A 1 109 ? -1.934  10.167  1.246   1.00 40.03  ? 140 ASN A CA  1 
ATOM   813 C C   . ASN A 1 109 ? -2.504  9.183   0.226   1.00 35.95  ? 140 ASN A C   1 
ATOM   814 O O   . ASN A 1 109 ? -3.717  8.979   0.168   1.00 33.85  ? 140 ASN A O   1 
ATOM   815 C CB  . ASN A 1 109 ? -1.216  11.326  0.536   1.00 44.58  ? 140 ASN A CB  1 
ATOM   816 C CG  . ASN A 1 109 ? -1.026  12.526  1.442   1.00 52.99  ? 140 ASN A CG  1 
ATOM   817 O OD1 . ASN A 1 109 ? -1.651  12.612  2.505   1.00 57.39  ? 140 ASN A OD1 1 
ATOM   818 N ND2 . ASN A 1 109 ? -0.170  13.454  1.040   1.00 51.98  ? 140 ASN A ND2 1 
ATOM   819 N N   . GLN A 1 110 ? -1.619  8.523   -0.518  1.00 29.96  ? 141 GLN A N   1 
ATOM   820 C CA  . GLN A 1 110 ? -2.010  7.539   -1.515  1.00 28.20  ? 141 GLN A CA  1 
ATOM   821 C C   . GLN A 1 110 ? -2.995  6.525   -0.945  1.00 31.20  ? 141 GLN A C   1 
ATOM   822 O O   . GLN A 1 110 ? -3.917  6.097   -1.648  1.00 38.27  ? 141 GLN A O   1 
ATOM   823 C CB  . GLN A 1 110 ? -0.789  6.813   -2.079  1.00 29.63  ? 141 GLN A CB  1 
ATOM   824 C CG  . GLN A 1 110 ? -0.361  7.290   -3.469  1.00 42.73  ? 141 GLN A CG  1 
ATOM   825 C CD  . GLN A 1 110 ? -1.326  6.866   -4.581  1.00 47.24  ? 141 GLN A CD  1 
ATOM   826 O OE1 . GLN A 1 110 ? -2.398  7.438   -4.748  1.00 40.35  ? 141 GLN A OE1 1 
ATOM   827 N NE2 . GLN A 1 110 ? -0.925  5.866   -5.358  1.00 49.58  ? 141 GLN A NE2 1 
ATOM   828 N N   . GLN A 1 111 ? -2.851  6.182   0.335   1.00 27.63  ? 142 GLN A N   1 
ATOM   829 C CA  . GLN A 1 111 ? -3.757  5.209   0.940   1.00 29.32  ? 142 GLN A CA  1 
ATOM   830 C C   . GLN A 1 111 ? -5.158  5.751   1.182   1.00 34.72  ? 142 GLN A C   1 
ATOM   831 O O   . GLN A 1 111 ? -6.138  4.993   1.158   1.00 33.57  ? 142 GLN A O   1 
ATOM   832 C CB  . GLN A 1 111 ? -3.193  4.649   2.234   1.00 25.26  ? 142 GLN A CB  1 
ATOM   833 C CG  . GLN A 1 111 ? -4.039  3.511   2.817   1.00 24.35  ? 142 GLN A CG  1 
ATOM   834 C CD  . GLN A 1 111 ? -3.976  2.224   1.999   1.00 30.90  ? 142 GLN A CD  1 
ATOM   835 O OE1 . GLN A 1 111 ? -3.081  2.026   1.172   1.00 31.00  ? 142 GLN A OE1 1 
ATOM   836 N NE2 . GLN A 1 111 ? -4.915  1.331   2.254   1.00 28.98  ? 142 GLN A NE2 1 
ATOM   837 N N   . GLU A 1 112 ? -5.254  7.045   1.470   1.00 38.21  ? 143 GLU A N   1 
ATOM   838 C CA  . GLU A 1 112 ? -6.558  7.661   1.677   1.00 42.19  ? 143 GLU A CA  1 
ATOM   839 C C   . GLU A 1 112 ? -7.318  7.730   0.350   1.00 41.91  ? 143 GLU A C   1 
ATOM   840 O O   . GLU A 1 112 ? -8.488  7.381   0.300   1.00 45.86  ? 143 GLU A O   1 
ATOM   841 C CB  . GLU A 1 112 ? -6.407  9.060   2.261   1.00 46.99  ? 143 GLU A CB  1 
ATOM   842 C CG  . GLU A 1 112 ? -6.179  9.073   3.749   1.00 57.28  ? 143 GLU A CG  1 
ATOM   843 C CD  . GLU A 1 112 ? -5.991  10.468  4.285   1.00 66.73  ? 143 GLU A CD  1 
ATOM   844 O OE1 . GLU A 1 112 ? -6.513  11.424  3.653   1.00 62.19  ? 143 GLU A OE1 1 
ATOM   845 O OE2 . GLU A 1 112 ? -5.318  10.601  5.338   1.00 69.31  ? 143 GLU A OE2 1 
ATOM   846 N N   . LYS A 1 113 ? -6.657  8.176   -0.720  1.00 39.98  ? 144 LYS A N   1 
ATOM   847 C CA  . LYS A 1 113 ? -7.293  8.270   -2.035  1.00 40.08  ? 144 LYS A CA  1 
ATOM   848 C C   . LYS A 1 113 ? -7.816  6.911   -2.439  1.00 34.79  ? 144 LYS A C   1 
ATOM   849 O O   . LYS A 1 113 ? -9.010  6.749   -2.642  1.00 36.05  ? 144 LYS A O   1 
ATOM   850 C CB  . LYS A 1 113 ? -6.304  8.743   -3.099  1.00 50.38  ? 144 LYS A CB  1 
ATOM   851 C CG  . LYS A 1 113 ? -5.770  10.146  -2.893  1.00 61.58  ? 144 LYS A CG  1 
ATOM   852 C CD  . LYS A 1 113 ? -4.869  10.544  -4.057  1.00 69.81  ? 144 LYS A CD  1 
ATOM   853 C CE  . LYS A 1 113 ? -4.088  11.806  -3.731  1.00 72.96  ? 144 LYS A CE  1 
ATOM   854 N NZ  . LYS A 1 113 ? -3.189  12.217  -4.846  1.00 74.84  ? 144 LYS A NZ  1 
ATOM   855 N N   . ASN A 1 114 ? -6.920  5.937   -2.561  1.00 27.88  ? 145 ASN A N   1 
ATOM   856 C CA  . ASN A 1 114 ? -7.306  4.585   -2.945  1.00 27.68  ? 145 ASN A CA  1 
ATOM   857 C C   . ASN A 1 114 ? -8.477  4.066   -2.144  1.00 30.65  ? 145 ASN A C   1 
ATOM   858 O O   . ASN A 1 114 ? -9.318  3.348   -2.683  1.00 37.32  ? 145 ASN A O   1 
ATOM   859 C CB  . ASN A 1 114 ? -6.146  3.604   -2.786  1.00 27.49  ? 145 ASN A CB  1 
ATOM   860 C CG  . ASN A 1 114 ? -5.024  3.895   -3.737  1.00 30.70  ? 145 ASN A CG  1 
ATOM   861 O OD1 . ASN A 1 114 ? -5.078  4.846   -4.511  1.00 39.81  ? 145 ASN A OD1 1 
ATOM   862 N ND2 . ASN A 1 114 ? -3.986  3.077   -3.688  1.00 30.74  ? 145 ASN A ND2 1 
ATOM   863 N N   . GLU A 1 115 ? -8.541  4.405   -0.859  1.00 32.25  ? 146 GLU A N   1 
ATOM   864 C CA  . GLU A 1 115 ? -9.648  3.931   -0.034  1.00 33.97  ? 146 GLU A CA  1 
ATOM   865 C C   . GLU A 1 115 ? -10.925 4.706   -0.395  1.00 34.38  ? 146 GLU A C   1 
ATOM   866 O O   . GLU A 1 115 ? -12.026 4.145   -0.424  1.00 34.54  ? 146 GLU A O   1 
ATOM   867 C CB  . GLU A 1 115 ? -9.276  3.951   1.454   1.00 39.78  ? 146 GLU A CB  1 
ATOM   868 C CG  . GLU A 1 115 ? -8.187  2.939   1.804   1.00 44.96  ? 146 GLU A CG  1 
ATOM   869 C CD  . GLU A 1 115 ? -7.941  2.827   3.306   1.00 46.17  ? 146 GLU A CD  1 
ATOM   870 O OE1 . GLU A 1 115 ? -8.341  3.764   4.094   1.00 49.34  ? 146 GLU A OE1 1 
ATOM   871 O OE2 . GLU A 1 115 ? -7.333  1.797   3.781   1.00 43.20  ? 146 GLU A OE2 1 
ATOM   872 N N   . GLN A 1 116 ? -10.769 5.978   -0.703  1.00 35.46  ? 147 GLN A N   1 
ATOM   873 C CA  . GLN A 1 116 ? -11.911 6.827   -1.109  1.00 42.10  ? 147 GLN A CA  1 
ATOM   874 C C   . GLN A 1 116 ? -12.523 6.363   -2.448  1.00 41.62  ? 147 GLN A C   1 
ATOM   875 O O   . GLN A 1 116 ? -13.747 6.183   -2.580  1.00 36.40  ? 147 GLN A O   1 
ATOM   876 C CB  . GLN A 1 116 ? -11.469 8.288   -1.231  1.00 49.82  ? 147 GLN A CB  1 
ATOM   877 C CG  . GLN A 1 116 ? -12.637 9.285   -1.172  1.00 70.68  ? 147 GLN A CG  1 
ATOM   878 C CD  . GLN A 1 116 ? -13.441 9.227   0.137   1.00 85.24  ? 147 GLN A CD  1 
ATOM   879 O OE1 . GLN A 1 116 ? -13.012 8.599   1.104   1.00 90.67  ? 147 GLN A OE1 1 
ATOM   880 N NE2 . GLN A 1 116 ? -14.603 9.854   0.222   1.00 90.66  ? 147 GLN A NE2 1 
ATOM   881 N N   . GLU A 1 117 ? -11.655 6.177   -3.436  1.00 39.29  ? 148 GLU A N   1 
ATOM   882 C CA  . GLU A 1 117 ? -12.063 5.721   -4.749  1.00 37.63  ? 148 GLU A CA  1 
ATOM   883 C C   . GLU A 1 117 ? -12.712 4.352   -4.668  1.00 36.64  ? 148 GLU A C   1 
ATOM   884 O O   . GLU A 1 117 ? -13.723 4.107   -5.332  1.00 43.58  ? 148 GLU A O   1 
ATOM   885 C CB  . GLU A 1 117 ? -10.872 5.728   -5.706  1.00 37.67  ? 148 GLU A CB  1 
ATOM   886 C CG  . GLU A 1 117 ? -10.549 7.136   -6.186  1.00 50.07  ? 148 GLU A CG  1 
ATOM   887 C CD  . GLU A 1 117 ? -9.356  7.207   -7.115  1.00 56.99  ? 148 GLU A CD  1 
ATOM   888 O OE1 . GLU A 1 117 ? -9.061  6.219   -7.827  1.00 63.36  ? 148 GLU A OE1 1 
ATOM   889 O OE2 . GLU A 1 117 ? -8.709  8.275   -7.150  1.00 63.16  ? 148 GLU A OE2 1 
ATOM   890 N N   . LEU A 1 118 ? -12.167 3.477   -3.826  1.00 35.35  ? 149 LEU A N   1 
ATOM   891 C CA  . LEU A 1 118 ? -12.730 2.135   -3.642  1.00 32.55  ? 149 LEU A CA  1 
ATOM   892 C C   . LEU A 1 118 ? -14.096 2.262   -2.984  1.00 33.08  ? 149 LEU A C   1 
ATOM   893 O O   . LEU A 1 118 ? -14.970 1.434   -3.194  1.00 37.33  ? 149 LEU A O   1 
ATOM   894 C CB  . LEU A 1 118 ? -11.818 1.257   -2.783  1.00 25.27  ? 149 LEU A CB  1 
ATOM   895 C CG  . LEU A 1 118 ? -12.419 -0.113  -2.469  1.00 26.41  ? 149 LEU A CG  1 
ATOM   896 C CD1 . LEU A 1 118 ? -12.687 -0.902  -3.753  1.00 18.54  ? 149 LEU A CD1 1 
ATOM   897 C CD2 . LEU A 1 118 ? -11.482 -0.873  -1.577  1.00 25.94  ? 149 LEU A CD2 1 
ATOM   898 N N   . LEU A 1 119 ? -14.261 3.286   -2.162  1.00 35.12  ? 150 LEU A N   1 
ATOM   899 C CA  . LEU A 1 119 ? -15.527 3.521   -1.498  1.00 35.84  ? 150 LEU A CA  1 
ATOM   900 C C   . LEU A 1 119 ? -16.535 4.054   -2.547  1.00 41.35  ? 150 LEU A C   1 
ATOM   901 O O   . LEU A 1 119 ? -17.685 3.621   -2.584  1.00 43.14  ? 150 LEU A O   1 
ATOM   902 C CB  . LEU A 1 119 ? -15.329 4.517   -0.354  1.00 27.93  ? 150 LEU A CB  1 
ATOM   903 C CG  . LEU A 1 119 ? -16.489 4.654   0.619   1.00 25.22  ? 150 LEU A CG  1 
ATOM   904 C CD1 . LEU A 1 119 ? -16.565 3.414   1.494   1.00 20.02  ? 150 LEU A CD1 1 
ATOM   905 C CD2 . LEU A 1 119 ? -16.285 5.893   1.452   1.00 24.00  ? 150 LEU A CD2 1 
ATOM   906 N N   . GLU A 1 120 ? -16.088 4.959   -3.421  1.00 43.36  ? 151 GLU A N   1 
ATOM   907 C CA  . GLU A 1 120 ? -16.949 5.525   -4.473  1.00 41.45  ? 151 GLU A CA  1 
ATOM   908 C C   . GLU A 1 120 ? -17.506 4.440   -5.403  1.00 39.95  ? 151 GLU A C   1 
ATOM   909 O O   . GLU A 1 120 ? -18.641 4.538   -5.895  1.00 40.70  ? 151 GLU A O   1 
ATOM   910 C CB  . GLU A 1 120 ? -16.180 6.534   -5.331  1.00 42.82  ? 151 GLU A CB  1 
ATOM   911 C CG  . GLU A 1 120 ? -15.466 7.604   -4.503  1.00 52.87  ? 151 GLU A CG  1 
ATOM   912 C CD  . GLU A 1 120 ? -16.432 8.545   -3.780  1.00 59.95  ? 151 GLU A CD  1 
ATOM   913 O OE1 . GLU A 1 120 ? -17.646 8.667   -4.198  1.00 63.33  ? 151 GLU A OE1 1 
ATOM   914 O OE2 . GLU A 1 120 ? -16.031 9.214   -2.753  1.00 66.89  ? 151 GLU A OE2 1 
ATOM   915 N N   . LEU A 1 121 ? -16.698 3.425   -5.616  1.00 40.13  ? 152 LEU A N   1 
ATOM   916 C CA  . LEU A 1 121 ? -17.029 2.322   -6.532  1.00 39.91  ? 152 LEU A CA  1 
ATOM   917 C C   . LEU A 1 121 ? -18.301 1.548   -6.108  1.00 47.47  ? 152 LEU A C   1 
ATOM   918 O O   . LEU A 1 121 ? -19.036 1.013   -6.951  1.00 49.12  ? 152 LEU A O   1 
ATOM   919 C CB  . LEU A 1 121 ? -15.867 1.323   -6.610  1.00 34.31  ? 152 LEU A CB  1 
ATOM   920 C CG  . LEU A 1 121 ? -14.886 1.615   -7.757  1.00 34.41  ? 152 LEU A CG  1 
ATOM   921 C CD1 . LEU A 1 121 ? -14.111 0.377   -8.219  1.00 36.10  ? 152 LEU A CD1 1 
ATOM   922 C CD2 . LEU A 1 121 ? -15.570 2.161   -9.013  1.00 36.34  ? 152 LEU A CD2 1 
ATOM   923 N N   . ASP A 1 122 ? -18.605 1.472   -4.805  1.00 50.66  ? 153 ASP A N   1 
ATOM   924 C CA  . ASP A 1 122 ? -19.775 0.655   -4.371  1.00 54.23  ? 153 ASP A CA  1 
ATOM   925 C C   . ASP A 1 122 ? -21.127 1.270   -4.895  1.00 58.29  ? 153 ASP A C   1 
ATOM   926 O O   . ASP A 1 122 ? -22.144 0.578   -5.011  1.00 60.96  ? 153 ASP A O   1 
ATOM   927 C CB  . ASP A 1 122 ? -19.709 0.281   -2.874  1.00 50.83  ? 153 ASP A CB  1 
ATOM   928 C CG  . ASP A 1 122 ? -19.950 1.396   -1.869  1.00 51.16  ? 153 ASP A CG  1 
ATOM   929 O OD1 . ASP A 1 122 ? -20.268 2.568   -2.270  1.00 54.39  ? 153 ASP A OD1 1 
ATOM   930 O OD2 . ASP A 1 122 ? -19.832 1.142   -0.604  1.00 47.37  ? 153 ASP A OD2 1 
ATOM   931 N N   . LYS A 1 123 ? -21.238 2.594   -5.198  1.00 64.09  ? 154 LYS A N   1 
ATOM   932 C CA  . LYS A 1 123 ? -22.410 3.023   -6.064  1.00 70.61  ? 154 LYS A CA  1 
ATOM   933 C C   . LYS A 1 123 ? -21.993 2.170   -7.269  1.00 73.06  ? 154 LYS A C   1 
ATOM   934 O O   . LYS A 1 123 ? -22.701 1.161   -7.548  1.00 66.74  ? 154 LYS A O   1 
ATOM   935 C CB  . LYS A 1 123 ? -22.387 4.539   -6.275  1.00 73.46  ? 154 LYS A CB  1 
HETATM 936 O O   . HOH B 2 .   ? -21.534 -6.877  -10.215 1.00 48.87  ? 161 HOH A O   1 
HETATM 937 O O   . HOH B 2 .   ? -1.524  3.519   8.339   1.00 49.89  ? 162 HOH A O   1 
HETATM 938 O O   . HOH B 2 .   ? -3.740  1.537   -1.412  1.00 36.05  ? 165 HOH A O   1 
HETATM 939 O O   . HOH B 2 .   ? -5.794  6.467   -6.639  1.00 52.25  ? 166 HOH A O   1 
HETATM 940 O O   . HOH B 2 .   ? 1.592   1.665   12.571  1.00 37.13  ? 169 HOH A O   1 
HETATM 941 O O   . HOH B 2 .   ? -0.781  0.628   13.534  1.00 37.91  ? 170 HOH A O   1 
HETATM 942 O O   . HOH B 2 .   ? 18.183  -1.778  15.228  1.00 29.56  ? 171 HOH A O   1 
HETATM 943 O O   . HOH B 2 .   ? -40.416 -16.148 -37.177 1.00 67.95  ? 179 HOH A O   1 
HETATM 944 O O   . HOH B 2 .   ? 3.186   3.289   14.482  1.00 55.62  ? 183 HOH A O   1 
HETATM 945 O O   . HOH B 2 .   ? -8.615  -0.803  4.092   1.00 51.25  ? 184 HOH A O   1 
HETATM 946 O O   . HOH B 2 .   ? 3.085   10.358  9.519   1.00 39.97  ? 186 HOH A O   1 
HETATM 947 O O   . HOH B 2 .   ? 26.133  12.567  3.787   1.00 62.89  ? 187 HOH A O   1 
# 
